data_1WHH
#
_entry.id   1WHH
#
_entity_poly.entity_id   1
_entity_poly.type   'polypeptide(L)'
_entity_poly.pdbx_seq_one_letter_code
;GSSGSSGKSPSSPSLGSLQQREGAKAEVGDQVLVAGQKQGIVRFYGKTDFAPGYWYGIELDQPTGKHDGSVFGVRYFTCA
PRHGVFAPASRIQRIGSGPSSG
;
_entity_poly.pdbx_strand_id   A
#
# COMPACT_ATOMS: atom_id res chain seq x y z
N GLY A 1 -8.00 31.48 -27.74
CA GLY A 1 -7.30 32.31 -26.72
C GLY A 1 -8.16 32.53 -25.48
N SER A 2 -7.53 33.00 -24.41
CA SER A 2 -8.22 33.25 -23.15
C SER A 2 -8.80 31.96 -22.59
N SER A 3 -8.38 31.61 -21.37
CA SER A 3 -8.85 30.40 -20.71
C SER A 3 -10.37 30.43 -20.54
N GLY A 4 -10.85 31.39 -19.77
CA GLY A 4 -12.28 31.51 -19.54
C GLY A 4 -12.71 32.95 -19.31
N SER A 5 -13.74 33.12 -18.49
CA SER A 5 -14.25 34.46 -18.19
C SER A 5 -13.62 35.01 -16.92
N SER A 6 -13.86 34.34 -15.80
CA SER A 6 -13.32 34.76 -14.52
C SER A 6 -12.13 33.90 -14.13
N GLY A 7 -12.31 32.60 -14.17
CA GLY A 7 -11.23 31.68 -13.82
C GLY A 7 -11.74 30.32 -13.40
N LYS A 8 -10.81 29.43 -13.02
CA LYS A 8 -11.18 28.09 -12.60
C LYS A 8 -10.10 27.49 -11.70
N SER A 9 -9.42 28.34 -10.95
CA SER A 9 -8.35 27.90 -10.06
C SER A 9 -8.89 27.69 -8.64
N PRO A 10 -8.35 26.68 -7.92
CA PRO A 10 -8.78 26.38 -6.56
C PRO A 10 -8.27 27.39 -5.55
N SER A 11 -9.08 27.65 -4.52
CA SER A 11 -8.70 28.60 -3.48
C SER A 11 -7.77 27.97 -2.46
N SER A 12 -7.94 26.67 -2.25
CA SER A 12 -7.10 25.94 -1.29
C SER A 12 -6.68 24.59 -1.87
N PRO A 13 -5.55 24.05 -1.39
CA PRO A 13 -5.03 22.76 -1.86
C PRO A 13 -5.94 21.59 -1.47
N SER A 14 -6.91 21.29 -2.32
CA SER A 14 -7.84 20.20 -2.07
C SER A 14 -7.83 19.19 -3.20
N LEU A 15 -8.05 17.92 -2.86
CA LEU A 15 -8.06 16.85 -3.85
C LEU A 15 -9.23 15.90 -3.62
N GLY A 16 -9.31 14.85 -4.43
CA GLY A 16 -10.39 13.89 -4.29
C GLY A 16 -10.42 13.26 -2.91
N SER A 17 -9.25 13.08 -2.32
CA SER A 17 -9.14 12.48 -0.99
C SER A 17 -7.69 12.43 -0.53
N LEU A 18 -7.37 13.26 0.46
CA LEU A 18 -6.00 13.33 0.99
C LEU A 18 -6.01 13.81 2.43
N GLN A 19 -7.08 13.50 3.16
CA GLN A 19 -7.20 13.91 4.55
C GLN A 19 -8.12 12.94 5.32
N GLN A 20 -8.11 11.68 4.91
CA GLN A 20 -8.93 10.67 5.56
C GLN A 20 -8.20 10.05 6.75
N ARG A 21 -8.89 9.16 7.47
CA ARG A 21 -8.31 8.50 8.63
C ARG A 21 -7.86 7.09 8.28
N GLU A 22 -6.55 6.90 8.16
CA GLU A 22 -5.99 5.60 7.83
C GLU A 22 -6.50 5.11 6.47
N GLY A 23 -6.76 6.05 5.57
CA GLY A 23 -7.24 5.70 4.25
C GLY A 23 -6.18 5.03 3.40
N ALA A 24 -6.61 4.28 2.39
CA ALA A 24 -5.69 3.59 1.50
C ALA A 24 -6.42 2.99 0.30
N LYS A 25 -5.70 2.81 -0.79
CA LYS A 25 -6.28 2.24 -2.01
C LYS A 25 -6.24 0.72 -1.98
N ALA A 26 -5.09 0.17 -1.61
CA ALA A 26 -4.92 -1.28 -1.54
C ALA A 26 -4.85 -1.75 -0.10
N GLU A 27 -4.66 -3.06 0.08
CA GLU A 27 -4.58 -3.64 1.42
C GLU A 27 -3.66 -4.86 1.42
N VAL A 28 -3.31 -5.32 2.62
CA VAL A 28 -2.43 -6.48 2.77
C VAL A 28 -3.13 -7.76 2.31
N GLY A 29 -2.50 -8.46 1.38
CA GLY A 29 -3.08 -9.70 0.88
C GLY A 29 -3.81 -9.50 -0.44
N ASP A 30 -3.35 -8.53 -1.22
CA ASP A 30 -3.97 -8.24 -2.51
C ASP A 30 -2.90 -7.95 -3.58
N GLN A 31 -3.20 -8.32 -4.81
CA GLN A 31 -2.27 -8.10 -5.92
C GLN A 31 -2.20 -6.62 -6.28
N VAL A 32 -0.99 -6.09 -6.32
CA VAL A 32 -0.78 -4.69 -6.66
C VAL A 32 0.29 -4.53 -7.73
N LEU A 33 0.56 -3.30 -8.13
CA LEU A 33 1.56 -3.01 -9.15
C LEU A 33 2.39 -1.78 -8.77
N VAL A 34 3.66 -2.00 -8.43
CA VAL A 34 4.54 -0.91 -8.06
C VAL A 34 5.03 -0.15 -9.28
N ALA A 35 4.75 1.15 -9.32
CA ALA A 35 5.15 1.99 -10.44
C ALA A 35 4.55 1.49 -11.75
N GLY A 36 3.41 0.81 -11.66
CA GLY A 36 2.76 0.29 -12.85
C GLY A 36 3.67 -0.62 -13.66
N GLN A 37 4.50 -1.40 -12.97
CA GLN A 37 5.41 -2.32 -13.63
C GLN A 37 5.61 -3.58 -12.80
N LYS A 38 6.33 -3.45 -11.69
CA LYS A 38 6.60 -4.57 -10.79
C LYS A 38 5.31 -5.04 -10.12
N GLN A 39 4.90 -6.27 -10.44
CA GLN A 39 3.70 -6.85 -9.87
C GLN A 39 4.01 -7.60 -8.58
N GLY A 40 3.31 -7.26 -7.50
CA GLY A 40 3.54 -7.91 -6.23
C GLY A 40 2.31 -7.89 -5.34
N ILE A 41 2.46 -8.39 -4.12
CA ILE A 41 1.35 -8.42 -3.18
C ILE A 41 1.75 -7.79 -1.84
N VAL A 42 0.93 -6.86 -1.37
CA VAL A 42 1.19 -6.18 -0.10
C VAL A 42 1.26 -7.17 1.05
N ARG A 43 2.37 -7.15 1.78
CA ARG A 43 2.55 -8.05 2.92
C ARG A 43 2.52 -7.28 4.23
N PHE A 44 2.97 -6.03 4.19
CA PHE A 44 3.00 -5.19 5.38
C PHE A 44 2.66 -3.75 5.05
N TYR A 45 1.57 -3.24 5.63
CA TYR A 45 1.14 -1.88 5.39
C TYR A 45 1.23 -1.05 6.67
N GLY A 46 2.11 -0.04 6.66
CA GLY A 46 2.28 0.80 7.82
C GLY A 46 3.38 1.83 7.64
N LYS A 47 3.38 2.85 8.48
CA LYS A 47 4.39 3.91 8.41
C LYS A 47 5.76 3.36 8.75
N THR A 48 6.77 3.77 7.99
CA THR A 48 8.13 3.32 8.20
C THR A 48 8.91 4.33 9.05
N ASP A 49 10.20 4.08 9.24
CA ASP A 49 11.04 4.97 10.02
C ASP A 49 11.99 5.76 9.13
N PHE A 50 12.37 5.16 8.00
CA PHE A 50 13.26 5.81 7.06
C PHE A 50 12.56 6.95 6.33
N ALA A 51 11.27 6.75 6.04
CA ALA A 51 10.49 7.76 5.35
C ALA A 51 9.14 7.97 6.04
N PRO A 52 8.61 9.21 5.99
CA PRO A 52 7.33 9.55 6.61
C PRO A 52 6.13 8.95 5.87
N GLY A 53 4.94 9.37 6.24
CA GLY A 53 3.74 8.86 5.59
C GLY A 53 3.60 7.35 5.70
N TYR A 54 2.79 6.76 4.84
CA TYR A 54 2.56 5.32 4.86
C TYR A 54 3.28 4.66 3.69
N TRP A 55 3.55 3.36 3.82
CA TRP A 55 4.22 2.61 2.77
C TRP A 55 3.69 1.18 2.70
N TYR A 56 3.89 0.54 1.56
CA TYR A 56 3.43 -0.84 1.35
C TYR A 56 4.61 -1.78 1.15
N GLY A 57 4.79 -2.71 2.09
CA GLY A 57 5.88 -3.66 1.99
C GLY A 57 5.54 -4.83 1.09
N ILE A 58 5.37 -4.55 -0.19
CA ILE A 58 5.05 -5.59 -1.17
C ILE A 58 6.26 -6.48 -1.45
N GLU A 59 6.01 -7.77 -1.65
CA GLU A 59 7.07 -8.72 -1.92
C GLU A 59 7.10 -9.10 -3.40
N LEU A 60 8.30 -9.28 -3.93
CA LEU A 60 8.46 -9.64 -5.34
C LEU A 60 8.62 -11.15 -5.50
N ASP A 61 8.63 -11.61 -6.74
CA ASP A 61 8.79 -13.03 -7.04
C ASP A 61 10.23 -13.38 -7.35
N GLN A 62 10.93 -12.43 -7.98
CA GLN A 62 12.33 -12.64 -8.35
C GLN A 62 13.24 -11.66 -7.60
N PRO A 63 14.47 -12.09 -7.25
CA PRO A 63 15.42 -11.24 -6.54
C PRO A 63 15.70 -9.93 -7.28
N THR A 64 14.85 -8.93 -7.02
CA THR A 64 15.01 -7.62 -7.66
C THR A 64 14.33 -6.53 -6.83
N GLY A 65 14.31 -6.73 -5.52
CA GLY A 65 13.69 -5.75 -4.64
C GLY A 65 14.67 -4.69 -4.17
N LYS A 66 14.18 -3.70 -3.43
CA LYS A 66 15.01 -2.63 -2.92
C LYS A 66 15.80 -3.09 -1.69
N HIS A 67 15.21 -4.01 -0.93
CA HIS A 67 15.85 -4.53 0.27
C HIS A 67 15.47 -5.99 0.50
N ASP A 68 15.98 -6.56 1.59
CA ASP A 68 15.68 -7.94 1.94
C ASP A 68 14.70 -8.02 3.11
N GLY A 69 13.62 -7.25 3.01
CA GLY A 69 12.63 -7.24 4.06
C GLY A 69 12.85 -6.14 5.07
N SER A 70 14.11 -5.98 5.51
CA SER A 70 14.45 -4.95 6.48
C SER A 70 15.05 -3.73 5.78
N VAL A 71 14.63 -2.54 6.21
CA VAL A 71 15.12 -1.31 5.62
C VAL A 71 15.91 -0.49 6.65
N PHE A 72 17.22 -0.41 6.43
CA PHE A 72 18.09 0.33 7.33
C PHE A 72 18.05 -0.25 8.73
N GLY A 73 17.85 -1.57 8.82
CA GLY A 73 17.79 -2.22 10.11
C GLY A 73 16.37 -2.45 10.57
N VAL A 74 15.46 -1.58 10.16
CA VAL A 74 14.06 -1.70 10.54
C VAL A 74 13.35 -2.76 9.71
N ARG A 75 12.86 -3.81 10.37
CA ARG A 75 12.17 -4.89 9.69
C ARG A 75 10.66 -4.68 9.71
N TYR A 76 9.98 -5.16 8.68
CA TYR A 76 8.53 -5.03 8.59
C TYR A 76 7.87 -6.37 8.29
N PHE A 77 8.43 -7.10 7.33
CA PHE A 77 7.91 -8.40 6.95
C PHE A 77 9.02 -9.35 6.53
N THR A 78 8.71 -10.64 6.46
CA THR A 78 9.68 -11.65 6.07
C THR A 78 9.57 -11.97 4.59
N CYS A 79 10.68 -11.81 3.86
CA CYS A 79 10.69 -12.09 2.43
C CYS A 79 12.06 -12.59 2.00
N ALA A 80 12.16 -13.07 0.76
CA ALA A 80 13.41 -13.58 0.22
C ALA A 80 14.40 -12.45 -0.04
N PRO A 81 15.69 -12.78 -0.19
CA PRO A 81 16.74 -11.79 -0.45
C PRO A 81 16.41 -10.88 -1.64
N ARG A 82 16.28 -9.58 -1.37
CA ARG A 82 15.96 -8.62 -2.42
C ARG A 82 14.62 -8.94 -3.07
N HIS A 83 13.56 -8.86 -2.27
CA HIS A 83 12.22 -9.14 -2.76
C HIS A 83 11.24 -8.06 -2.33
N GLY A 84 11.31 -7.68 -1.05
CA GLY A 84 10.42 -6.66 -0.54
C GLY A 84 10.65 -5.31 -1.20
N VAL A 85 9.57 -4.58 -1.44
CA VAL A 85 9.66 -3.27 -2.07
C VAL A 85 8.64 -2.29 -1.46
N PHE A 86 9.14 -1.21 -0.90
CA PHE A 86 8.28 -0.20 -0.29
C PHE A 86 8.09 0.99 -1.22
N ALA A 87 6.85 1.19 -1.66
CA ALA A 87 6.52 2.29 -2.56
C ALA A 87 5.21 2.97 -2.15
N PRO A 88 5.11 4.29 -2.34
CA PRO A 88 3.91 5.06 -1.99
C PRO A 88 2.66 4.51 -2.67
N ALA A 89 1.56 4.47 -1.92
CA ALA A 89 0.30 3.96 -2.45
C ALA A 89 0.00 4.60 -3.80
N SER A 90 0.09 5.94 -3.84
CA SER A 90 -0.15 6.67 -5.07
C SER A 90 0.79 6.16 -6.17
N ARG A 91 1.91 5.58 -5.74
CA ARG A 91 2.88 5.03 -6.68
C ARG A 91 2.54 3.58 -7.00
N ILE A 92 1.68 2.98 -6.19
CA ILE A 92 1.27 1.60 -6.41
C ILE A 92 -0.13 1.51 -7.00
N GLN A 93 -0.43 0.40 -7.65
CA GLN A 93 -1.74 0.19 -8.28
C GLN A 93 -2.36 -1.12 -7.83
N ARG A 94 -3.65 -1.29 -8.10
CA ARG A 94 -4.36 -2.50 -7.73
C ARG A 94 -4.66 -3.35 -8.96
N ILE A 95 -4.62 -4.67 -8.78
CA ILE A 95 -4.89 -5.59 -9.88
C ILE A 95 -6.15 -6.41 -9.61
N GLY A 96 -6.35 -6.78 -8.35
CA GLY A 96 -7.53 -7.56 -7.99
C GLY A 96 -8.57 -6.73 -7.26
N SER A 97 -9.84 -7.07 -7.48
CA SER A 97 -10.94 -6.35 -6.86
C SER A 97 -11.98 -7.32 -6.31
N GLY A 98 -11.50 -8.41 -5.71
CA GLY A 98 -12.39 -9.41 -5.15
C GLY A 98 -11.67 -10.64 -4.66
N PRO A 99 -11.41 -10.76 -3.36
CA PRO A 99 -10.70 -11.91 -2.78
C PRO A 99 -11.53 -13.19 -2.86
N SER A 100 -12.85 -13.03 -2.87
CA SER A 100 -13.76 -14.17 -2.94
C SER A 100 -14.85 -13.93 -3.97
N SER A 101 -14.52 -14.11 -5.25
CA SER A 101 -15.47 -13.91 -6.32
C SER A 101 -15.25 -14.91 -7.45
N GLY A 102 -16.18 -14.96 -8.40
CA GLY A 102 -16.06 -15.88 -9.51
C GLY A 102 -17.13 -15.67 -10.55
N GLY A 1 -42.57 -2.40 3.02
CA GLY A 1 -42.74 -3.00 4.37
C GLY A 1 -41.42 -3.27 5.06
N SER A 2 -40.44 -2.39 4.85
CA SER A 2 -39.13 -2.55 5.45
C SER A 2 -39.11 -2.02 6.87
N SER A 3 -38.52 -2.79 7.78
CA SER A 3 -38.43 -2.40 9.18
C SER A 3 -36.98 -2.30 9.62
N GLY A 4 -36.22 -3.36 9.37
CA GLY A 4 -34.81 -3.38 9.74
C GLY A 4 -33.89 -3.32 8.54
N SER A 5 -33.35 -2.14 8.27
CA SER A 5 -32.45 -1.95 7.14
C SER A 5 -31.75 -0.59 7.23
N SER A 6 -31.45 -0.16 8.45
CA SER A 6 -30.78 1.12 8.66
C SER A 6 -29.29 1.01 8.33
N GLY A 7 -28.59 0.14 9.07
CA GLY A 7 -27.17 -0.04 8.85
C GLY A 7 -26.33 0.99 9.58
N LYS A 8 -25.54 1.74 8.83
CA LYS A 8 -24.69 2.77 9.43
C LYS A 8 -24.50 3.95 8.47
N SER A 9 -24.76 5.14 8.97
CA SER A 9 -24.64 6.36 8.16
C SER A 9 -24.50 7.59 9.04
N PRO A 10 -23.26 8.10 9.25
CA PRO A 10 -23.03 9.28 10.07
C PRO A 10 -23.58 10.54 9.45
N SER A 11 -24.68 11.04 10.00
CA SER A 11 -25.32 12.25 9.50
C SER A 11 -25.27 13.37 10.55
N SER A 12 -24.11 13.53 11.17
CA SER A 12 -23.92 14.56 12.19
C SER A 12 -22.44 14.84 12.43
N PRO A 13 -21.85 15.78 11.66
CA PRO A 13 -20.44 16.14 11.79
C PRO A 13 -20.05 16.44 13.23
N SER A 14 -19.29 15.54 13.84
CA SER A 14 -18.85 15.71 15.22
C SER A 14 -17.45 15.13 15.44
N LEU A 15 -17.23 13.93 14.92
CA LEU A 15 -15.93 13.26 15.04
C LEU A 15 -15.29 13.06 13.68
N GLY A 16 -15.77 12.05 12.96
CA GLY A 16 -15.22 11.75 11.65
C GLY A 16 -15.98 12.46 10.53
N SER A 17 -15.62 13.70 10.26
CA SER A 17 -16.28 14.48 9.22
C SER A 17 -16.15 13.79 7.87
N LEU A 18 -16.51 14.50 6.80
CA LEU A 18 -16.43 13.96 5.46
C LEU A 18 -15.78 14.96 4.50
N GLN A 19 -14.81 15.72 5.02
CA GLN A 19 -14.12 16.71 4.21
C GLN A 19 -13.42 16.04 3.02
N GLN A 20 -12.86 14.86 3.26
CA GLN A 20 -12.16 14.12 2.20
C GLN A 20 -12.59 12.65 2.19
N ARG A 21 -12.65 12.08 1.00
CA ARG A 21 -13.05 10.68 0.85
C ARG A 21 -11.89 9.83 0.34
N GLU A 22 -10.70 10.11 0.86
CA GLU A 22 -9.51 9.36 0.46
C GLU A 22 -9.06 8.40 1.57
N GLY A 23 -8.01 7.65 1.30
CA GLY A 23 -7.51 6.70 2.27
C GLY A 23 -6.39 5.83 1.73
N ALA A 24 -6.60 4.53 1.74
CA ALA A 24 -5.59 3.58 1.24
C ALA A 24 -6.04 2.96 -0.06
N LYS A 25 -5.15 2.97 -1.06
CA LYS A 25 -5.46 2.39 -2.37
C LYS A 25 -5.52 0.87 -2.29
N ALA A 26 -4.67 0.29 -1.45
CA ALA A 26 -4.64 -1.16 -1.28
C ALA A 26 -4.47 -1.54 0.19
N GLU A 27 -4.36 -2.84 0.44
CA GLU A 27 -4.19 -3.33 1.81
C GLU A 27 -3.35 -4.59 1.83
N VAL A 28 -3.02 -5.06 3.03
CA VAL A 28 -2.22 -6.27 3.20
C VAL A 28 -3.00 -7.51 2.80
N GLY A 29 -2.63 -8.13 1.69
CA GLY A 29 -3.31 -9.32 1.23
C GLY A 29 -4.06 -9.10 -0.06
N ASP A 30 -3.49 -8.28 -0.94
CA ASP A 30 -4.12 -7.98 -2.23
C ASP A 30 -3.06 -7.68 -3.29
N GLN A 31 -3.27 -8.22 -4.49
CA GLN A 31 -2.34 -8.01 -5.59
C GLN A 31 -2.25 -6.53 -5.97
N VAL A 32 -1.03 -6.04 -6.12
CA VAL A 32 -0.81 -4.65 -6.48
C VAL A 32 0.21 -4.51 -7.61
N LEU A 33 0.47 -3.28 -8.03
CA LEU A 33 1.42 -3.03 -9.10
C LEU A 33 2.26 -1.78 -8.79
N VAL A 34 3.48 -2.00 -8.33
CA VAL A 34 4.39 -0.90 -8.00
C VAL A 34 4.90 -0.22 -9.26
N ALA A 35 4.74 1.10 -9.31
CA ALA A 35 5.20 1.89 -10.46
C ALA A 35 4.53 1.40 -11.75
N GLY A 36 3.37 0.80 -11.62
CA GLY A 36 2.65 0.29 -12.79
C GLY A 36 3.49 -0.67 -13.60
N GLN A 37 4.41 -1.36 -12.94
CA GLN A 37 5.27 -2.32 -13.63
C GLN A 37 5.44 -3.59 -12.80
N LYS A 38 6.21 -3.48 -11.72
CA LYS A 38 6.45 -4.62 -10.84
C LYS A 38 5.18 -5.01 -10.09
N GLN A 39 4.63 -6.17 -10.41
CA GLN A 39 3.42 -6.66 -9.77
C GLN A 39 3.76 -7.55 -8.57
N GLY A 40 3.13 -7.26 -7.44
CA GLY A 40 3.38 -8.05 -6.24
C GLY A 40 2.19 -8.07 -5.30
N ILE A 41 2.39 -8.60 -4.10
CA ILE A 41 1.32 -8.68 -3.12
C ILE A 41 1.73 -8.00 -1.81
N VAL A 42 0.84 -7.15 -1.29
CA VAL A 42 1.11 -6.43 -0.06
C VAL A 42 1.36 -7.39 1.10
N ARG A 43 2.48 -7.20 1.78
CA ARG A 43 2.84 -8.05 2.91
C ARG A 43 2.78 -7.27 4.22
N PHE A 44 3.28 -6.05 4.20
CA PHE A 44 3.29 -5.20 5.38
C PHE A 44 2.93 -3.76 5.03
N TYR A 45 1.77 -3.31 5.51
CA TYR A 45 1.31 -1.95 5.25
C TYR A 45 1.29 -1.12 6.52
N GLY A 46 1.73 0.12 6.42
CA GLY A 46 1.76 1.00 7.57
C GLY A 46 2.82 2.07 7.46
N LYS A 47 3.06 2.79 8.56
CA LYS A 47 4.06 3.84 8.59
C LYS A 47 5.47 3.25 8.71
N THR A 48 6.44 3.93 8.11
CA THR A 48 7.83 3.48 8.14
C THR A 48 8.72 4.52 8.82
N ASP A 49 9.98 4.14 9.07
CA ASP A 49 10.92 5.04 9.71
C ASP A 49 11.83 5.69 8.68
N PHE A 50 12.18 4.95 7.64
CA PHE A 50 13.04 5.45 6.58
C PHE A 50 12.39 6.65 5.88
N ALA A 51 11.06 6.64 5.82
CA ALA A 51 10.32 7.72 5.17
C ALA A 51 8.94 7.87 5.78
N PRO A 52 8.42 9.11 5.85
CA PRO A 52 7.09 9.39 6.41
C PRO A 52 5.97 8.93 5.49
N GLY A 53 4.73 9.07 5.96
CA GLY A 53 3.59 8.66 5.17
C GLY A 53 3.29 7.18 5.30
N TYR A 54 2.57 6.64 4.31
CA TYR A 54 2.22 5.21 4.33
C TYR A 54 2.81 4.50 3.10
N TRP A 55 3.57 3.45 3.37
CA TRP A 55 4.20 2.68 2.30
C TRP A 55 3.69 1.24 2.30
N TYR A 56 3.90 0.54 1.19
CA TYR A 56 3.47 -0.85 1.06
C TYR A 56 4.66 -1.79 1.03
N GLY A 57 4.66 -2.78 1.92
CA GLY A 57 5.76 -3.73 1.98
C GLY A 57 5.53 -4.91 1.06
N ILE A 58 5.27 -4.63 -0.21
CA ILE A 58 5.04 -5.68 -1.19
C ILE A 58 6.29 -6.52 -1.41
N GLU A 59 6.09 -7.83 -1.59
CA GLU A 59 7.20 -8.75 -1.79
C GLU A 59 7.14 -9.36 -3.20
N LEU A 60 8.06 -8.94 -4.06
CA LEU A 60 8.12 -9.44 -5.43
C LEU A 60 8.52 -10.91 -5.44
N ASP A 61 8.52 -11.50 -6.63
CA ASP A 61 8.89 -12.90 -6.79
C ASP A 61 10.33 -13.03 -7.29
N GLN A 62 10.76 -12.07 -8.11
CA GLN A 62 12.11 -12.08 -8.66
C GLN A 62 13.01 -11.11 -7.90
N PRO A 63 14.33 -11.35 -7.91
CA PRO A 63 15.29 -10.49 -7.21
C PRO A 63 15.48 -9.15 -7.91
N THR A 64 14.44 -8.32 -7.89
CA THR A 64 14.48 -7.02 -8.51
C THR A 64 13.79 -5.97 -7.65
N GLY A 65 13.91 -6.13 -6.34
CA GLY A 65 13.30 -5.19 -5.41
C GLY A 65 14.20 -4.02 -5.08
N LYS A 66 14.37 -3.75 -3.79
CA LYS A 66 15.22 -2.65 -3.35
C LYS A 66 15.94 -3.01 -2.05
N HIS A 67 15.18 -3.54 -1.09
CA HIS A 67 15.75 -3.93 0.20
C HIS A 67 15.55 -5.42 0.45
N ASP A 68 16.20 -5.93 1.49
CA ASP A 68 16.10 -7.34 1.84
C ASP A 68 15.09 -7.56 2.95
N GLY A 69 14.04 -6.74 2.96
CA GLY A 69 13.01 -6.85 3.98
C GLY A 69 13.24 -5.92 5.14
N SER A 70 14.49 -5.81 5.58
CA SER A 70 14.85 -4.94 6.70
C SER A 70 15.46 -3.65 6.20
N VAL A 71 15.01 -2.53 6.77
CA VAL A 71 15.52 -1.21 6.38
C VAL A 71 16.27 -0.55 7.54
N PHE A 72 17.59 -0.58 7.47
CA PHE A 72 18.43 0.02 8.51
C PHE A 72 18.19 -0.67 9.85
N GLY A 73 17.87 -1.95 9.80
CA GLY A 73 17.63 -2.70 11.03
C GLY A 73 16.15 -2.94 11.28
N VAL A 74 15.31 -2.02 10.81
CA VAL A 74 13.87 -2.13 10.98
C VAL A 74 13.28 -3.13 9.99
N ARG A 75 12.70 -4.21 10.51
CA ARG A 75 12.10 -5.24 9.68
C ARG A 75 10.60 -5.03 9.54
N TYR A 76 10.06 -5.31 8.36
CA TYR A 76 8.63 -5.15 8.12
C TYR A 76 7.99 -6.49 7.75
N PHE A 77 8.70 -7.27 6.94
CA PHE A 77 8.20 -8.57 6.51
C PHE A 77 9.33 -9.46 6.02
N THR A 78 9.11 -10.77 6.05
CA THR A 78 10.12 -11.74 5.61
C THR A 78 10.07 -11.91 4.09
N CYS A 79 11.11 -11.44 3.41
CA CYS A 79 11.19 -11.55 1.97
C CYS A 79 12.56 -12.07 1.53
N ALA A 80 12.70 -12.33 0.24
CA ALA A 80 13.96 -12.83 -0.31
C ALA A 80 14.85 -11.69 -0.77
N PRO A 81 16.11 -12.00 -1.13
CA PRO A 81 17.07 -10.99 -1.59
C PRO A 81 16.53 -10.16 -2.75
N ARG A 82 16.36 -8.86 -2.51
CA ARG A 82 15.85 -7.95 -3.53
C ARG A 82 14.44 -8.36 -3.96
N HIS A 83 13.55 -8.52 -2.99
CA HIS A 83 12.17 -8.92 -3.27
C HIS A 83 11.20 -7.86 -2.74
N GLY A 84 11.46 -7.38 -1.53
CA GLY A 84 10.59 -6.38 -0.93
C GLY A 84 10.80 -5.00 -1.54
N VAL A 85 9.71 -4.25 -1.66
CA VAL A 85 9.77 -2.90 -2.23
C VAL A 85 8.74 -1.99 -1.58
N PHE A 86 9.19 -0.84 -1.10
CA PHE A 86 8.30 0.12 -0.46
C PHE A 86 8.07 1.33 -1.36
N ALA A 87 6.85 1.46 -1.87
CA ALA A 87 6.51 2.57 -2.75
C ALA A 87 5.19 3.22 -2.33
N PRO A 88 5.04 4.53 -2.59
CA PRO A 88 3.82 5.27 -2.24
C PRO A 88 2.57 4.67 -2.87
N ALA A 89 1.49 4.59 -2.08
CA ALA A 89 0.23 4.03 -2.57
C ALA A 89 -0.12 4.64 -3.92
N SER A 90 -0.10 5.97 -3.98
CA SER A 90 -0.41 6.69 -5.21
C SER A 90 0.53 6.19 -6.32
N ARG A 91 1.69 5.68 -5.92
CA ARG A 91 2.66 5.16 -6.87
C ARG A 91 2.38 3.69 -7.18
N ILE A 92 1.55 3.05 -6.34
CA ILE A 92 1.20 1.65 -6.52
C ILE A 92 -0.22 1.50 -7.03
N GLN A 93 -0.45 0.49 -7.86
CA GLN A 93 -1.76 0.22 -8.42
C GLN A 93 -2.31 -1.12 -7.94
N ARG A 94 -3.54 -1.44 -8.33
CA ARG A 94 -4.17 -2.69 -7.94
C ARG A 94 -4.42 -3.58 -9.15
N ILE A 95 -4.37 -4.88 -8.95
CA ILE A 95 -4.59 -5.84 -10.03
C ILE A 95 -6.03 -6.33 -10.02
N GLY A 96 -6.48 -6.84 -8.88
CA GLY A 96 -7.84 -7.35 -8.78
C GLY A 96 -8.61 -6.67 -7.66
N SER A 97 -9.94 -6.69 -7.77
CA SER A 97 -10.79 -6.07 -6.77
C SER A 97 -12.26 -6.43 -7.01
N GLY A 98 -13.15 -5.83 -6.23
CA GLY A 98 -14.57 -6.09 -6.38
C GLY A 98 -15.39 -4.83 -6.52
N PRO A 99 -15.27 -4.14 -7.67
CA PRO A 99 -16.01 -2.89 -7.92
C PRO A 99 -17.51 -3.06 -7.68
N SER A 100 -18.01 -4.27 -7.92
CA SER A 100 -19.43 -4.56 -7.73
C SER A 100 -20.29 -3.65 -8.60
N SER A 101 -21.60 -3.89 -8.59
CA SER A 101 -22.53 -3.09 -9.37
C SER A 101 -23.97 -3.38 -8.96
N GLY A 102 -24.18 -3.62 -7.68
CA GLY A 102 -25.51 -3.90 -7.17
C GLY A 102 -25.58 -3.89 -5.65
N GLY A 1 -16.50 20.74 9.60
CA GLY A 1 -16.82 19.46 10.29
C GLY A 1 -17.66 18.53 9.45
N SER A 2 -18.77 19.04 8.93
CA SER A 2 -19.66 18.25 8.10
C SER A 2 -20.53 19.15 7.22
N SER A 3 -21.19 18.54 6.23
CA SER A 3 -22.05 19.28 5.32
C SER A 3 -23.48 18.78 5.40
N GLY A 4 -23.64 17.46 5.46
CA GLY A 4 -24.97 16.87 5.53
C GLY A 4 -25.03 15.50 4.87
N SER A 5 -26.24 15.04 4.58
CA SER A 5 -26.43 13.74 3.95
C SER A 5 -26.90 13.90 2.51
N SER A 6 -27.83 14.82 2.29
CA SER A 6 -28.36 15.08 0.96
C SER A 6 -28.65 16.55 0.75
N GLY A 7 -29.16 16.90 -0.42
CA GLY A 7 -29.47 18.28 -0.72
C GLY A 7 -30.26 18.44 -2.01
N LYS A 8 -29.73 19.25 -2.92
CA LYS A 8 -30.39 19.47 -4.20
C LYS A 8 -29.93 18.47 -5.25
N SER A 9 -30.87 17.85 -5.93
CA SER A 9 -30.55 16.86 -6.96
C SER A 9 -29.75 15.70 -6.37
N PRO A 10 -30.44 14.70 -5.81
CA PRO A 10 -29.79 13.53 -5.21
C PRO A 10 -28.82 12.86 -6.17
N SER A 11 -27.79 12.22 -5.62
CA SER A 11 -26.80 11.52 -6.43
C SER A 11 -26.37 10.21 -5.77
N SER A 12 -25.83 10.31 -4.57
CA SER A 12 -25.38 9.13 -3.84
C SER A 12 -25.12 9.46 -2.36
N PRO A 13 -26.16 9.88 -1.63
CA PRO A 13 -26.04 10.22 -0.21
C PRO A 13 -25.38 9.12 0.61
N SER A 14 -25.86 7.89 0.43
CA SER A 14 -25.31 6.75 1.16
C SER A 14 -24.54 5.84 0.21
N LEU A 15 -23.57 5.11 0.76
CA LEU A 15 -22.77 4.19 -0.04
C LEU A 15 -22.25 3.04 0.82
N GLY A 16 -23.15 2.12 1.17
CA GLY A 16 -22.76 0.98 1.99
C GLY A 16 -22.38 1.38 3.40
N SER A 17 -21.12 1.17 3.75
CA SER A 17 -20.63 1.51 5.08
C SER A 17 -19.13 1.24 5.20
N LEU A 18 -18.40 1.51 4.12
CA LEU A 18 -16.96 1.29 4.10
C LEU A 18 -16.22 2.52 3.57
N GLN A 19 -16.41 2.80 2.28
CA GLN A 19 -15.77 3.95 1.66
C GLN A 19 -14.25 3.83 1.73
N GLN A 20 -13.56 4.84 1.22
CA GLN A 20 -12.11 4.85 1.23
C GLN A 20 -11.57 6.28 1.33
N ARG A 21 -10.85 6.57 2.41
CA ARG A 21 -10.29 7.89 2.63
C ARG A 21 -8.80 7.80 2.92
N GLU A 22 -8.09 8.92 2.73
CA GLU A 22 -6.65 8.97 2.98
C GLU A 22 -5.92 7.96 2.10
N GLY A 23 -6.41 7.78 0.88
CA GLY A 23 -5.79 6.84 -0.04
C GLY A 23 -6.16 5.40 0.26
N ALA A 24 -5.14 4.57 0.47
CA ALA A 24 -5.36 3.16 0.77
C ALA A 24 -6.11 2.47 -0.37
N LYS A 25 -5.39 2.12 -1.42
CA LYS A 25 -6.00 1.45 -2.57
C LYS A 25 -6.03 -0.06 -2.36
N ALA A 26 -4.95 -0.60 -1.80
CA ALA A 26 -4.86 -2.03 -1.54
C ALA A 26 -4.72 -2.32 -0.04
N GLU A 27 -4.88 -3.59 0.33
CA GLU A 27 -4.77 -3.99 1.72
C GLU A 27 -3.58 -4.91 1.93
N VAL A 28 -3.45 -5.45 3.13
CA VAL A 28 -2.35 -6.36 3.46
C VAL A 28 -2.63 -7.77 2.94
N GLY A 29 -2.05 -8.09 1.79
CA GLY A 29 -2.25 -9.40 1.20
C GLY A 29 -3.06 -9.35 -0.08
N ASP A 30 -2.97 -8.24 -0.79
CA ASP A 30 -3.72 -8.06 -2.04
C ASP A 30 -2.77 -7.77 -3.20
N GLN A 31 -3.12 -8.26 -4.38
CA GLN A 31 -2.30 -8.04 -5.57
C GLN A 31 -2.17 -6.55 -5.88
N VAL A 32 -0.94 -6.10 -6.10
CA VAL A 32 -0.68 -4.71 -6.41
C VAL A 32 0.38 -4.56 -7.50
N LEU A 33 0.57 -3.34 -7.97
CA LEU A 33 1.56 -3.07 -9.01
C LEU A 33 2.40 -1.84 -8.67
N VAL A 34 3.67 -2.07 -8.36
CA VAL A 34 4.57 -0.98 -8.02
C VAL A 34 5.04 -0.24 -9.26
N ALA A 35 4.75 1.06 -9.30
CA ALA A 35 5.14 1.90 -10.45
C ALA A 35 4.56 1.35 -11.75
N GLY A 36 3.43 0.66 -11.64
CA GLY A 36 2.79 0.11 -12.82
C GLY A 36 3.71 -0.81 -13.61
N GLN A 37 4.61 -1.49 -12.90
CA GLN A 37 5.55 -2.40 -13.54
C GLN A 37 5.75 -3.65 -12.70
N LYS A 38 6.47 -3.51 -11.59
CA LYS A 38 6.73 -4.64 -10.70
C LYS A 38 5.45 -5.09 -10.00
N GLN A 39 4.90 -6.21 -10.46
CA GLN A 39 3.68 -6.75 -9.88
C GLN A 39 3.99 -7.62 -8.66
N GLY A 40 3.21 -7.44 -7.60
CA GLY A 40 3.42 -8.22 -6.40
C GLY A 40 2.23 -8.15 -5.45
N ILE A 41 2.45 -8.54 -4.20
CA ILE A 41 1.39 -8.52 -3.20
C ILE A 41 1.85 -7.84 -1.92
N VAL A 42 0.97 -7.04 -1.32
CA VAL A 42 1.29 -6.33 -0.10
C VAL A 42 1.43 -7.29 1.08
N ARG A 43 2.57 -7.25 1.74
CA ARG A 43 2.83 -8.12 2.89
C ARG A 43 2.74 -7.34 4.20
N PHE A 44 3.13 -6.07 4.15
CA PHE A 44 3.10 -5.22 5.33
C PHE A 44 2.69 -3.80 4.97
N TYR A 45 1.56 -3.35 5.53
CA TYR A 45 1.06 -2.00 5.27
C TYR A 45 1.13 -1.15 6.52
N GLY A 46 1.91 -0.08 6.46
CA GLY A 46 2.04 0.81 7.60
C GLY A 46 3.11 1.87 7.39
N LYS A 47 3.16 2.84 8.30
CA LYS A 47 4.14 3.92 8.21
C LYS A 47 5.55 3.39 8.42
N THR A 48 6.53 4.02 7.77
CA THR A 48 7.92 3.62 7.89
C THR A 48 8.72 4.64 8.67
N ASP A 49 9.96 4.30 9.01
CA ASP A 49 10.83 5.19 9.76
C ASP A 49 11.78 5.93 8.83
N PHE A 50 12.16 5.27 7.73
CA PHE A 50 13.07 5.87 6.77
C PHE A 50 12.42 7.06 6.08
N ALA A 51 11.10 7.00 5.89
CA ALA A 51 10.37 8.09 5.26
C ALA A 51 8.95 8.19 5.81
N PRO A 52 8.37 9.40 5.78
CA PRO A 52 7.01 9.64 6.28
C PRO A 52 5.95 9.01 5.39
N GLY A 53 4.69 9.38 5.62
CA GLY A 53 3.60 8.85 4.83
C GLY A 53 3.42 7.35 5.02
N TYR A 54 2.49 6.76 4.27
CA TYR A 54 2.22 5.34 4.37
C TYR A 54 2.76 4.60 3.14
N TRP A 55 3.53 3.54 3.39
CA TRP A 55 4.11 2.75 2.31
C TRP A 55 3.57 1.34 2.32
N TYR A 56 3.93 0.55 1.31
CA TYR A 56 3.48 -0.83 1.21
C TYR A 56 4.67 -1.78 1.08
N GLY A 57 4.77 -2.72 2.01
CA GLY A 57 5.86 -3.69 1.97
C GLY A 57 5.59 -4.84 1.03
N ILE A 58 5.44 -4.53 -0.25
CA ILE A 58 5.17 -5.55 -1.26
C ILE A 58 6.39 -6.45 -1.46
N GLU A 59 6.13 -7.75 -1.61
CA GLU A 59 7.20 -8.71 -1.81
C GLU A 59 7.15 -9.29 -3.23
N LEU A 60 8.15 -8.97 -4.03
CA LEU A 60 8.23 -9.46 -5.41
C LEU A 60 8.57 -10.95 -5.43
N ASP A 61 8.61 -11.51 -6.64
CA ASP A 61 8.93 -12.92 -6.81
C ASP A 61 10.38 -13.11 -7.23
N GLN A 62 10.89 -12.14 -7.99
CA GLN A 62 12.26 -12.21 -8.47
C GLN A 62 13.14 -11.20 -7.73
N PRO A 63 14.46 -11.46 -7.66
CA PRO A 63 15.40 -10.57 -6.96
C PRO A 63 15.62 -9.26 -7.72
N THR A 64 14.59 -8.43 -7.76
CA THR A 64 14.67 -7.15 -8.45
C THR A 64 14.03 -6.04 -7.62
N GLY A 65 14.10 -6.19 -6.30
CA GLY A 65 13.52 -5.20 -5.41
C GLY A 65 14.52 -4.14 -4.98
N LYS A 66 14.46 -3.75 -3.72
CA LYS A 66 15.38 -2.74 -3.19
C LYS A 66 16.05 -3.23 -1.91
N HIS A 67 15.27 -3.82 -1.02
CA HIS A 67 15.79 -4.33 0.24
C HIS A 67 15.38 -5.78 0.45
N ASP A 68 15.98 -6.42 1.45
CA ASP A 68 15.67 -7.81 1.76
C ASP A 68 14.67 -7.91 2.90
N GLY A 69 13.71 -6.99 2.93
CA GLY A 69 12.70 -6.99 3.97
C GLY A 69 12.93 -5.91 5.00
N SER A 70 14.15 -5.83 5.52
CA SER A 70 14.49 -4.82 6.51
C SER A 70 15.07 -3.58 5.86
N VAL A 71 14.89 -2.43 6.51
CA VAL A 71 15.41 -1.17 5.99
C VAL A 71 15.94 -0.28 7.11
N PHE A 72 17.26 -0.12 7.14
CA PHE A 72 17.90 0.70 8.17
C PHE A 72 17.62 0.15 9.56
N GLY A 73 17.47 -1.16 9.65
CA GLY A 73 17.20 -1.80 10.93
C GLY A 73 15.72 -1.83 11.26
N VAL A 74 14.89 -1.87 10.22
CA VAL A 74 13.44 -1.92 10.40
C VAL A 74 12.82 -3.06 9.60
N ARG A 75 12.45 -4.13 10.30
CA ARG A 75 11.85 -5.29 9.66
C ARG A 75 10.35 -5.09 9.47
N TYR A 76 9.86 -5.42 8.28
CA TYR A 76 8.45 -5.28 7.97
C TYR A 76 7.82 -6.63 7.64
N PHE A 77 8.55 -7.44 6.89
CA PHE A 77 8.07 -8.77 6.50
C PHE A 77 9.23 -9.67 6.09
N THR A 78 8.97 -10.97 6.05
CA THR A 78 9.99 -11.94 5.69
C THR A 78 10.00 -12.18 4.18
N CYS A 79 11.04 -11.70 3.52
CA CYS A 79 11.17 -11.85 2.07
C CYS A 79 12.60 -12.20 1.68
N ALA A 80 12.80 -12.64 0.45
CA ALA A 80 14.12 -13.00 -0.05
C ALA A 80 14.93 -11.76 -0.40
N PRO A 81 16.24 -11.92 -0.65
CA PRO A 81 17.13 -10.81 -0.99
C PRO A 81 16.66 -10.07 -2.24
N ARG A 82 16.44 -8.76 -2.10
CA ARG A 82 15.99 -7.94 -3.22
C ARG A 82 14.60 -8.37 -3.71
N HIS A 83 13.69 -8.56 -2.76
CA HIS A 83 12.33 -8.97 -3.09
C HIS A 83 11.32 -7.93 -2.61
N GLY A 84 11.50 -7.46 -1.38
CA GLY A 84 10.60 -6.47 -0.83
C GLY A 84 10.84 -5.08 -1.39
N VAL A 85 9.76 -4.37 -1.68
CA VAL A 85 9.87 -3.01 -2.23
C VAL A 85 8.80 -2.10 -1.64
N PHE A 86 9.24 -1.04 -0.99
CA PHE A 86 8.33 -0.08 -0.38
C PHE A 86 8.13 1.14 -1.28
N ALA A 87 6.92 1.26 -1.84
CA ALA A 87 6.60 2.36 -2.73
C ALA A 87 5.31 3.05 -2.29
N PRO A 88 5.18 4.36 -2.58
CA PRO A 88 3.98 5.14 -2.22
C PRO A 88 2.72 4.56 -2.83
N ALA A 89 1.65 4.48 -2.02
CA ALA A 89 0.37 3.96 -2.50
C ALA A 89 0.00 4.58 -3.83
N SER A 90 0.03 5.92 -3.87
CA SER A 90 -0.28 6.64 -5.09
C SER A 90 0.61 6.17 -6.22
N ARG A 91 1.78 5.63 -5.85
CA ARG A 91 2.71 5.10 -6.83
C ARG A 91 2.42 3.64 -7.14
N ILE A 92 1.60 3.02 -6.29
CA ILE A 92 1.24 1.62 -6.48
C ILE A 92 -0.21 1.47 -6.93
N GLN A 93 -0.47 0.48 -7.76
CA GLN A 93 -1.82 0.24 -8.27
C GLN A 93 -2.45 -0.98 -7.60
N ARG A 94 -3.77 -1.12 -7.74
CA ARG A 94 -4.48 -2.24 -7.14
C ARG A 94 -5.12 -3.11 -8.22
N ILE A 95 -4.71 -4.38 -8.26
CA ILE A 95 -5.24 -5.31 -9.23
C ILE A 95 -6.45 -6.06 -8.69
N GLY A 96 -6.23 -6.82 -7.62
CA GLY A 96 -7.32 -7.58 -7.01
C GLY A 96 -7.80 -8.71 -7.89
N SER A 97 -8.49 -8.36 -8.97
CA SER A 97 -9.02 -9.36 -9.90
C SER A 97 -9.22 -8.75 -11.29
N GLY A 98 -10.20 -7.87 -11.40
CA GLY A 98 -10.48 -7.23 -12.68
C GLY A 98 -11.64 -7.88 -13.41
N PRO A 99 -11.38 -8.78 -14.36
CA PRO A 99 -12.43 -9.47 -15.12
C PRO A 99 -13.46 -10.13 -14.21
N SER A 100 -14.73 -10.01 -14.58
CA SER A 100 -15.82 -10.59 -13.80
C SER A 100 -15.97 -12.08 -14.11
N SER A 101 -16.47 -12.83 -13.15
CA SER A 101 -16.66 -14.27 -13.32
C SER A 101 -18.01 -14.71 -12.74
N GLY A 102 -18.99 -13.82 -12.80
CA GLY A 102 -20.30 -14.14 -12.28
C GLY A 102 -21.30 -14.47 -13.37
N GLY A 1 -25.64 4.33 -11.52
CA GLY A 1 -24.24 3.84 -11.35
C GLY A 1 -24.18 2.36 -11.02
N SER A 2 -25.18 1.62 -11.48
CA SER A 2 -25.23 0.18 -11.24
C SER A 2 -25.94 -0.54 -12.39
N SER A 3 -26.05 -1.86 -12.28
CA SER A 3 -26.71 -2.66 -13.30
C SER A 3 -27.45 -3.83 -12.69
N GLY A 4 -26.78 -4.54 -11.78
CA GLY A 4 -27.40 -5.69 -11.13
C GLY A 4 -26.40 -6.50 -10.31
N SER A 5 -26.83 -7.68 -9.88
CA SER A 5 -25.96 -8.55 -9.08
C SER A 5 -25.48 -9.73 -9.92
N SER A 6 -25.22 -9.49 -11.20
CA SER A 6 -24.76 -10.53 -12.10
C SER A 6 -23.42 -10.16 -12.73
N GLY A 7 -22.33 -10.58 -12.10
CA GLY A 7 -21.01 -10.28 -12.61
C GLY A 7 -20.07 -9.76 -11.54
N LYS A 8 -19.41 -8.65 -11.83
CA LYS A 8 -18.47 -8.05 -10.87
C LYS A 8 -19.19 -7.67 -9.58
N SER A 9 -19.20 -8.58 -8.62
CA SER A 9 -19.85 -8.33 -7.34
C SER A 9 -18.91 -7.61 -6.37
N PRO A 10 -17.70 -8.16 -6.17
CA PRO A 10 -16.70 -7.57 -5.27
C PRO A 10 -16.48 -6.08 -5.55
N SER A 11 -16.19 -5.32 -4.51
CA SER A 11 -15.95 -3.89 -4.64
C SER A 11 -17.15 -3.19 -5.27
N SER A 12 -17.91 -2.46 -4.44
CA SER A 12 -19.08 -1.75 -4.92
C SER A 12 -19.48 -0.64 -3.93
N PRO A 13 -20.00 0.49 -4.45
CA PRO A 13 -20.41 1.62 -3.62
C PRO A 13 -21.41 1.20 -2.54
N SER A 14 -22.00 2.18 -1.87
CA SER A 14 -22.97 1.92 -0.82
C SER A 14 -24.00 3.06 -0.73
N LEU A 15 -23.50 4.29 -0.73
CA LEU A 15 -24.36 5.46 -0.65
C LEU A 15 -23.60 6.73 -1.04
N GLY A 16 -22.65 6.58 -1.96
CA GLY A 16 -21.87 7.73 -2.39
C GLY A 16 -20.44 7.67 -1.89
N SER A 17 -19.84 6.48 -1.92
CA SER A 17 -18.47 6.30 -1.45
C SER A 17 -17.49 7.00 -2.39
N LEU A 18 -16.82 8.03 -1.88
CA LEU A 18 -15.85 8.78 -2.67
C LEU A 18 -14.77 9.38 -1.77
N GLN A 19 -15.21 10.04 -0.70
CA GLN A 19 -14.28 10.66 0.24
C GLN A 19 -13.44 9.60 0.97
N GLN A 20 -12.14 9.57 0.67
CA GLN A 20 -11.25 8.60 1.29
C GLN A 20 -11.23 8.78 2.82
N ARG A 21 -10.77 9.93 3.27
CA ARG A 21 -10.70 10.22 4.70
C ARG A 21 -9.82 9.22 5.42
N GLU A 22 -8.78 8.75 4.73
CA GLU A 22 -7.85 7.79 5.31
C GLU A 22 -6.59 7.67 4.45
N GLY A 23 -6.78 7.60 3.14
CA GLY A 23 -5.66 7.48 2.23
C GLY A 23 -5.18 6.04 2.07
N ALA A 24 -5.74 5.35 1.09
CA ALA A 24 -5.37 3.95 0.84
C ALA A 24 -5.67 3.57 -0.61
N LYS A 25 -5.13 2.43 -1.03
CA LYS A 25 -5.34 1.94 -2.39
C LYS A 25 -5.49 0.42 -2.41
N ALA A 26 -4.57 -0.26 -1.74
CA ALA A 26 -4.60 -1.72 -1.68
C ALA A 26 -4.69 -2.21 -0.24
N GLU A 27 -4.97 -3.50 -0.07
CA GLU A 27 -5.08 -4.10 1.26
C GLU A 27 -4.01 -5.16 1.47
N VAL A 28 -3.71 -5.45 2.73
CA VAL A 28 -2.70 -6.44 3.06
C VAL A 28 -3.17 -7.84 2.67
N GLY A 29 -2.98 -8.19 1.40
CA GLY A 29 -3.38 -9.49 0.92
C GLY A 29 -4.09 -9.42 -0.41
N ASP A 30 -3.55 -8.63 -1.33
CA ASP A 30 -4.14 -8.48 -2.66
C ASP A 30 -3.05 -8.21 -3.70
N GLN A 31 -3.43 -8.30 -4.97
CA GLN A 31 -2.50 -8.06 -6.06
C GLN A 31 -2.28 -6.56 -6.27
N VAL A 32 -1.01 -6.15 -6.35
CA VAL A 32 -0.68 -4.75 -6.55
C VAL A 32 0.37 -4.59 -7.64
N LEU A 33 0.65 -3.35 -8.02
CA LEU A 33 1.63 -3.05 -9.05
C LEU A 33 2.40 -1.78 -8.73
N VAL A 34 3.69 -1.93 -8.44
CA VAL A 34 4.53 -0.79 -8.11
C VAL A 34 5.01 -0.08 -9.37
N ALA A 35 4.73 1.23 -9.44
CA ALA A 35 5.13 2.03 -10.59
C ALA A 35 4.54 1.47 -11.89
N GLY A 36 3.41 0.78 -11.77
CA GLY A 36 2.77 0.21 -12.94
C GLY A 36 3.68 -0.73 -13.71
N GLN A 37 4.55 -1.43 -12.99
CA GLN A 37 5.49 -2.36 -13.60
C GLN A 37 5.71 -3.58 -12.72
N LYS A 38 6.41 -3.37 -11.61
CA LYS A 38 6.70 -4.45 -10.67
C LYS A 38 5.43 -4.95 -9.99
N GLN A 39 5.05 -6.19 -10.27
CA GLN A 39 3.85 -6.77 -9.68
C GLN A 39 4.19 -7.56 -8.42
N GLY A 40 3.48 -7.26 -7.34
CA GLY A 40 3.72 -7.94 -6.08
C GLY A 40 2.48 -7.99 -5.20
N ILE A 41 2.65 -8.48 -3.98
CA ILE A 41 1.54 -8.58 -3.04
C ILE A 41 1.86 -7.86 -1.73
N VAL A 42 0.87 -7.13 -1.20
CA VAL A 42 1.05 -6.40 0.04
C VAL A 42 1.18 -7.36 1.23
N ARG A 43 2.30 -7.23 1.95
CA ARG A 43 2.54 -8.08 3.11
C ARG A 43 2.55 -7.26 4.39
N PHE A 44 3.06 -6.04 4.32
CA PHE A 44 3.13 -5.16 5.47
C PHE A 44 2.77 -3.72 5.08
N TYR A 45 1.62 -3.25 5.56
CA TYR A 45 1.16 -1.91 5.27
C TYR A 45 1.30 -1.00 6.49
N GLY A 46 1.79 0.21 6.27
CA GLY A 46 1.96 1.15 7.37
C GLY A 46 3.05 2.16 7.10
N LYS A 47 3.51 2.82 8.16
CA LYS A 47 4.56 3.83 8.03
C LYS A 47 5.95 3.19 8.15
N THR A 48 6.98 3.95 7.80
CA THR A 48 8.35 3.46 7.87
C THR A 48 9.24 4.44 8.62
N ASP A 49 10.54 4.16 8.64
CA ASP A 49 11.50 5.02 9.33
C ASP A 49 12.39 5.75 8.32
N PHE A 50 12.65 5.10 7.19
CA PHE A 50 13.50 5.68 6.16
C PHE A 50 12.81 6.89 5.51
N ALA A 51 11.49 6.79 5.36
CA ALA A 51 10.72 7.88 4.76
C ALA A 51 9.32 7.95 5.35
N PRO A 52 8.76 9.16 5.46
CA PRO A 52 7.42 9.37 6.02
C PRO A 52 6.31 8.95 5.05
N GLY A 53 5.08 8.97 5.52
CA GLY A 53 3.96 8.60 4.68
C GLY A 53 3.60 7.13 4.80
N TYR A 54 2.49 6.74 4.18
CA TYR A 54 2.04 5.35 4.23
C TYR A 54 2.63 4.55 3.07
N TRP A 55 3.54 3.63 3.39
CA TRP A 55 4.17 2.80 2.38
C TRP A 55 3.62 1.38 2.42
N TYR A 56 3.78 0.66 1.31
CA TYR A 56 3.30 -0.71 1.22
C TYR A 56 4.46 -1.69 1.07
N GLY A 57 4.59 -2.58 2.06
CA GLY A 57 5.66 -3.56 2.01
C GLY A 57 5.33 -4.74 1.11
N ILE A 58 5.27 -4.47 -0.19
CA ILE A 58 4.97 -5.51 -1.16
C ILE A 58 6.14 -6.46 -1.35
N GLU A 59 5.86 -7.75 -1.43
CA GLU A 59 6.89 -8.76 -1.61
C GLU A 59 6.90 -9.28 -3.04
N LEU A 60 7.92 -8.88 -3.80
CA LEU A 60 8.04 -9.30 -5.19
C LEU A 60 8.14 -10.82 -5.30
N ASP A 61 8.07 -11.33 -6.52
CA ASP A 61 8.16 -12.76 -6.76
C ASP A 61 9.55 -13.16 -7.22
N GLN A 62 10.20 -12.25 -7.95
CA GLN A 62 11.54 -12.49 -8.47
C GLN A 62 12.53 -11.47 -7.93
N PRO A 63 13.80 -11.87 -7.72
CA PRO A 63 14.84 -10.98 -7.21
C PRO A 63 14.96 -9.70 -8.02
N THR A 64 14.21 -8.67 -7.62
CA THR A 64 14.24 -7.39 -8.32
C THR A 64 13.60 -6.29 -7.46
N GLY A 65 13.87 -6.34 -6.17
CA GLY A 65 13.32 -5.34 -5.27
C GLY A 65 14.32 -4.26 -4.90
N LYS A 66 14.19 -3.72 -3.70
CA LYS A 66 15.10 -2.67 -3.24
C LYS A 66 15.82 -3.10 -1.96
N HIS A 67 15.07 -3.71 -1.05
CA HIS A 67 15.65 -4.16 0.22
C HIS A 67 15.31 -5.63 0.47
N ASP A 68 15.91 -6.20 1.51
CA ASP A 68 15.67 -7.59 1.86
C ASP A 68 14.64 -7.71 2.98
N GLY A 69 13.67 -6.78 2.99
CA GLY A 69 12.64 -6.80 4.01
C GLY A 69 12.92 -5.81 5.12
N SER A 70 14.18 -5.72 5.55
CA SER A 70 14.57 -4.81 6.61
C SER A 70 15.31 -3.61 6.04
N VAL A 71 15.16 -2.46 6.70
CA VAL A 71 15.82 -1.24 6.27
C VAL A 71 16.44 -0.50 7.45
N PHE A 72 17.75 -0.26 7.38
CA PHE A 72 18.46 0.44 8.44
C PHE A 72 18.36 -0.33 9.76
N GLY A 73 18.32 -1.65 9.66
CA GLY A 73 18.21 -2.47 10.86
C GLY A 73 16.80 -2.56 11.38
N VAL A 74 15.83 -2.44 10.48
CA VAL A 74 14.42 -2.50 10.86
C VAL A 74 13.65 -3.44 9.94
N ARG A 75 13.41 -4.66 10.41
CA ARG A 75 12.68 -5.65 9.63
C ARG A 75 11.18 -5.37 9.64
N TYR A 76 10.62 -5.15 8.46
CA TYR A 76 9.19 -4.87 8.34
C TYR A 76 8.40 -6.16 8.10
N PHE A 77 8.87 -6.95 7.14
CA PHE A 77 8.21 -8.21 6.82
C PHE A 77 9.22 -9.25 6.34
N THR A 78 8.82 -10.52 6.36
CA THR A 78 9.69 -11.61 5.93
C THR A 78 9.56 -11.85 4.43
N CYS A 79 10.59 -11.48 3.67
CA CYS A 79 10.58 -11.66 2.24
C CYS A 79 11.89 -12.28 1.75
N ALA A 80 11.95 -12.60 0.47
CA ALA A 80 13.15 -13.20 -0.12
C ALA A 80 14.19 -12.13 -0.45
N PRO A 81 15.43 -12.55 -0.74
CA PRO A 81 16.51 -11.62 -1.08
C PRO A 81 16.14 -10.70 -2.24
N ARG A 82 16.11 -9.40 -1.97
CA ARG A 82 15.77 -8.42 -2.99
C ARG A 82 14.36 -8.66 -3.53
N HIS A 83 13.39 -8.74 -2.63
CA HIS A 83 12.00 -8.96 -3.01
C HIS A 83 11.11 -7.84 -2.50
N GLY A 84 11.34 -7.41 -1.27
CA GLY A 84 10.55 -6.35 -0.68
C GLY A 84 10.72 -5.02 -1.42
N VAL A 85 9.65 -4.25 -1.50
CA VAL A 85 9.69 -2.96 -2.18
C VAL A 85 8.64 -2.01 -1.61
N PHE A 86 9.10 -0.87 -1.10
CA PHE A 86 8.21 0.13 -0.54
C PHE A 86 7.95 1.27 -1.52
N ALA A 87 6.69 1.44 -1.90
CA ALA A 87 6.31 2.49 -2.83
C ALA A 87 5.00 3.14 -2.42
N PRO A 88 4.86 4.46 -2.66
CA PRO A 88 3.64 5.20 -2.31
C PRO A 88 2.39 4.61 -2.95
N ALA A 89 1.31 4.54 -2.18
CA ALA A 89 0.05 3.99 -2.67
C ALA A 89 -0.29 4.59 -4.03
N SER A 90 -0.27 5.92 -4.09
CA SER A 90 -0.56 6.63 -5.33
C SER A 90 0.38 6.14 -6.43
N ARG A 91 1.53 5.62 -6.01
CA ARG A 91 2.51 5.08 -6.95
C ARG A 91 2.23 3.61 -7.25
N ILE A 92 1.42 2.98 -6.39
CA ILE A 92 1.08 1.57 -6.57
C ILE A 92 -0.34 1.43 -7.11
N GLN A 93 -0.54 0.41 -7.95
CA GLN A 93 -1.85 0.16 -8.54
C GLN A 93 -2.44 -1.15 -8.02
N ARG A 94 -3.64 -1.49 -8.49
CA ARG A 94 -4.31 -2.71 -8.07
C ARG A 94 -4.73 -3.54 -9.29
N ILE A 95 -4.55 -4.85 -9.19
CA ILE A 95 -4.90 -5.77 -10.27
C ILE A 95 -6.07 -6.66 -9.86
N GLY A 96 -5.89 -7.42 -8.79
CA GLY A 96 -6.92 -8.31 -8.32
C GLY A 96 -7.09 -9.53 -9.20
N SER A 97 -7.84 -10.51 -8.71
CA SER A 97 -8.07 -11.74 -9.47
C SER A 97 -9.47 -12.28 -9.21
N GLY A 98 -9.72 -12.68 -7.97
CA GLY A 98 -11.03 -13.20 -7.61
C GLY A 98 -10.94 -14.56 -6.91
N PRO A 99 -11.81 -14.82 -5.92
CA PRO A 99 -11.80 -16.09 -5.19
C PRO A 99 -11.89 -17.30 -6.12
N SER A 100 -10.94 -18.22 -5.97
CA SER A 100 -10.91 -19.42 -6.79
C SER A 100 -10.31 -20.60 -6.02
N SER A 101 -9.18 -20.34 -5.38
CA SER A 101 -8.49 -21.38 -4.60
C SER A 101 -8.03 -22.52 -5.50
N GLY A 102 -6.81 -22.40 -6.01
CA GLY A 102 -6.26 -23.43 -6.88
C GLY A 102 -5.37 -24.40 -6.13
N GLY A 1 -8.70 21.69 -3.85
CA GLY A 1 -7.62 22.64 -3.48
C GLY A 1 -7.52 22.87 -1.98
N SER A 2 -8.66 23.20 -1.37
CA SER A 2 -8.70 23.45 0.07
C SER A 2 -10.08 23.09 0.63
N SER A 3 -10.16 23.00 1.96
CA SER A 3 -11.41 22.68 2.63
C SER A 3 -11.84 23.80 3.56
N GLY A 4 -12.97 24.43 3.25
CA GLY A 4 -13.47 25.51 4.07
C GLY A 4 -12.73 26.82 3.83
N SER A 5 -12.31 27.47 4.91
CA SER A 5 -11.59 28.73 4.81
C SER A 5 -10.28 28.67 5.61
N SER A 6 -9.22 29.20 5.01
CA SER A 6 -7.92 29.21 5.66
C SER A 6 -7.50 30.63 6.03
N GLY A 7 -6.84 30.77 7.18
CA GLY A 7 -6.40 32.08 7.63
C GLY A 7 -5.67 32.02 8.94
N LYS A 8 -6.21 31.27 9.90
CA LYS A 8 -5.60 31.13 11.21
C LYS A 8 -5.02 29.73 11.40
N SER A 9 -5.89 28.73 11.40
CA SER A 9 -5.47 27.35 11.57
C SER A 9 -5.96 26.48 10.40
N PRO A 10 -5.19 25.44 10.03
CA PRO A 10 -5.56 24.54 8.94
C PRO A 10 -6.73 23.62 9.30
N SER A 11 -6.67 23.05 10.51
CA SER A 11 -7.71 22.15 10.97
C SER A 11 -8.92 22.94 11.45
N SER A 12 -10.08 22.62 10.90
CA SER A 12 -11.32 23.30 11.27
C SER A 12 -12.42 22.29 11.62
N PRO A 13 -13.14 22.52 12.73
CA PRO A 13 -14.21 21.62 13.17
C PRO A 13 -15.48 21.77 12.33
N SER A 14 -15.49 21.13 11.16
CA SER A 14 -16.64 21.20 10.26
C SER A 14 -16.93 22.64 9.85
N LEU A 15 -16.66 22.95 8.59
CA LEU A 15 -16.89 24.30 8.07
C LEU A 15 -17.45 24.24 6.65
N GLY A 16 -18.18 23.18 6.35
CA GLY A 16 -18.76 23.03 5.02
C GLY A 16 -17.90 22.17 4.11
N SER A 17 -17.15 21.25 4.71
CA SER A 17 -16.28 20.36 3.94
C SER A 17 -17.08 19.22 3.32
N LEU A 18 -17.18 19.23 1.99
CA LEU A 18 -17.90 18.19 1.27
C LEU A 18 -16.98 17.44 0.32
N GLN A 19 -16.15 18.18 -0.41
CA GLN A 19 -15.23 17.59 -1.36
C GLN A 19 -13.99 17.04 -0.64
N GLN A 20 -14.03 15.77 -0.30
CA GLN A 20 -12.92 15.12 0.39
C GLN A 20 -12.15 14.20 -0.55
N ARG A 21 -10.86 14.46 -0.71
CA ARG A 21 -10.01 13.65 -1.58
C ARG A 21 -9.04 12.80 -0.76
N GLU A 22 -9.55 11.69 -0.25
CA GLU A 22 -8.73 10.79 0.55
C GLU A 22 -9.31 9.37 0.55
N GLY A 23 -8.46 8.39 0.25
CA GLY A 23 -8.91 7.01 0.21
C GLY A 23 -7.78 6.04 -0.03
N ALA A 24 -7.82 4.89 0.64
CA ALA A 24 -6.79 3.87 0.48
C ALA A 24 -6.91 3.16 -0.86
N LYS A 25 -5.79 2.99 -1.54
CA LYS A 25 -5.78 2.33 -2.84
C LYS A 25 -5.83 0.81 -2.67
N ALA A 26 -5.01 0.29 -1.77
CA ALA A 26 -4.97 -1.14 -1.51
C ALA A 26 -4.78 -1.43 -0.03
N GLU A 27 -4.71 -2.71 0.32
CA GLU A 27 -4.53 -3.12 1.70
C GLU A 27 -3.63 -4.35 1.79
N VAL A 28 -3.53 -4.91 3.00
CA VAL A 28 -2.69 -6.09 3.23
C VAL A 28 -3.40 -7.35 2.75
N GLY A 29 -2.88 -7.96 1.69
CA GLY A 29 -3.48 -9.17 1.15
C GLY A 29 -4.23 -8.92 -0.14
N ASP A 30 -3.63 -8.13 -1.02
CA ASP A 30 -4.25 -7.82 -2.31
C ASP A 30 -3.20 -7.56 -3.37
N GLN A 31 -3.40 -8.12 -4.56
CA GLN A 31 -2.47 -7.95 -5.66
C GLN A 31 -2.32 -6.47 -6.03
N VAL A 32 -1.09 -6.08 -6.34
CA VAL A 32 -0.81 -4.68 -6.71
C VAL A 32 0.30 -4.60 -7.75
N LEU A 33 0.63 -3.38 -8.15
CA LEU A 33 1.68 -3.16 -9.14
C LEU A 33 2.50 -1.92 -8.81
N VAL A 34 3.74 -2.13 -8.40
CA VAL A 34 4.63 -1.03 -8.05
C VAL A 34 5.18 -0.34 -9.29
N ALA A 35 4.96 0.96 -9.40
CA ALA A 35 5.43 1.73 -10.54
C ALA A 35 4.89 1.17 -11.85
N GLY A 36 3.73 0.52 -11.77
CA GLY A 36 3.12 -0.06 -12.96
C GLY A 36 4.04 -1.03 -13.67
N GLN A 37 4.91 -1.68 -12.91
CA GLN A 37 5.85 -2.66 -13.47
C GLN A 37 6.02 -3.85 -12.54
N LYS A 38 6.75 -3.65 -11.46
CA LYS A 38 6.99 -4.72 -10.49
C LYS A 38 5.68 -5.17 -9.84
N GLN A 39 5.18 -6.32 -10.28
CA GLN A 39 3.94 -6.86 -9.75
C GLN A 39 4.19 -7.62 -8.46
N GLY A 40 3.34 -7.38 -7.46
CA GLY A 40 3.48 -8.05 -6.18
C GLY A 40 2.23 -7.94 -5.32
N ILE A 41 2.31 -8.46 -4.10
CA ILE A 41 1.19 -8.42 -3.18
C ILE A 41 1.59 -7.81 -1.84
N VAL A 42 0.74 -6.95 -1.31
CA VAL A 42 1.00 -6.30 -0.02
C VAL A 42 1.16 -7.34 1.09
N ARG A 43 2.31 -7.29 1.77
CA ARG A 43 2.59 -8.21 2.86
C ARG A 43 2.61 -7.49 4.20
N PHE A 44 3.07 -6.24 4.19
CA PHE A 44 3.14 -5.44 5.39
C PHE A 44 2.81 -3.98 5.10
N TYR A 45 1.66 -3.55 5.60
CA TYR A 45 1.22 -2.17 5.39
C TYR A 45 1.32 -1.36 6.68
N GLY A 46 2.13 -0.30 6.64
CA GLY A 46 2.31 0.54 7.82
C GLY A 46 3.35 1.63 7.61
N LYS A 47 3.53 2.47 8.61
CA LYS A 47 4.50 3.56 8.53
C LYS A 47 5.92 3.04 8.72
N THR A 48 6.90 3.88 8.43
CA THR A 48 8.31 3.51 8.57
C THR A 48 9.04 4.51 9.46
N ASP A 49 10.34 4.27 9.65
CA ASP A 49 11.15 5.15 10.47
C ASP A 49 12.09 5.99 9.60
N PHE A 50 12.53 5.41 8.48
CA PHE A 50 13.42 6.10 7.56
C PHE A 50 12.71 7.25 6.86
N ALA A 51 11.43 7.04 6.55
CA ALA A 51 10.63 8.05 5.87
C ALA A 51 9.21 8.11 6.42
N PRO A 52 8.61 9.30 6.51
CA PRO A 52 7.25 9.47 7.02
C PRO A 52 6.19 9.01 6.02
N GLY A 53 4.93 9.19 6.38
CA GLY A 53 3.84 8.79 5.51
C GLY A 53 3.61 7.30 5.51
N TYR A 54 2.69 6.84 4.68
CA TYR A 54 2.37 5.41 4.59
C TYR A 54 3.28 4.71 3.58
N TRP A 55 3.41 3.40 3.72
CA TRP A 55 4.25 2.61 2.83
C TRP A 55 3.77 1.16 2.76
N TYR A 56 3.80 0.59 1.57
CA TYR A 56 3.37 -0.79 1.38
C TYR A 56 4.57 -1.73 1.26
N GLY A 57 4.62 -2.72 2.14
CA GLY A 57 5.72 -3.68 2.13
C GLY A 57 5.46 -4.85 1.20
N ILE A 58 5.24 -4.55 -0.08
CA ILE A 58 4.98 -5.60 -1.06
C ILE A 58 6.18 -6.51 -1.22
N GLU A 59 5.93 -7.76 -1.61
CA GLU A 59 6.98 -8.74 -1.80
C GLU A 59 6.97 -9.29 -3.22
N LEU A 60 7.89 -8.82 -4.05
CA LEU A 60 7.97 -9.27 -5.44
C LEU A 60 8.29 -10.76 -5.50
N ASP A 61 8.06 -11.37 -6.66
CA ASP A 61 8.32 -12.78 -6.86
C ASP A 61 9.72 -13.00 -7.43
N GLN A 62 10.19 -12.03 -8.22
CA GLN A 62 11.50 -12.12 -8.83
C GLN A 62 12.52 -11.28 -8.06
N PRO A 63 13.80 -11.67 -8.11
CA PRO A 63 14.87 -10.95 -7.41
C PRO A 63 15.26 -9.65 -8.11
N THR A 64 14.71 -8.54 -7.64
CA THR A 64 14.99 -7.23 -8.23
C THR A 64 14.37 -6.11 -7.40
N GLY A 65 14.36 -6.29 -6.08
CA GLY A 65 13.78 -5.29 -5.20
C GLY A 65 14.80 -4.26 -4.77
N LYS A 66 14.50 -3.58 -3.66
CA LYS A 66 15.40 -2.55 -3.13
C LYS A 66 16.03 -3.01 -1.82
N HIS A 67 15.29 -3.80 -1.06
CA HIS A 67 15.77 -4.32 0.22
C HIS A 67 15.35 -5.76 0.42
N ASP A 68 15.86 -6.37 1.50
CA ASP A 68 15.53 -7.76 1.80
C ASP A 68 14.42 -7.84 2.84
N GLY A 69 13.46 -6.92 2.75
CA GLY A 69 12.36 -6.90 3.68
C GLY A 69 12.55 -5.89 4.79
N SER A 70 13.80 -5.61 5.12
CA SER A 70 14.12 -4.65 6.18
C SER A 70 14.75 -3.39 5.59
N VAL A 71 14.73 -2.31 6.37
CA VAL A 71 15.30 -1.05 5.93
C VAL A 71 15.90 -0.28 7.09
N PHE A 72 17.16 0.12 6.94
CA PHE A 72 17.86 0.85 7.99
C PHE A 72 17.94 0.05 9.28
N GLY A 73 17.92 -1.27 9.15
CA GLY A 73 18.00 -2.14 10.31
C GLY A 73 16.62 -2.58 10.79
N VAL A 74 15.62 -1.75 10.57
CA VAL A 74 14.26 -2.06 10.98
C VAL A 74 13.57 -2.98 9.98
N ARG A 75 13.23 -4.18 10.43
CA ARG A 75 12.57 -5.16 9.57
C ARG A 75 11.06 -4.99 9.61
N TYR A 76 10.40 -5.29 8.49
CA TYR A 76 8.95 -5.17 8.40
C TYR A 76 8.30 -6.51 8.09
N PHE A 77 8.82 -7.18 7.05
CA PHE A 77 8.29 -8.48 6.64
C PHE A 77 9.40 -9.36 6.09
N THR A 78 9.14 -10.67 6.03
CA THR A 78 10.12 -11.62 5.54
C THR A 78 9.94 -11.86 4.04
N CYS A 79 10.99 -11.59 3.27
CA CYS A 79 10.94 -11.78 1.82
C CYS A 79 12.28 -12.27 1.29
N ALA A 80 12.25 -12.89 0.11
CA ALA A 80 13.47 -13.40 -0.51
C ALA A 80 14.47 -12.29 -0.76
N PRO A 81 15.75 -12.65 -1.01
CA PRO A 81 16.80 -11.67 -1.26
C PRO A 81 16.43 -10.68 -2.36
N ARG A 82 16.32 -9.40 -1.99
CA ARG A 82 15.96 -8.36 -2.93
C ARG A 82 14.60 -8.64 -3.57
N HIS A 83 13.57 -8.67 -2.74
CA HIS A 83 12.21 -8.93 -3.22
C HIS A 83 11.25 -7.83 -2.75
N GLY A 84 11.37 -7.46 -1.48
CA GLY A 84 10.51 -6.43 -0.94
C GLY A 84 10.79 -5.06 -1.53
N VAL A 85 9.71 -4.32 -1.82
CA VAL A 85 9.86 -2.98 -2.40
C VAL A 85 8.79 -2.04 -1.84
N PHE A 86 9.23 -1.04 -1.10
CA PHE A 86 8.32 -0.06 -0.51
C PHE A 86 8.09 1.10 -1.46
N ALA A 87 6.82 1.31 -1.85
CA ALA A 87 6.47 2.38 -2.76
C ALA A 87 5.16 3.05 -2.34
N PRO A 88 5.06 4.39 -2.52
CA PRO A 88 3.85 5.14 -2.14
C PRO A 88 2.60 4.59 -2.82
N ALA A 89 1.49 4.55 -2.08
CA ALA A 89 0.23 4.05 -2.61
C ALA A 89 -0.06 4.68 -3.97
N SER A 90 0.05 6.00 -4.02
CA SER A 90 -0.18 6.72 -5.27
C SER A 90 0.74 6.18 -6.35
N ARG A 91 1.86 5.59 -5.92
CA ARG A 91 2.81 5.00 -6.85
C ARG A 91 2.47 3.54 -7.13
N ILE A 92 1.61 2.97 -6.29
CA ILE A 92 1.20 1.58 -6.45
C ILE A 92 -0.20 1.48 -7.06
N GLN A 93 -0.41 0.46 -7.90
CA GLN A 93 -1.70 0.26 -8.54
C GLN A 93 -2.35 -1.04 -8.08
N ARG A 94 -3.67 -1.11 -8.14
CA ARG A 94 -4.41 -2.29 -7.74
C ARG A 94 -4.74 -3.17 -8.94
N ILE A 95 -4.59 -4.48 -8.77
CA ILE A 95 -4.88 -5.43 -9.85
C ILE A 95 -6.11 -6.26 -9.53
N GLY A 96 -6.35 -6.49 -8.24
CA GLY A 96 -7.50 -7.27 -7.83
C GLY A 96 -8.81 -6.67 -8.30
N SER A 97 -8.83 -5.34 -8.45
CA SER A 97 -10.03 -4.64 -8.91
C SER A 97 -10.26 -4.85 -10.39
N GLY A 98 -10.97 -5.92 -10.73
CA GLY A 98 -11.25 -6.22 -12.13
C GLY A 98 -11.42 -7.71 -12.38
N PRO A 99 -12.65 -8.23 -12.22
CA PRO A 99 -12.93 -9.65 -12.43
C PRO A 99 -12.45 -10.14 -13.79
N SER A 100 -12.65 -9.31 -14.81
CA SER A 100 -12.24 -9.66 -16.17
C SER A 100 -11.67 -8.44 -16.89
N SER A 101 -10.92 -7.62 -16.15
CA SER A 101 -10.32 -6.41 -16.72
C SER A 101 -8.85 -6.30 -16.32
N GLY A 102 -8.61 -6.18 -15.01
CA GLY A 102 -7.25 -6.07 -14.53
C GLY A 102 -7.11 -5.04 -13.42
N GLY A 1 -26.26 28.70 3.98
CA GLY A 1 -25.92 27.56 4.89
C GLY A 1 -26.79 27.51 6.12
N SER A 2 -26.57 26.51 6.97
CA SER A 2 -27.35 26.35 8.19
C SER A 2 -26.45 25.93 9.35
N SER A 3 -26.95 26.10 10.57
CA SER A 3 -26.20 25.73 11.76
C SER A 3 -27.07 24.97 12.74
N GLY A 4 -28.17 25.60 13.17
CA GLY A 4 -29.08 24.97 14.10
C GLY A 4 -28.74 25.30 15.55
N SER A 5 -29.77 25.42 16.38
CA SER A 5 -29.58 25.74 17.79
C SER A 5 -29.75 24.49 18.66
N SER A 6 -29.67 24.67 19.96
CA SER A 6 -29.81 23.56 20.90
C SER A 6 -28.73 22.52 20.68
N GLY A 7 -27.70 22.55 21.50
CA GLY A 7 -26.61 21.60 21.38
C GLY A 7 -25.74 21.54 22.62
N LYS A 8 -25.95 20.51 23.44
CA LYS A 8 -25.18 20.34 24.67
C LYS A 8 -23.97 19.45 24.43
N SER A 9 -23.21 19.19 25.48
CA SER A 9 -22.02 18.35 25.41
C SER A 9 -22.05 17.26 26.47
N PRO A 10 -23.08 16.40 26.45
CA PRO A 10 -23.22 15.32 27.42
C PRO A 10 -22.17 14.23 27.23
N SER A 11 -22.37 13.09 27.90
CA SER A 11 -21.44 11.97 27.79
C SER A 11 -21.99 10.88 26.88
N SER A 12 -21.34 10.67 25.75
CA SER A 12 -21.76 9.66 24.79
C SER A 12 -20.57 9.14 23.99
N PRO A 13 -20.60 7.84 23.62
CA PRO A 13 -19.53 7.22 22.84
C PRO A 13 -19.22 8.00 21.56
N SER A 14 -18.27 8.94 21.66
CA SER A 14 -17.89 9.75 20.51
C SER A 14 -16.38 9.99 20.50
N LEU A 15 -15.69 9.34 19.55
CA LEU A 15 -14.25 9.48 19.44
C LEU A 15 -13.73 8.69 18.24
N GLY A 16 -13.08 9.39 17.32
CA GLY A 16 -12.53 8.75 16.13
C GLY A 16 -13.61 8.38 15.12
N SER A 17 -14.44 7.39 15.47
CA SER A 17 -15.52 6.95 14.60
C SER A 17 -14.96 6.35 13.31
N LEU A 18 -14.56 7.21 12.39
CA LEU A 18 -14.01 6.78 11.11
C LEU A 18 -13.29 7.93 10.40
N GLN A 19 -11.99 8.04 10.63
CA GLN A 19 -11.20 9.09 10.02
C GLN A 19 -9.79 8.60 9.71
N GLN A 20 -9.35 8.79 8.46
CA GLN A 20 -8.02 8.37 8.04
C GLN A 20 -7.09 9.56 7.92
N ARG A 21 -7.54 10.59 7.21
CA ARG A 21 -6.75 11.79 7.02
C ARG A 21 -5.46 11.47 6.27
N GLU A 22 -5.53 10.53 5.34
CA GLU A 22 -4.37 10.13 4.57
C GLU A 22 -4.78 9.51 3.23
N GLY A 23 -5.55 8.43 3.30
CA GLY A 23 -6.00 7.77 2.09
C GLY A 23 -5.19 6.53 1.77
N ALA A 24 -5.72 5.70 0.88
CA ALA A 24 -5.03 4.47 0.49
C ALA A 24 -5.61 3.90 -0.81
N LYS A 25 -5.22 2.69 -1.15
CA LYS A 25 -5.69 2.04 -2.36
C LYS A 25 -5.82 0.53 -2.15
N ALA A 26 -4.76 -0.08 -1.65
CA ALA A 26 -4.76 -1.53 -1.41
C ALA A 26 -4.62 -1.83 0.08
N GLU A 27 -4.55 -3.12 0.41
CA GLU A 27 -4.43 -3.54 1.80
C GLU A 27 -3.51 -4.76 1.91
N VAL A 28 -3.34 -5.25 3.13
CA VAL A 28 -2.49 -6.41 3.38
C VAL A 28 -3.10 -7.67 2.76
N GLY A 29 -2.33 -8.33 1.89
CA GLY A 29 -2.82 -9.54 1.25
C GLY A 29 -3.65 -9.25 0.02
N ASP A 30 -3.15 -8.35 -0.84
CA ASP A 30 -3.86 -7.99 -2.06
C ASP A 30 -2.88 -7.68 -3.18
N GLN A 31 -3.14 -8.23 -4.36
CA GLN A 31 -2.28 -8.00 -5.51
C GLN A 31 -2.19 -6.53 -5.86
N VAL A 32 -1.00 -6.06 -6.21
CA VAL A 32 -0.78 -4.67 -6.56
C VAL A 32 0.27 -4.53 -7.66
N LEU A 33 0.48 -3.30 -8.12
CA LEU A 33 1.46 -3.04 -9.16
C LEU A 33 2.31 -1.83 -8.81
N VAL A 34 3.52 -2.08 -8.32
CA VAL A 34 4.44 -1.01 -7.93
C VAL A 34 4.94 -0.26 -9.16
N ALA A 35 4.79 1.06 -9.14
CA ALA A 35 5.23 1.90 -10.25
C ALA A 35 4.59 1.47 -11.56
N GLY A 36 3.42 0.84 -11.46
CA GLY A 36 2.72 0.39 -12.66
C GLY A 36 3.57 -0.52 -13.51
N GLN A 37 4.40 -1.33 -12.88
CA GLN A 37 5.26 -2.26 -13.60
C GLN A 37 5.48 -3.54 -12.79
N LYS A 38 6.20 -3.42 -11.69
CA LYS A 38 6.48 -4.56 -10.82
C LYS A 38 5.24 -4.99 -10.05
N GLN A 39 4.63 -6.10 -10.45
CA GLN A 39 3.44 -6.61 -9.78
C GLN A 39 3.81 -7.46 -8.57
N GLY A 40 3.11 -7.23 -7.47
CA GLY A 40 3.38 -7.98 -6.25
C GLY A 40 2.20 -7.99 -5.30
N ILE A 41 2.43 -8.49 -4.09
CA ILE A 41 1.37 -8.55 -3.08
C ILE A 41 1.81 -7.88 -1.79
N VAL A 42 0.94 -7.01 -1.26
CA VAL A 42 1.24 -6.30 -0.02
C VAL A 42 1.33 -7.27 1.15
N ARG A 43 2.50 -7.30 1.80
CA ARG A 43 2.72 -8.18 2.94
C ARG A 43 2.69 -7.40 4.25
N PHE A 44 3.12 -6.14 4.19
CA PHE A 44 3.14 -5.29 5.37
C PHE A 44 2.79 -3.84 4.99
N TYR A 45 1.69 -3.35 5.55
CA TYR A 45 1.25 -1.99 5.28
C TYR A 45 1.35 -1.12 6.54
N GLY A 46 1.91 0.08 6.38
CA GLY A 46 2.05 0.98 7.51
C GLY A 46 3.19 1.96 7.33
N LYS A 47 3.33 2.89 8.26
CA LYS A 47 4.39 3.89 8.20
C LYS A 47 5.77 3.23 8.21
N THR A 48 6.78 3.97 7.76
CA THR A 48 8.14 3.46 7.71
C THR A 48 9.09 4.37 8.47
N ASP A 49 10.37 4.01 8.48
CA ASP A 49 11.38 4.80 9.18
C ASP A 49 12.28 5.54 8.18
N PHE A 50 12.53 4.90 7.04
CA PHE A 50 13.37 5.49 6.01
C PHE A 50 12.74 6.76 5.45
N ALA A 51 11.41 6.79 5.44
CA ALA A 51 10.68 7.95 4.93
C ALA A 51 9.27 8.02 5.52
N PRO A 52 8.74 9.24 5.72
CA PRO A 52 7.40 9.45 6.28
C PRO A 52 6.30 9.04 5.31
N GLY A 53 5.10 8.85 5.83
CA GLY A 53 3.97 8.47 5.00
C GLY A 53 3.65 6.98 5.10
N TYR A 54 2.60 6.56 4.40
CA TYR A 54 2.18 5.16 4.43
C TYR A 54 2.74 4.41 3.22
N TRP A 55 3.65 3.48 3.47
CA TRP A 55 4.26 2.70 2.40
C TRP A 55 3.75 1.26 2.43
N TYR A 56 3.92 0.55 1.32
CA TYR A 56 3.48 -0.84 1.22
C TYR A 56 4.67 -1.77 1.08
N GLY A 57 4.78 -2.73 2.00
CA GLY A 57 5.87 -3.68 1.96
C GLY A 57 5.58 -4.85 1.04
N ILE A 58 5.30 -4.56 -0.23
CA ILE A 58 5.00 -5.59 -1.21
C ILE A 58 6.24 -6.42 -1.52
N GLU A 59 6.07 -7.72 -1.63
CA GLU A 59 7.18 -8.63 -1.92
C GLU A 59 7.16 -9.05 -3.39
N LEU A 60 8.35 -9.15 -3.98
CA LEU A 60 8.48 -9.53 -5.38
C LEU A 60 8.79 -11.03 -5.50
N ASP A 61 8.81 -11.52 -6.73
CA ASP A 61 9.09 -12.93 -7.00
C ASP A 61 10.53 -13.11 -7.47
N GLN A 62 11.06 -12.11 -8.16
CA GLN A 62 12.42 -12.17 -8.67
C GLN A 62 13.36 -11.30 -7.83
N PRO A 63 14.66 -11.65 -7.78
CA PRO A 63 15.65 -10.90 -7.01
C PRO A 63 16.00 -9.56 -7.65
N THR A 64 15.03 -8.67 -7.72
CA THR A 64 15.24 -7.35 -8.32
C THR A 64 14.37 -6.30 -7.65
N GLY A 65 14.23 -6.41 -6.32
CA GLY A 65 13.42 -5.45 -5.59
C GLY A 65 14.17 -4.20 -5.24
N LYS A 66 14.66 -4.11 -4.01
CA LYS A 66 15.40 -2.94 -3.55
C LYS A 66 16.08 -3.21 -2.21
N HIS A 67 15.34 -3.82 -1.30
CA HIS A 67 15.86 -4.14 0.02
C HIS A 67 15.69 -5.63 0.33
N ASP A 68 16.31 -6.07 1.42
CA ASP A 68 16.22 -7.47 1.83
C ASP A 68 15.27 -7.64 3.01
N GLY A 69 14.05 -7.12 2.85
CA GLY A 69 13.05 -7.22 3.90
C GLY A 69 13.11 -6.05 4.85
N SER A 70 14.10 -6.04 5.73
CA SER A 70 14.26 -4.95 6.70
C SER A 70 15.01 -3.78 6.08
N VAL A 71 14.76 -2.59 6.63
CA VAL A 71 15.42 -1.37 6.14
C VAL A 71 16.05 -0.58 7.28
N PHE A 72 17.36 -0.36 7.17
CA PHE A 72 18.09 0.38 8.19
C PHE A 72 18.02 -0.33 9.54
N GLY A 73 17.91 -1.65 9.50
CA GLY A 73 17.83 -2.43 10.72
C GLY A 73 16.41 -2.76 11.11
N VAL A 74 15.47 -1.88 10.74
CA VAL A 74 14.07 -2.09 11.06
C VAL A 74 13.42 -3.07 10.08
N ARG A 75 12.87 -4.15 10.63
CA ARG A 75 12.22 -5.17 9.81
C ARG A 75 10.73 -4.88 9.65
N TYR A 76 10.20 -5.16 8.46
CA TYR A 76 8.79 -4.93 8.18
C TYR A 76 8.09 -6.23 7.83
N PHE A 77 8.74 -7.07 7.04
CA PHE A 77 8.18 -8.35 6.63
C PHE A 77 9.27 -9.30 6.15
N THR A 78 8.95 -10.59 6.12
CA THR A 78 9.91 -11.60 5.68
C THR A 78 9.81 -11.83 4.18
N CYS A 79 10.94 -11.66 3.49
CA CYS A 79 10.98 -11.85 2.05
C CYS A 79 12.32 -12.41 1.60
N ALA A 80 12.49 -12.59 0.30
CA ALA A 80 13.73 -13.13 -0.25
C ALA A 80 14.70 -12.00 -0.60
N PRO A 81 15.99 -12.34 -0.81
CA PRO A 81 17.01 -11.36 -1.17
C PRO A 81 16.61 -10.51 -2.37
N ARG A 82 16.46 -9.21 -2.14
CA ARG A 82 16.08 -8.28 -3.20
C ARG A 82 14.70 -8.63 -3.75
N HIS A 83 13.70 -8.63 -2.89
CA HIS A 83 12.33 -8.95 -3.29
C HIS A 83 11.36 -7.88 -2.82
N GLY A 84 11.47 -7.50 -1.54
CA GLY A 84 10.60 -6.49 -0.98
C GLY A 84 10.83 -5.12 -1.59
N VAL A 85 9.77 -4.33 -1.70
CA VAL A 85 9.87 -3.00 -2.28
C VAL A 85 8.78 -2.08 -1.71
N PHE A 86 9.20 -0.96 -1.13
CA PHE A 86 8.27 0.00 -0.54
C PHE A 86 8.05 1.17 -1.49
N ALA A 87 6.79 1.38 -1.88
CA ALA A 87 6.45 2.47 -2.77
C ALA A 87 5.13 3.13 -2.36
N PRO A 88 4.99 4.44 -2.59
CA PRO A 88 3.78 5.19 -2.25
C PRO A 88 2.54 4.62 -2.92
N ALA A 89 1.44 4.53 -2.17
CA ALA A 89 0.18 4.01 -2.70
C ALA A 89 -0.13 4.64 -4.04
N SER A 90 -0.10 5.98 -4.07
CA SER A 90 -0.36 6.72 -5.29
C SER A 90 0.60 6.26 -6.39
N ARG A 91 1.74 5.72 -5.97
CA ARG A 91 2.73 5.22 -6.91
C ARG A 91 2.46 3.75 -7.24
N ILE A 92 1.60 3.11 -6.46
CA ILE A 92 1.25 1.72 -6.68
C ILE A 92 -0.20 1.58 -7.15
N GLN A 93 -0.49 0.48 -7.85
CA GLN A 93 -1.83 0.23 -8.35
C GLN A 93 -2.36 -1.11 -7.85
N ARG A 94 -3.62 -1.39 -8.14
CA ARG A 94 -4.25 -2.63 -7.71
C ARG A 94 -4.63 -3.49 -8.92
N ILE A 95 -4.42 -4.80 -8.80
CA ILE A 95 -4.74 -5.72 -9.88
C ILE A 95 -6.22 -6.09 -9.87
N GLY A 96 -6.77 -6.28 -8.67
CA GLY A 96 -8.17 -6.63 -8.54
C GLY A 96 -9.07 -5.41 -8.50
N SER A 97 -10.37 -5.65 -8.36
CA SER A 97 -11.33 -4.55 -8.30
C SER A 97 -11.52 -4.06 -6.88
N GLY A 98 -11.72 -5.00 -5.96
CA GLY A 98 -11.91 -4.64 -4.56
C GLY A 98 -12.92 -5.54 -3.86
N PRO A 99 -12.44 -6.61 -3.19
CA PRO A 99 -13.32 -7.53 -2.48
C PRO A 99 -14.28 -6.82 -1.53
N SER A 100 -15.40 -7.47 -1.25
CA SER A 100 -16.40 -6.90 -0.35
C SER A 100 -16.62 -7.79 0.87
N SER A 101 -16.02 -7.43 1.99
CA SER A 101 -16.14 -8.20 3.21
C SER A 101 -15.63 -7.41 4.41
N GLY A 102 -14.43 -6.83 4.27
CA GLY A 102 -13.86 -6.05 5.35
C GLY A 102 -14.25 -4.59 5.28
N GLY A 1 -1.63 21.60 -13.92
CA GLY A 1 -2.59 22.47 -13.20
C GLY A 1 -3.67 23.02 -14.09
N SER A 2 -4.91 22.98 -13.60
CA SER A 2 -6.05 23.47 -14.36
C SER A 2 -7.31 23.51 -13.50
N SER A 3 -7.59 22.40 -12.82
CA SER A 3 -8.76 22.30 -11.96
C SER A 3 -8.44 21.52 -10.69
N GLY A 4 -8.02 22.22 -9.65
CA GLY A 4 -7.69 21.57 -8.39
C GLY A 4 -8.91 20.99 -7.71
N SER A 5 -9.01 19.66 -7.70
CA SER A 5 -10.14 18.99 -7.06
C SER A 5 -9.65 17.91 -6.10
N SER A 6 -8.70 17.11 -6.55
CA SER A 6 -8.14 16.04 -5.72
C SER A 6 -7.08 16.58 -4.77
N GLY A 7 -7.37 16.53 -3.48
CA GLY A 7 -6.44 17.02 -2.48
C GLY A 7 -7.12 17.74 -1.34
N LYS A 8 -8.09 17.07 -0.72
CA LYS A 8 -8.83 17.65 0.40
C LYS A 8 -9.18 16.59 1.43
N SER A 9 -9.86 17.00 2.49
CA SER A 9 -10.27 16.08 3.55
C SER A 9 -11.76 16.22 3.87
N PRO A 10 -12.62 15.58 3.05
CA PRO A 10 -14.07 15.63 3.24
C PRO A 10 -14.52 14.85 4.46
N SER A 11 -15.83 14.61 4.56
CA SER A 11 -16.40 13.87 5.68
C SER A 11 -16.33 14.69 6.96
N SER A 12 -15.11 14.92 7.45
CA SER A 12 -14.92 15.68 8.68
C SER A 12 -13.47 16.17 8.79
N PRO A 13 -13.22 17.18 9.64
CA PRO A 13 -11.88 17.72 9.85
C PRO A 13 -10.87 16.64 10.23
N SER A 14 -9.66 17.08 10.61
CA SER A 14 -8.61 16.15 11.00
C SER A 14 -7.92 16.60 12.28
N LEU A 15 -8.20 15.90 13.38
CA LEU A 15 -7.61 16.23 14.67
C LEU A 15 -6.24 15.59 14.83
N GLY A 16 -6.22 14.26 14.83
CA GLY A 16 -4.97 13.53 14.98
C GLY A 16 -4.96 12.23 14.20
N SER A 17 -5.77 12.17 13.14
CA SER A 17 -5.84 10.98 12.30
C SER A 17 -6.25 9.76 13.13
N LEU A 18 -6.46 8.63 12.46
CA LEU A 18 -6.85 7.40 13.12
C LEU A 18 -8.18 7.58 13.87
N GLN A 19 -9.15 8.18 13.19
CA GLN A 19 -10.46 8.41 13.79
C GLN A 19 -11.56 8.18 12.77
N GLN A 20 -11.97 6.92 12.62
CA GLN A 20 -13.02 6.55 11.67
C GLN A 20 -12.63 6.93 10.25
N ARG A 21 -11.33 6.93 9.97
CA ARG A 21 -10.83 7.27 8.66
C ARG A 21 -9.61 6.43 8.29
N GLU A 22 -9.86 5.31 7.63
CA GLU A 22 -8.79 4.40 7.22
C GLU A 22 -7.83 5.11 6.26
N GLY A 23 -8.29 5.37 5.05
CA GLY A 23 -7.46 6.04 4.05
C GLY A 23 -6.38 5.13 3.50
N ALA A 24 -6.72 4.37 2.46
CA ALA A 24 -5.78 3.46 1.83
C ALA A 24 -6.30 2.97 0.49
N LYS A 25 -5.38 2.76 -0.45
CA LYS A 25 -5.75 2.30 -1.78
C LYS A 25 -5.86 0.77 -1.82
N ALA A 26 -4.88 0.10 -1.22
CA ALA A 26 -4.87 -1.35 -1.17
C ALA A 26 -4.91 -1.87 0.26
N GLU A 27 -4.79 -3.18 0.42
CA GLU A 27 -4.82 -3.80 1.74
C GLU A 27 -3.72 -4.85 1.87
N VAL A 28 -3.66 -5.50 3.03
CA VAL A 28 -2.66 -6.52 3.28
C VAL A 28 -3.11 -7.87 2.72
N GLY A 29 -2.50 -8.26 1.60
CA GLY A 29 -2.85 -9.53 0.97
C GLY A 29 -3.65 -9.35 -0.30
N ASP A 30 -3.40 -8.24 -0.99
CA ASP A 30 -4.10 -7.95 -2.25
C ASP A 30 -3.12 -7.70 -3.38
N GLN A 31 -3.49 -8.14 -4.58
CA GLN A 31 -2.63 -7.97 -5.74
C GLN A 31 -2.46 -6.49 -6.09
N VAL A 32 -1.21 -6.07 -6.28
CA VAL A 32 -0.93 -4.68 -6.62
C VAL A 32 0.11 -4.59 -7.72
N LEU A 33 0.38 -3.36 -8.17
CA LEU A 33 1.35 -3.14 -9.24
C LEU A 33 2.20 -1.91 -8.94
N VAL A 34 3.41 -2.14 -8.43
CA VAL A 34 4.33 -1.04 -8.11
C VAL A 34 4.74 -0.28 -9.37
N ALA A 35 4.44 1.01 -9.38
CA ALA A 35 4.79 1.87 -10.51
C ALA A 35 4.14 1.35 -11.79
N GLY A 36 3.01 0.66 -11.65
CA GLY A 36 2.30 0.13 -12.81
C GLY A 36 3.18 -0.77 -13.65
N GLN A 37 4.16 -1.41 -13.02
CA GLN A 37 5.07 -2.30 -13.72
C GLN A 37 5.37 -3.54 -12.88
N LYS A 38 6.15 -3.36 -11.83
CA LYS A 38 6.51 -4.47 -10.94
C LYS A 38 5.27 -5.02 -10.23
N GLN A 39 4.92 -6.26 -10.53
CA GLN A 39 3.76 -6.89 -9.91
C GLN A 39 4.14 -7.53 -8.58
N GLY A 40 3.37 -7.23 -7.54
CA GLY A 40 3.63 -7.78 -6.23
C GLY A 40 2.40 -7.80 -5.34
N ILE A 41 2.54 -8.41 -4.16
CA ILE A 41 1.43 -8.50 -3.23
C ILE A 41 1.79 -7.85 -1.89
N VAL A 42 0.88 -7.02 -1.38
CA VAL A 42 1.11 -6.34 -0.11
C VAL A 42 1.26 -7.34 1.04
N ARG A 43 2.39 -7.29 1.72
CA ARG A 43 2.67 -8.18 2.84
C ARG A 43 2.60 -7.44 4.16
N PHE A 44 2.96 -6.15 4.13
CA PHE A 44 2.94 -5.32 5.33
C PHE A 44 2.65 -3.87 4.99
N TYR A 45 1.46 -3.41 5.35
CA TYR A 45 1.05 -2.03 5.08
C TYR A 45 1.07 -1.19 6.36
N GLY A 46 1.71 -0.04 6.30
CA GLY A 46 1.79 0.84 7.46
C GLY A 46 2.81 1.94 7.29
N LYS A 47 3.23 2.54 8.39
CA LYS A 47 4.21 3.61 8.37
C LYS A 47 5.63 3.06 8.34
N THR A 48 6.61 3.95 8.22
CA THR A 48 8.01 3.56 8.18
C THR A 48 8.89 4.57 8.91
N ASP A 49 10.19 4.34 8.89
CA ASP A 49 11.14 5.22 9.54
C ASP A 49 11.99 5.97 8.51
N PHE A 50 12.31 5.29 7.41
CA PHE A 50 13.12 5.89 6.35
C PHE A 50 12.43 7.12 5.77
N ALA A 51 11.10 7.11 5.79
CA ALA A 51 10.33 8.23 5.26
C ALA A 51 8.90 8.22 5.81
N PRO A 52 8.34 9.40 6.12
CA PRO A 52 6.98 9.52 6.65
C PRO A 52 5.92 9.29 5.59
N GLY A 53 4.74 8.86 6.01
CA GLY A 53 3.66 8.62 5.08
C GLY A 53 3.16 7.18 5.14
N TYR A 54 2.47 6.76 4.08
CA TYR A 54 1.94 5.40 4.01
C TYR A 54 2.65 4.60 2.92
N TRP A 55 3.44 3.62 3.34
CA TRP A 55 4.17 2.77 2.39
C TRP A 55 3.65 1.33 2.44
N TYR A 56 3.94 0.58 1.39
CA TYR A 56 3.50 -0.81 1.30
C TYR A 56 4.69 -1.75 1.22
N GLY A 57 4.71 -2.75 2.10
CA GLY A 57 5.79 -3.71 2.10
C GLY A 57 5.54 -4.87 1.17
N ILE A 58 5.38 -4.58 -0.11
CA ILE A 58 5.13 -5.61 -1.12
C ILE A 58 6.36 -6.47 -1.33
N GLU A 59 6.13 -7.74 -1.66
CA GLU A 59 7.23 -8.67 -1.90
C GLU A 59 7.18 -9.21 -3.33
N LEU A 60 8.26 -8.97 -4.07
CA LEU A 60 8.34 -9.44 -5.46
C LEU A 60 8.52 -10.95 -5.51
N ASP A 61 8.61 -11.49 -6.72
CA ASP A 61 8.78 -12.93 -6.91
C ASP A 61 10.21 -13.26 -7.32
N GLN A 62 10.86 -12.32 -8.00
CA GLN A 62 12.24 -12.53 -8.44
C GLN A 62 13.18 -11.54 -7.75
N PRO A 63 14.44 -11.95 -7.51
CA PRO A 63 15.44 -11.10 -6.86
C PRO A 63 15.70 -9.82 -7.64
N THR A 64 14.96 -8.77 -7.32
CA THR A 64 15.11 -7.48 -7.99
C THR A 64 14.26 -6.41 -7.32
N GLY A 65 14.22 -6.44 -6.00
CA GLY A 65 13.44 -5.46 -5.25
C GLY A 65 14.26 -4.25 -4.86
N LYS A 66 14.63 -4.17 -3.59
CA LYS A 66 15.41 -3.05 -3.08
C LYS A 66 16.10 -3.42 -1.78
N HIS A 67 15.33 -3.98 -0.84
CA HIS A 67 15.86 -4.38 0.46
C HIS A 67 15.48 -5.81 0.78
N ASP A 68 16.05 -6.34 1.86
CA ASP A 68 15.77 -7.71 2.28
C ASP A 68 14.72 -7.73 3.38
N GLY A 69 13.80 -6.77 3.34
CA GLY A 69 12.76 -6.70 4.34
C GLY A 69 13.09 -5.74 5.47
N SER A 70 14.35 -5.78 5.91
CA SER A 70 14.80 -4.91 6.98
C SER A 70 15.53 -3.69 6.43
N VAL A 71 15.08 -2.50 6.84
CA VAL A 71 15.69 -1.26 6.38
C VAL A 71 16.39 -0.53 7.53
N PHE A 72 17.72 -0.43 7.44
CA PHE A 72 18.50 0.24 8.46
C PHE A 72 18.36 -0.48 9.81
N GLY A 73 18.16 -1.79 9.75
CA GLY A 73 18.01 -2.57 10.97
C GLY A 73 16.55 -2.82 11.32
N VAL A 74 15.68 -1.90 10.93
CA VAL A 74 14.25 -2.04 11.21
C VAL A 74 13.60 -3.04 10.25
N ARG A 75 12.95 -4.05 10.81
CA ARG A 75 12.28 -5.07 10.01
C ARG A 75 10.77 -4.86 10.03
N TYR A 76 10.16 -5.00 8.85
CA TYR A 76 8.71 -4.84 8.72
C TYR A 76 8.04 -6.16 8.38
N PHE A 77 8.64 -6.89 7.45
CA PHE A 77 8.10 -8.18 7.02
C PHE A 77 9.21 -9.09 6.51
N THR A 78 8.89 -10.38 6.37
CA THR A 78 9.87 -11.36 5.89
C THR A 78 9.73 -11.55 4.38
N CYS A 79 10.81 -11.29 3.66
CA CYS A 79 10.82 -11.44 2.21
C CYS A 79 12.15 -12.00 1.72
N ALA A 80 12.11 -12.66 0.57
CA ALA A 80 13.33 -13.25 -0.01
C ALA A 80 14.38 -12.17 -0.27
N PRO A 81 15.63 -12.59 -0.51
CA PRO A 81 16.74 -11.66 -0.76
C PRO A 81 16.48 -10.78 -1.99
N ARG A 82 16.37 -9.48 -1.75
CA ARG A 82 16.12 -8.52 -2.83
C ARG A 82 14.76 -8.78 -3.47
N HIS A 83 13.71 -8.78 -2.64
CA HIS A 83 12.35 -9.01 -3.13
C HIS A 83 11.42 -7.89 -2.68
N GLY A 84 11.49 -7.54 -1.40
CA GLY A 84 10.65 -6.49 -0.87
C GLY A 84 10.86 -5.16 -1.57
N VAL A 85 9.77 -4.42 -1.77
CA VAL A 85 9.85 -3.12 -2.44
C VAL A 85 8.81 -2.16 -1.88
N PHE A 86 9.28 -1.08 -1.27
CA PHE A 86 8.39 -0.08 -0.69
C PHE A 86 8.13 1.05 -1.68
N ALA A 87 6.85 1.30 -1.94
CA ALA A 87 6.46 2.36 -2.87
C ALA A 87 5.18 3.04 -2.42
N PRO A 88 5.06 4.37 -2.65
CA PRO A 88 3.88 5.14 -2.26
C PRO A 88 2.60 4.59 -2.90
N ALA A 89 1.51 4.60 -2.14
CA ALA A 89 0.22 4.11 -2.63
C ALA A 89 -0.07 4.68 -4.01
N SER A 90 0.03 6.00 -4.12
CA SER A 90 -0.21 6.68 -5.39
C SER A 90 0.72 6.10 -6.45
N ARG A 91 1.84 5.53 -6.00
CA ARG A 91 2.80 4.93 -6.91
C ARG A 91 2.47 3.46 -7.15
N ILE A 92 1.58 2.91 -6.31
CA ILE A 92 1.18 1.52 -6.45
C ILE A 92 -0.26 1.41 -6.92
N GLN A 93 -0.52 0.44 -7.79
CA GLN A 93 -1.86 0.22 -8.33
C GLN A 93 -2.50 -1.04 -7.74
N ARG A 94 -3.78 -1.23 -8.02
CA ARG A 94 -4.50 -2.40 -7.51
C ARG A 94 -5.08 -3.21 -8.66
N ILE A 95 -4.76 -4.50 -8.69
CA ILE A 95 -5.25 -5.39 -9.74
C ILE A 95 -6.49 -6.15 -9.27
N GLY A 96 -6.35 -6.89 -8.18
CA GLY A 96 -7.47 -7.65 -7.65
C GLY A 96 -7.90 -8.77 -8.59
N SER A 97 -7.00 -9.72 -8.83
CA SER A 97 -7.30 -10.85 -9.70
C SER A 97 -7.45 -12.14 -8.90
N GLY A 98 -8.14 -13.11 -9.48
CA GLY A 98 -8.35 -14.38 -8.81
C GLY A 98 -9.74 -14.93 -9.03
N PRO A 99 -10.07 -16.09 -8.43
CA PRO A 99 -11.39 -16.72 -8.57
C PRO A 99 -12.52 -15.75 -8.24
N SER A 100 -13.75 -16.17 -8.51
CA SER A 100 -14.92 -15.34 -8.26
C SER A 100 -16.17 -16.21 -8.08
N SER A 101 -16.53 -16.95 -9.12
CA SER A 101 -17.69 -17.81 -9.08
C SER A 101 -17.49 -19.05 -9.95
N GLY A 102 -18.46 -19.96 -9.93
CA GLY A 102 -18.37 -21.17 -10.72
C GLY A 102 -19.24 -21.12 -11.96
N GLY A 1 -25.85 -0.18 -15.72
CA GLY A 1 -25.06 -1.05 -14.80
C GLY A 1 -25.16 -0.61 -13.35
N SER A 2 -26.38 -0.41 -12.89
CA SER A 2 -26.61 0.02 -11.50
C SER A 2 -27.82 -0.70 -10.91
N SER A 3 -27.72 -1.05 -9.63
CA SER A 3 -28.80 -1.75 -8.93
C SER A 3 -29.59 -0.78 -8.05
N GLY A 4 -30.72 -0.31 -8.55
CA GLY A 4 -31.54 0.61 -7.79
C GLY A 4 -32.24 -0.07 -6.62
N SER A 5 -33.13 0.67 -5.97
CA SER A 5 -33.87 0.13 -4.83
C SER A 5 -35.02 1.05 -4.44
N SER A 6 -35.92 0.55 -3.59
CA SER A 6 -37.06 1.33 -3.15
C SER A 6 -36.88 1.80 -1.71
N GLY A 7 -36.59 0.85 -0.82
CA GLY A 7 -36.40 1.18 0.58
C GLY A 7 -35.06 0.70 1.11
N LYS A 8 -34.98 -0.60 1.38
CA LYS A 8 -33.76 -1.19 1.90
C LYS A 8 -33.35 -2.42 1.08
N SER A 9 -34.28 -3.36 0.95
CA SER A 9 -34.02 -4.58 0.18
C SER A 9 -32.76 -5.29 0.67
N PRO A 10 -32.88 -6.13 1.71
CA PRO A 10 -31.74 -6.86 2.26
C PRO A 10 -30.97 -7.63 1.20
N SER A 11 -29.98 -6.97 0.59
CA SER A 11 -29.16 -7.59 -0.45
C SER A 11 -27.70 -7.20 -0.29
N SER A 12 -27.43 -5.91 -0.25
CA SER A 12 -26.07 -5.40 -0.10
C SER A 12 -26.03 -4.20 0.84
N PRO A 13 -24.88 -3.96 1.48
CA PRO A 13 -24.71 -2.83 2.41
C PRO A 13 -24.71 -1.49 1.69
N SER A 14 -25.90 -0.93 1.48
CA SER A 14 -26.04 0.35 0.79
C SER A 14 -26.70 1.38 1.71
N LEU A 15 -26.17 2.60 1.71
CA LEU A 15 -26.71 3.67 2.53
C LEU A 15 -26.15 5.03 2.09
N GLY A 16 -26.43 6.05 2.88
CA GLY A 16 -25.95 7.39 2.55
C GLY A 16 -24.45 7.45 2.36
N SER A 17 -24.02 7.56 1.11
CA SER A 17 -22.60 7.63 0.79
C SER A 17 -21.93 8.80 1.49
N LEU A 18 -21.12 8.50 2.50
CA LEU A 18 -20.42 9.54 3.25
C LEU A 18 -18.91 9.47 3.00
N GLN A 19 -18.40 8.25 2.84
CA GLN A 19 -16.98 8.05 2.60
C GLN A 19 -16.57 8.63 1.24
N GLN A 20 -15.43 9.32 1.23
CA GLN A 20 -14.94 9.93 0.00
C GLN A 20 -13.41 9.87 -0.05
N ARG A 21 -12.77 10.26 1.05
CA ARG A 21 -11.31 10.25 1.13
C ARG A 21 -10.82 9.06 1.95
N GLU A 22 -10.08 8.17 1.30
CA GLU A 22 -9.54 7.00 1.97
C GLU A 22 -8.02 7.06 2.06
N GLY A 23 -7.36 7.07 0.89
CA GLY A 23 -5.92 7.12 0.86
C GLY A 23 -5.30 5.81 0.47
N ALA A 24 -5.56 4.77 1.26
CA ALA A 24 -5.01 3.44 1.00
C ALA A 24 -5.80 2.74 -0.10
N LYS A 25 -5.08 2.22 -1.09
CA LYS A 25 -5.72 1.52 -2.20
C LYS A 25 -5.91 0.04 -1.88
N ALA A 26 -4.80 -0.67 -1.70
CA ALA A 26 -4.85 -2.09 -1.39
C ALA A 26 -4.67 -2.33 0.11
N GLU A 27 -4.70 -3.59 0.52
CA GLU A 27 -4.55 -3.96 1.92
C GLU A 27 -3.50 -5.05 2.08
N VAL A 28 -3.24 -5.43 3.33
CA VAL A 28 -2.26 -6.47 3.63
C VAL A 28 -2.71 -7.81 3.08
N GLY A 29 -2.27 -8.12 1.85
CA GLY A 29 -2.64 -9.37 1.23
C GLY A 29 -3.50 -9.18 0.00
N ASP A 30 -3.16 -8.18 -0.81
CA ASP A 30 -3.91 -7.89 -2.03
C ASP A 30 -2.98 -7.65 -3.21
N GLN A 31 -3.40 -8.10 -4.39
CA GLN A 31 -2.60 -7.93 -5.59
C GLN A 31 -2.43 -6.46 -5.94
N VAL A 32 -1.21 -6.06 -6.27
CA VAL A 32 -0.91 -4.68 -6.62
C VAL A 32 0.20 -4.60 -7.66
N LEU A 33 0.45 -3.38 -8.16
CA LEU A 33 1.49 -3.17 -9.16
C LEU A 33 2.35 -1.96 -8.79
N VAL A 34 3.59 -2.22 -8.39
CA VAL A 34 4.51 -1.15 -8.01
C VAL A 34 5.01 -0.41 -9.25
N ALA A 35 4.78 0.91 -9.28
CA ALA A 35 5.21 1.73 -10.40
C ALA A 35 4.59 1.26 -11.71
N GLY A 36 3.44 0.59 -11.60
CA GLY A 36 2.76 0.10 -12.79
C GLY A 36 3.65 -0.79 -13.64
N GLN A 37 4.61 -1.44 -13.00
CA GLN A 37 5.53 -2.33 -13.71
C GLN A 37 5.85 -3.57 -12.87
N LYS A 38 6.47 -3.35 -11.72
CA LYS A 38 6.82 -4.45 -10.82
C LYS A 38 5.59 -5.04 -10.15
N GLN A 39 5.25 -6.27 -10.51
CA GLN A 39 4.08 -6.95 -9.95
C GLN A 39 4.42 -7.56 -8.60
N GLY A 40 3.55 -7.30 -7.61
CA GLY A 40 3.77 -7.84 -6.28
C GLY A 40 2.53 -7.79 -5.43
N ILE A 41 2.63 -8.28 -4.20
CA ILE A 41 1.50 -8.29 -3.28
C ILE A 41 1.89 -7.67 -1.94
N VAL A 42 0.99 -6.85 -1.39
CA VAL A 42 1.24 -6.20 -0.11
C VAL A 42 1.40 -7.22 1.01
N ARG A 43 2.49 -7.11 1.75
CA ARG A 43 2.76 -8.02 2.86
C ARG A 43 2.68 -7.31 4.20
N PHE A 44 3.09 -6.03 4.21
CA PHE A 44 3.06 -5.24 5.43
C PHE A 44 2.69 -3.79 5.12
N TYR A 45 1.51 -3.37 5.56
CA TYR A 45 1.04 -2.01 5.34
C TYR A 45 1.14 -1.18 6.61
N GLY A 46 1.87 -0.08 6.54
CA GLY A 46 2.03 0.79 7.70
C GLY A 46 3.16 1.79 7.52
N LYS A 47 3.28 2.71 8.48
CA LYS A 47 4.33 3.72 8.43
C LYS A 47 5.69 3.10 8.67
N THR A 48 6.74 3.77 8.17
CA THR A 48 8.10 3.29 8.33
C THR A 48 8.95 4.29 9.12
N ASP A 49 10.22 3.98 9.28
CA ASP A 49 11.13 4.85 10.02
C ASP A 49 12.08 5.57 9.07
N PHE A 50 12.40 4.93 7.95
CA PHE A 50 13.29 5.52 6.96
C PHE A 50 12.63 6.67 6.23
N ALA A 51 11.35 6.49 5.90
CA ALA A 51 10.58 7.51 5.19
C ALA A 51 9.18 7.66 5.79
N PRO A 52 8.65 8.90 5.81
CA PRO A 52 7.32 9.17 6.36
C PRO A 52 6.21 8.75 5.41
N GLY A 53 4.97 8.76 5.90
CA GLY A 53 3.84 8.38 5.07
C GLY A 53 3.53 6.90 5.17
N TYR A 54 2.49 6.47 4.45
CA TYR A 54 2.09 5.07 4.46
C TYR A 54 2.77 4.31 3.33
N TRP A 55 3.61 3.34 3.70
CA TRP A 55 4.33 2.54 2.72
C TRP A 55 3.80 1.10 2.71
N TYR A 56 3.83 0.49 1.53
CA TYR A 56 3.35 -0.89 1.37
C TYR A 56 4.53 -1.86 1.25
N GLY A 57 4.59 -2.82 2.16
CA GLY A 57 5.67 -3.80 2.13
C GLY A 57 5.40 -4.91 1.14
N ILE A 58 5.30 -4.55 -0.14
CA ILE A 58 5.06 -5.53 -1.19
C ILE A 58 6.27 -6.42 -1.42
N GLU A 59 6.01 -7.70 -1.62
CA GLU A 59 7.08 -8.68 -1.84
C GLU A 59 7.08 -9.16 -3.30
N LEU A 60 8.25 -9.13 -3.92
CA LEU A 60 8.39 -9.56 -5.30
C LEU A 60 8.60 -11.07 -5.39
N ASP A 61 8.60 -11.60 -6.60
CA ASP A 61 8.79 -13.03 -6.81
C ASP A 61 10.21 -13.33 -7.30
N GLN A 62 10.78 -12.39 -8.04
CA GLN A 62 12.13 -12.54 -8.56
C GLN A 62 13.08 -11.53 -7.94
N PRO A 63 14.36 -11.90 -7.76
CA PRO A 63 15.37 -11.02 -7.17
C PRO A 63 15.53 -9.71 -7.95
N THR A 64 14.67 -8.74 -7.65
CA THR A 64 14.71 -7.45 -8.33
C THR A 64 14.07 -6.37 -7.49
N GLY A 65 14.22 -6.47 -6.17
CA GLY A 65 13.65 -5.50 -5.27
C GLY A 65 14.64 -4.42 -4.87
N LYS A 66 14.35 -3.73 -3.77
CA LYS A 66 15.22 -2.67 -3.29
C LYS A 66 15.93 -3.09 -2.00
N HIS A 67 15.26 -3.92 -1.21
CA HIS A 67 15.83 -4.40 0.05
C HIS A 67 15.39 -5.83 0.34
N ASP A 68 15.81 -6.37 1.48
CA ASP A 68 15.47 -7.72 1.87
C ASP A 68 14.60 -7.72 3.13
N GLY A 69 13.34 -7.32 2.98
CA GLY A 69 12.44 -7.28 4.11
C GLY A 69 12.65 -6.05 4.98
N SER A 70 13.75 -6.04 5.73
CA SER A 70 14.07 -4.92 6.61
C SER A 70 14.84 -3.83 5.85
N VAL A 71 14.68 -2.59 6.29
CA VAL A 71 15.35 -1.47 5.66
C VAL A 71 16.12 -0.63 6.69
N PHE A 72 17.43 -0.57 6.53
CA PHE A 72 18.27 0.19 7.45
C PHE A 72 18.17 -0.34 8.87
N GLY A 73 17.93 -1.65 8.98
CA GLY A 73 17.80 -2.26 10.29
C GLY A 73 16.36 -2.48 10.70
N VAL A 74 15.48 -1.61 10.22
CA VAL A 74 14.06 -1.72 10.53
C VAL A 74 13.40 -2.84 9.75
N ARG A 75 12.91 -3.85 10.46
CA ARG A 75 12.25 -4.99 9.83
C ARG A 75 10.74 -4.78 9.77
N TYR A 76 10.12 -5.32 8.73
CA TYR A 76 8.68 -5.19 8.54
C TYR A 76 8.06 -6.54 8.19
N PHE A 77 8.66 -7.23 7.23
CA PHE A 77 8.16 -8.54 6.80
C PHE A 77 9.28 -9.37 6.18
N THR A 78 9.12 -10.69 6.23
CA THR A 78 10.12 -11.60 5.68
C THR A 78 9.90 -11.80 4.20
N CYS A 79 11.01 -11.86 3.44
CA CYS A 79 10.93 -12.05 2.00
C CYS A 79 12.30 -12.46 1.44
N ALA A 80 12.29 -13.01 0.22
CA ALA A 80 13.52 -13.44 -0.42
C ALA A 80 14.48 -12.28 -0.60
N PRO A 81 15.75 -12.57 -0.91
CA PRO A 81 16.78 -11.53 -1.10
C PRO A 81 16.46 -10.60 -2.25
N ARG A 82 16.37 -9.31 -1.97
CA ARG A 82 16.07 -8.31 -2.99
C ARG A 82 14.69 -8.57 -3.60
N HIS A 83 13.68 -8.68 -2.76
CA HIS A 83 12.32 -8.93 -3.21
C HIS A 83 11.37 -7.84 -2.71
N GLY A 84 11.49 -7.50 -1.44
CA GLY A 84 10.64 -6.48 -0.87
C GLY A 84 10.79 -5.13 -1.56
N VAL A 85 9.70 -4.39 -1.64
CA VAL A 85 9.72 -3.08 -2.29
C VAL A 85 8.68 -2.15 -1.67
N PHE A 86 9.15 -1.08 -1.04
CA PHE A 86 8.27 -0.12 -0.40
C PHE A 86 8.04 1.09 -1.31
N ALA A 87 6.83 1.19 -1.85
CA ALA A 87 6.48 2.29 -2.74
C ALA A 87 5.19 2.97 -2.29
N PRO A 88 5.08 4.29 -2.47
CA PRO A 88 3.89 5.05 -2.08
C PRO A 88 2.62 4.53 -2.76
N ALA A 89 1.51 4.53 -2.03
CA ALA A 89 0.24 4.08 -2.56
C ALA A 89 -0.02 4.69 -3.92
N SER A 90 0.09 6.02 -3.99
CA SER A 90 -0.10 6.74 -5.24
C SER A 90 0.84 6.18 -6.31
N ARG A 91 1.94 5.57 -5.86
CA ARG A 91 2.90 4.99 -6.77
C ARG A 91 2.55 3.52 -7.06
N ILE A 92 1.65 2.97 -6.25
CA ILE A 92 1.22 1.58 -6.42
C ILE A 92 -0.18 1.51 -7.02
N GLN A 93 -0.50 0.40 -7.67
CA GLN A 93 -1.81 0.21 -8.28
C GLN A 93 -2.51 -1.01 -7.70
N ARG A 94 -3.76 -1.23 -8.12
CA ARG A 94 -4.54 -2.37 -7.64
C ARG A 94 -5.00 -3.23 -8.80
N ILE A 95 -4.42 -4.43 -8.90
CA ILE A 95 -4.78 -5.36 -9.97
C ILE A 95 -6.05 -6.14 -9.63
N GLY A 96 -6.23 -6.41 -8.34
CA GLY A 96 -7.41 -7.14 -7.90
C GLY A 96 -8.69 -6.39 -8.16
N SER A 97 -9.64 -6.49 -7.23
CA SER A 97 -10.92 -5.82 -7.37
C SER A 97 -11.66 -6.29 -8.62
N GLY A 98 -12.50 -7.31 -8.44
CA GLY A 98 -13.26 -7.84 -9.56
C GLY A 98 -12.75 -9.20 -10.01
N PRO A 99 -13.64 -10.04 -10.59
CA PRO A 99 -13.27 -11.38 -11.06
C PRO A 99 -12.36 -11.32 -12.28
N SER A 100 -11.05 -11.36 -12.05
CA SER A 100 -10.08 -11.32 -13.14
C SER A 100 -10.07 -12.63 -13.90
N SER A 101 -9.97 -12.54 -15.23
CA SER A 101 -9.95 -13.72 -16.08
C SER A 101 -8.59 -14.39 -16.05
N GLY A 102 -8.41 -15.41 -16.89
CA GLY A 102 -7.15 -16.12 -16.93
C GLY A 102 -6.89 -16.92 -15.68
N GLY A 1 -39.61 26.86 2.57
CA GLY A 1 -38.34 27.00 1.81
C GLY A 1 -38.55 27.04 0.31
N SER A 2 -37.62 26.46 -0.44
CA SER A 2 -37.72 26.43 -1.89
C SER A 2 -36.62 25.56 -2.49
N SER A 3 -36.97 24.81 -3.52
CA SER A 3 -36.01 23.93 -4.18
C SER A 3 -36.25 23.89 -5.69
N GLY A 4 -35.23 23.48 -6.44
CA GLY A 4 -35.36 23.42 -7.88
C GLY A 4 -34.02 23.44 -8.58
N SER A 5 -33.07 22.65 -8.08
CA SER A 5 -31.74 22.59 -8.66
C SER A 5 -31.54 21.29 -9.44
N SER A 6 -30.93 21.40 -10.62
CA SER A 6 -30.69 20.24 -11.45
C SER A 6 -29.78 19.23 -10.75
N GLY A 7 -30.36 18.09 -10.37
CA GLY A 7 -29.59 17.07 -9.69
C GLY A 7 -30.38 16.40 -8.57
N LYS A 8 -30.02 15.16 -8.26
CA LYS A 8 -30.69 14.41 -7.21
C LYS A 8 -29.70 13.56 -6.42
N SER A 9 -29.05 14.19 -5.44
CA SER A 9 -28.08 13.49 -4.60
C SER A 9 -28.04 14.09 -3.19
N PRO A 10 -28.90 13.59 -2.28
CA PRO A 10 -28.95 14.07 -0.91
C PRO A 10 -27.70 13.71 -0.11
N SER A 11 -27.07 12.61 -0.49
CA SER A 11 -25.86 12.16 0.19
C SER A 11 -24.63 12.90 -0.32
N SER A 12 -23.86 13.45 0.60
CA SER A 12 -22.65 14.20 0.24
C SER A 12 -21.51 13.25 -0.12
N PRO A 13 -20.60 13.68 -1.00
CA PRO A 13 -19.46 12.87 -1.42
C PRO A 13 -18.66 12.33 -0.24
N SER A 14 -18.28 13.22 0.67
CA SER A 14 -17.52 12.83 1.84
C SER A 14 -18.06 13.52 3.09
N LEU A 15 -17.56 13.10 4.25
CA LEU A 15 -18.00 13.68 5.53
C LEU A 15 -17.02 13.34 6.64
N GLY A 16 -15.75 13.24 6.29
CA GLY A 16 -14.73 12.92 7.28
C GLY A 16 -13.93 11.68 6.90
N SER A 17 -13.60 11.56 5.63
CA SER A 17 -12.84 10.41 5.14
C SER A 17 -11.35 10.59 5.42
N LEU A 18 -10.85 11.80 5.19
CA LEU A 18 -9.44 12.10 5.42
C LEU A 18 -9.28 13.04 6.61
N GLN A 19 -10.08 12.81 7.65
CA GLN A 19 -10.02 13.63 8.84
C GLN A 19 -9.17 12.96 9.92
N GLN A 20 -7.98 13.50 10.15
CA GLN A 20 -7.07 12.95 11.16
C GLN A 20 -6.70 11.51 10.83
N ARG A 21 -6.64 11.20 9.54
CA ARG A 21 -6.29 9.86 9.09
C ARG A 21 -5.98 9.84 7.61
N GLU A 22 -5.45 8.72 7.13
CA GLU A 22 -5.10 8.57 5.72
C GLU A 22 -6.02 7.57 5.03
N GLY A 23 -5.99 7.57 3.70
CA GLY A 23 -6.83 6.65 2.94
C GLY A 23 -6.02 5.61 2.20
N ALA A 24 -6.14 4.36 2.61
CA ALA A 24 -5.41 3.27 1.98
C ALA A 24 -6.20 2.69 0.81
N LYS A 25 -5.52 2.44 -0.30
CA LYS A 25 -6.16 1.88 -1.49
C LYS A 25 -6.09 0.36 -1.49
N ALA A 26 -4.92 -0.18 -1.16
CA ALA A 26 -4.72 -1.62 -1.11
C ALA A 26 -4.57 -2.12 0.32
N GLU A 27 -4.67 -3.43 0.50
CA GLU A 27 -4.55 -4.03 1.83
C GLU A 27 -3.47 -5.10 1.83
N VAL A 28 -3.09 -5.54 3.04
CA VAL A 28 -2.06 -6.57 3.18
C VAL A 28 -2.58 -7.93 2.71
N GLY A 29 -2.20 -8.31 1.50
CA GLY A 29 -2.63 -9.59 0.95
C GLY A 29 -3.50 -9.43 -0.28
N ASP A 30 -3.13 -8.49 -1.14
CA ASP A 30 -3.88 -8.24 -2.36
C ASP A 30 -2.94 -7.89 -3.52
N GLN A 31 -3.32 -8.29 -4.72
CA GLN A 31 -2.51 -8.03 -5.91
C GLN A 31 -2.32 -6.53 -6.10
N VAL A 32 -1.10 -6.13 -6.43
CA VAL A 32 -0.78 -4.73 -6.65
C VAL A 32 0.34 -4.56 -7.68
N LEU A 33 0.46 -3.36 -8.23
CA LEU A 33 1.48 -3.07 -9.22
C LEU A 33 2.26 -1.81 -8.86
N VAL A 34 3.48 -1.99 -8.38
CA VAL A 34 4.32 -0.86 -7.99
C VAL A 34 4.85 -0.11 -9.21
N ALA A 35 4.60 1.19 -9.26
CA ALA A 35 5.04 2.02 -10.37
C ALA A 35 4.49 1.50 -11.70
N GLY A 36 3.37 0.80 -11.64
CA GLY A 36 2.76 0.26 -12.84
C GLY A 36 3.72 -0.64 -13.62
N GLN A 37 4.59 -1.33 -12.89
CA GLN A 37 5.55 -2.23 -13.52
C GLN A 37 5.75 -3.48 -12.67
N LYS A 38 6.34 -3.31 -11.49
CA LYS A 38 6.59 -4.42 -10.59
C LYS A 38 5.29 -4.91 -9.95
N GLN A 39 4.88 -6.13 -10.33
CA GLN A 39 3.66 -6.71 -9.79
C GLN A 39 3.95 -7.56 -8.56
N GLY A 40 3.19 -7.32 -7.49
CA GLY A 40 3.38 -8.07 -6.26
C GLY A 40 2.18 -8.00 -5.35
N ILE A 41 2.35 -8.47 -4.11
CA ILE A 41 1.27 -8.46 -3.13
C ILE A 41 1.73 -7.82 -1.83
N VAL A 42 0.91 -6.92 -1.30
CA VAL A 42 1.22 -6.24 -0.05
C VAL A 42 1.38 -7.22 1.09
N ARG A 43 2.53 -7.17 1.77
CA ARG A 43 2.81 -8.06 2.89
C ARG A 43 2.81 -7.30 4.20
N PHE A 44 3.24 -6.04 4.15
CA PHE A 44 3.30 -5.20 5.35
C PHE A 44 2.95 -3.75 5.01
N TYR A 45 1.83 -3.28 5.54
CA TYR A 45 1.38 -1.92 5.30
C TYR A 45 1.43 -1.10 6.58
N GLY A 46 2.33 -0.13 6.63
CA GLY A 46 2.47 0.72 7.80
C GLY A 46 3.38 1.91 7.57
N LYS A 47 4.03 2.36 8.62
CA LYS A 47 4.93 3.50 8.53
C LYS A 47 6.37 3.04 8.37
N THR A 48 7.26 3.97 8.04
CA THR A 48 8.67 3.66 7.86
C THR A 48 9.54 4.66 8.61
N ASP A 49 10.86 4.45 8.55
CA ASP A 49 11.81 5.34 9.22
C ASP A 49 12.65 6.12 8.20
N PHE A 50 12.96 5.47 7.09
CA PHE A 50 13.76 6.10 6.05
C PHE A 50 13.04 7.30 5.46
N ALA A 51 11.71 7.24 5.44
CA ALA A 51 10.91 8.33 4.91
C ALA A 51 9.53 8.38 5.58
N PRO A 52 8.93 9.59 5.66
CA PRO A 52 7.61 9.77 6.28
C PRO A 52 6.48 9.17 5.45
N GLY A 53 5.25 9.35 5.91
CA GLY A 53 4.11 8.82 5.19
C GLY A 53 3.97 7.32 5.35
N TYR A 54 2.98 6.75 4.67
CA TYR A 54 2.74 5.31 4.74
C TYR A 54 3.14 4.62 3.44
N TRP A 55 3.88 3.52 3.56
CA TRP A 55 4.33 2.78 2.39
C TRP A 55 3.82 1.34 2.43
N TYR A 56 4.05 0.61 1.35
CA TYR A 56 3.60 -0.78 1.25
C TYR A 56 4.79 -1.72 1.13
N GLY A 57 4.84 -2.73 1.99
CA GLY A 57 5.92 -3.69 1.96
C GLY A 57 5.61 -4.88 1.06
N ILE A 58 5.47 -4.62 -0.23
CA ILE A 58 5.19 -5.68 -1.19
C ILE A 58 6.39 -6.59 -1.40
N GLU A 59 6.13 -7.88 -1.50
CA GLU A 59 7.19 -8.87 -1.70
C GLU A 59 7.15 -9.44 -3.11
N LEU A 60 8.15 -9.09 -3.91
CA LEU A 60 8.22 -9.57 -5.29
C LEU A 60 8.39 -11.09 -5.33
N ASP A 61 8.22 -11.67 -6.51
CA ASP A 61 8.34 -13.11 -6.68
C ASP A 61 9.73 -13.48 -7.19
N GLN A 62 10.37 -12.54 -7.88
CA GLN A 62 11.71 -12.77 -8.42
C GLN A 62 12.69 -11.71 -7.93
N PRO A 63 13.98 -12.05 -7.84
CA PRO A 63 15.02 -11.12 -7.38
C PRO A 63 15.09 -9.87 -8.24
N THR A 64 14.37 -8.84 -7.83
CA THR A 64 14.35 -7.57 -8.57
C THR A 64 13.73 -6.46 -7.72
N GLY A 65 14.00 -6.49 -6.42
CA GLY A 65 13.47 -5.47 -5.54
C GLY A 65 14.49 -4.38 -5.22
N LYS A 66 14.51 -3.95 -3.96
CA LYS A 66 15.43 -2.90 -3.54
C LYS A 66 16.14 -3.31 -2.25
N HIS A 67 15.37 -3.79 -1.29
CA HIS A 67 15.92 -4.21 0.00
C HIS A 67 15.49 -5.63 0.34
N ASP A 68 16.02 -6.16 1.43
CA ASP A 68 15.69 -7.51 1.87
C ASP A 68 14.63 -7.49 2.96
N GLY A 69 13.56 -6.74 2.72
CA GLY A 69 12.49 -6.65 3.69
C GLY A 69 12.75 -5.59 4.75
N SER A 70 13.83 -5.79 5.52
CA SER A 70 14.19 -4.86 6.57
C SER A 70 14.93 -3.64 6.00
N VAL A 71 14.81 -2.51 6.68
CA VAL A 71 15.45 -1.28 6.24
C VAL A 71 16.16 -0.58 7.39
N PHE A 72 17.48 -0.45 7.28
CA PHE A 72 18.27 0.21 8.33
C PHE A 72 18.15 -0.53 9.65
N GLY A 73 17.96 -1.85 9.56
CA GLY A 73 17.83 -2.65 10.77
C GLY A 73 16.39 -2.95 11.12
N VAL A 74 15.49 -2.04 10.74
CA VAL A 74 14.07 -2.21 11.01
C VAL A 74 13.46 -3.28 10.11
N ARG A 75 12.72 -4.20 10.72
CA ARG A 75 12.08 -5.28 9.98
C ARG A 75 10.65 -4.91 9.61
N TYR A 76 10.21 -5.35 8.42
CA TYR A 76 8.86 -5.06 7.95
C TYR A 76 8.13 -6.35 7.60
N PHE A 77 8.81 -7.23 6.89
CA PHE A 77 8.22 -8.51 6.48
C PHE A 77 9.30 -9.46 5.97
N THR A 78 8.88 -10.67 5.62
CA THR A 78 9.81 -11.69 5.12
C THR A 78 9.77 -11.76 3.60
N CYS A 79 10.93 -11.60 2.97
CA CYS A 79 11.02 -11.64 1.51
C CYS A 79 12.39 -12.14 1.07
N ALA A 80 12.45 -12.71 -0.13
CA ALA A 80 13.70 -13.23 -0.67
C ALA A 80 14.68 -12.10 -0.96
N PRO A 81 15.96 -12.44 -1.21
CA PRO A 81 17.00 -11.45 -1.51
C PRO A 81 16.60 -10.52 -2.64
N ARG A 82 16.49 -9.23 -2.34
CA ARG A 82 16.11 -8.23 -3.33
C ARG A 82 14.71 -8.50 -3.87
N HIS A 83 13.73 -8.53 -2.97
CA HIS A 83 12.35 -8.77 -3.35
C HIS A 83 11.44 -7.68 -2.81
N GLY A 84 11.60 -7.35 -1.53
CA GLY A 84 10.78 -6.33 -0.92
C GLY A 84 10.98 -4.97 -1.56
N VAL A 85 9.88 -4.24 -1.73
CA VAL A 85 9.94 -2.90 -2.33
C VAL A 85 8.87 -1.99 -1.75
N PHE A 86 9.31 -0.85 -1.22
CA PHE A 86 8.38 0.10 -0.62
C PHE A 86 8.10 1.26 -1.58
N ALA A 87 6.84 1.45 -1.93
CA ALA A 87 6.43 2.51 -2.84
C ALA A 87 5.12 3.15 -2.39
N PRO A 88 4.98 4.48 -2.59
CA PRO A 88 3.77 5.21 -2.20
C PRO A 88 2.50 4.61 -2.83
N ALA A 89 1.42 4.58 -2.05
CA ALA A 89 0.16 4.04 -2.53
C ALA A 89 -0.19 4.61 -3.90
N SER A 90 -0.13 5.94 -4.00
CA SER A 90 -0.39 6.61 -5.26
C SER A 90 0.53 6.07 -6.34
N ARG A 91 1.67 5.53 -5.92
CA ARG A 91 2.62 4.95 -6.85
C ARG A 91 2.30 3.48 -7.11
N ILE A 92 1.45 2.90 -6.26
CA ILE A 92 1.06 1.50 -6.41
C ILE A 92 -0.36 1.39 -6.97
N GLN A 93 -0.59 0.36 -7.76
CA GLN A 93 -1.90 0.13 -8.37
C GLN A 93 -2.53 -1.16 -7.85
N ARG A 94 -3.72 -1.46 -8.33
CA ARG A 94 -4.44 -2.67 -7.91
C ARG A 94 -4.84 -3.50 -9.12
N ILE A 95 -4.77 -4.82 -8.97
CA ILE A 95 -5.13 -5.74 -10.05
C ILE A 95 -6.32 -6.62 -9.66
N GLY A 96 -6.35 -7.02 -8.39
CA GLY A 96 -7.43 -7.86 -7.91
C GLY A 96 -8.75 -7.11 -7.81
N SER A 97 -9.29 -6.72 -8.97
CA SER A 97 -10.55 -5.98 -9.01
C SER A 97 -11.58 -6.75 -9.83
N GLY A 98 -12.83 -6.28 -9.79
CA GLY A 98 -13.89 -6.94 -10.53
C GLY A 98 -14.77 -5.95 -11.28
N PRO A 99 -14.19 -5.20 -12.23
CA PRO A 99 -14.95 -4.21 -13.02
C PRO A 99 -16.12 -4.84 -13.76
N SER A 100 -15.91 -6.07 -14.24
CA SER A 100 -16.96 -6.78 -14.97
C SER A 100 -17.56 -7.88 -14.11
N SER A 101 -18.46 -8.66 -14.71
CA SER A 101 -19.12 -9.75 -13.99
C SER A 101 -18.25 -11.00 -13.98
N GLY A 102 -18.20 -11.68 -12.83
CA GLY A 102 -17.41 -12.88 -12.71
C GLY A 102 -18.14 -14.12 -13.21
N GLY A 1 -24.12 16.81 -12.20
CA GLY A 1 -22.75 17.41 -12.09
C GLY A 1 -22.63 18.69 -12.88
N SER A 2 -23.38 19.71 -12.47
CA SER A 2 -23.34 21.01 -13.15
C SER A 2 -23.10 22.13 -12.15
N SER A 3 -21.94 22.77 -12.26
CA SER A 3 -21.58 23.87 -11.37
C SER A 3 -21.56 23.41 -9.91
N GLY A 4 -21.21 22.14 -9.71
CA GLY A 4 -21.15 21.59 -8.36
C GLY A 4 -19.75 21.15 -7.97
N SER A 5 -19.19 21.81 -6.97
CA SER A 5 -17.86 21.49 -6.49
C SER A 5 -17.72 21.75 -4.99
N SER A 6 -16.82 21.01 -4.35
CA SER A 6 -16.60 21.16 -2.92
C SER A 6 -15.43 22.09 -2.64
N GLY A 7 -15.56 22.91 -1.61
CA GLY A 7 -14.50 23.84 -1.25
C GLY A 7 -15.05 25.15 -0.70
N LYS A 8 -15.00 25.30 0.62
CA LYS A 8 -15.49 26.50 1.27
C LYS A 8 -14.65 26.84 2.50
N SER A 9 -14.62 25.90 3.45
CA SER A 9 -13.85 26.09 4.67
C SER A 9 -13.40 24.75 5.25
N PRO A 10 -12.46 24.77 6.20
CA PRO A 10 -11.94 23.54 6.83
C PRO A 10 -13.00 22.83 7.66
N SER A 11 -13.25 21.58 7.33
CA SER A 11 -14.24 20.78 8.05
C SER A 11 -13.61 20.09 9.26
N SER A 12 -14.41 19.29 9.96
CA SER A 12 -13.93 18.56 11.14
C SER A 12 -14.24 17.08 11.02
N PRO A 13 -13.33 16.22 11.54
CA PRO A 13 -13.51 14.76 11.48
C PRO A 13 -14.56 14.28 12.47
N SER A 14 -14.59 14.89 13.65
CA SER A 14 -15.55 14.52 14.68
C SER A 14 -16.78 15.42 14.64
N LEU A 15 -17.25 15.71 13.43
CA LEU A 15 -18.43 16.55 13.26
C LEU A 15 -18.95 16.47 11.82
N GLY A 16 -19.85 15.52 11.59
CA GLY A 16 -20.41 15.35 10.27
C GLY A 16 -19.78 14.19 9.51
N SER A 17 -18.47 14.27 9.29
CA SER A 17 -17.75 13.22 8.58
C SER A 17 -18.29 13.06 7.16
N LEU A 18 -17.49 12.46 6.29
CA LEU A 18 -17.88 12.25 4.90
C LEU A 18 -18.14 10.77 4.63
N GLN A 19 -17.41 9.91 5.35
CA GLN A 19 -17.57 8.46 5.19
C GLN A 19 -17.22 8.04 3.76
N GLN A 20 -16.14 8.61 3.23
CA GLN A 20 -15.69 8.28 1.88
C GLN A 20 -14.22 8.61 1.70
N ARG A 21 -13.81 9.78 2.16
CA ARG A 21 -12.42 10.21 2.06
C ARG A 21 -11.52 9.37 2.96
N GLU A 22 -10.68 8.55 2.35
CA GLU A 22 -9.77 7.70 3.11
C GLU A 22 -8.32 8.06 2.80
N GLY A 23 -7.89 7.83 1.56
CA GLY A 23 -6.53 8.13 1.17
C GLY A 23 -5.70 6.89 0.93
N ALA A 24 -6.37 5.81 0.53
CA ALA A 24 -5.68 4.55 0.25
C ALA A 24 -6.21 3.92 -1.03
N LYS A 25 -5.65 2.75 -1.38
CA LYS A 25 -6.05 2.04 -2.58
C LYS A 25 -6.01 0.53 -2.36
N ALA A 26 -4.90 0.05 -1.80
CA ALA A 26 -4.73 -1.36 -1.54
C ALA A 26 -4.54 -1.63 -0.05
N GLU A 27 -4.54 -2.91 0.33
CA GLU A 27 -4.37 -3.30 1.72
C GLU A 27 -3.47 -4.52 1.83
N VAL A 28 -3.21 -4.95 3.06
CA VAL A 28 -2.36 -6.11 3.31
C VAL A 28 -3.08 -7.41 2.92
N GLY A 29 -2.55 -8.10 1.93
CA GLY A 29 -3.15 -9.34 1.48
C GLY A 29 -3.95 -9.17 0.20
N ASP A 30 -3.49 -8.28 -0.68
CA ASP A 30 -4.16 -8.02 -1.94
C ASP A 30 -3.16 -7.81 -3.06
N GLN A 31 -3.53 -8.20 -4.27
CA GLN A 31 -2.66 -8.05 -5.43
C GLN A 31 -2.57 -6.59 -5.86
N VAL A 32 -1.36 -6.15 -6.19
CA VAL A 32 -1.14 -4.77 -6.60
C VAL A 32 -0.03 -4.68 -7.64
N LEU A 33 0.23 -3.47 -8.13
CA LEU A 33 1.27 -3.25 -9.13
C LEU A 33 2.11 -2.04 -8.77
N VAL A 34 3.38 -2.29 -8.44
CA VAL A 34 4.30 -1.22 -8.07
C VAL A 34 4.77 -0.46 -9.30
N ALA A 35 4.56 0.86 -9.30
CA ALA A 35 4.97 1.69 -10.41
C ALA A 35 4.30 1.26 -11.71
N GLY A 36 3.15 0.62 -11.59
CA GLY A 36 2.42 0.15 -12.76
C GLY A 36 3.26 -0.76 -13.65
N GLN A 37 4.22 -1.45 -13.03
CA GLN A 37 5.09 -2.35 -13.77
C GLN A 37 5.40 -3.60 -12.95
N LYS A 38 6.17 -3.42 -11.88
CA LYS A 38 6.54 -4.53 -11.01
C LYS A 38 5.32 -5.07 -10.27
N GLN A 39 5.01 -6.35 -10.48
CA GLN A 39 3.87 -6.98 -9.84
C GLN A 39 4.26 -7.55 -8.48
N GLY A 40 3.44 -7.27 -7.48
CA GLY A 40 3.71 -7.76 -6.14
C GLY A 40 2.50 -7.71 -5.24
N ILE A 41 2.61 -8.33 -4.07
CA ILE A 41 1.50 -8.36 -3.12
C ILE A 41 1.86 -7.62 -1.83
N VAL A 42 0.87 -6.98 -1.22
CA VAL A 42 1.09 -6.24 0.02
C VAL A 42 1.37 -7.19 1.18
N ARG A 43 2.50 -6.96 1.85
CA ARG A 43 2.89 -7.80 2.98
C ARG A 43 2.83 -7.01 4.29
N PHE A 44 3.32 -5.77 4.25
CA PHE A 44 3.33 -4.91 5.42
C PHE A 44 2.90 -3.49 5.06
N TYR A 45 1.74 -3.08 5.58
CA TYR A 45 1.21 -1.75 5.30
C TYR A 45 1.19 -0.91 6.57
N GLY A 46 1.71 0.31 6.47
CA GLY A 46 1.75 1.20 7.62
C GLY A 46 2.83 2.26 7.50
N LYS A 47 3.04 3.01 8.58
CA LYS A 47 4.05 4.06 8.60
C LYS A 47 5.46 3.46 8.57
N THR A 48 6.42 4.24 8.08
CA THR A 48 7.80 3.78 8.00
C THR A 48 8.73 4.71 8.77
N ASP A 49 9.98 4.29 8.95
CA ASP A 49 10.96 5.08 9.67
C ASP A 49 11.91 5.80 8.70
N PHE A 50 12.16 5.16 7.56
CA PHE A 50 13.05 5.73 6.56
C PHE A 50 12.38 6.89 5.83
N ALA A 51 11.05 6.80 5.68
CA ALA A 51 10.29 7.85 5.01
C ALA A 51 8.96 8.11 5.73
N PRO A 52 8.48 9.37 5.69
CA PRO A 52 7.22 9.75 6.33
C PRO A 52 6.01 9.19 5.59
N GLY A 53 4.82 9.44 6.16
CA GLY A 53 3.60 8.97 5.54
C GLY A 53 3.43 7.47 5.67
N TYR A 54 2.65 6.88 4.75
CA TYR A 54 2.40 5.45 4.77
C TYR A 54 2.98 4.78 3.52
N TRP A 55 3.60 3.63 3.71
CA TRP A 55 4.20 2.89 2.60
C TRP A 55 3.70 1.46 2.57
N TYR A 56 3.90 0.77 1.44
CA TYR A 56 3.46 -0.61 1.28
C TYR A 56 4.65 -1.54 1.13
N GLY A 57 4.77 -2.50 2.04
CA GLY A 57 5.87 -3.45 1.98
C GLY A 57 5.60 -4.59 1.02
N ILE A 58 5.42 -4.26 -0.25
CA ILE A 58 5.15 -5.27 -1.27
C ILE A 58 6.38 -6.14 -1.52
N GLU A 59 6.15 -7.41 -1.80
CA GLU A 59 7.24 -8.34 -2.07
C GLU A 59 7.23 -8.80 -3.53
N LEU A 60 8.39 -8.77 -4.16
CA LEU A 60 8.50 -9.18 -5.56
C LEU A 60 8.89 -10.65 -5.66
N ASP A 61 8.61 -11.25 -6.81
CA ASP A 61 8.92 -12.65 -7.04
C ASP A 61 10.21 -12.80 -7.86
N GLN A 62 11.11 -11.85 -7.69
CA GLN A 62 12.39 -11.87 -8.41
C GLN A 62 13.44 -11.05 -7.68
N PRO A 63 14.73 -11.44 -7.80
CA PRO A 63 15.83 -10.74 -7.14
C PRO A 63 16.10 -9.38 -7.77
N THR A 64 15.12 -8.48 -7.67
CA THR A 64 15.24 -7.14 -8.23
C THR A 64 14.52 -6.12 -7.35
N GLY A 65 14.48 -6.38 -6.05
CA GLY A 65 13.81 -5.48 -5.13
C GLY A 65 14.67 -4.28 -4.77
N LYS A 66 14.36 -3.64 -3.65
CA LYS A 66 15.11 -2.48 -3.20
C LYS A 66 15.90 -2.80 -1.93
N HIS A 67 15.33 -3.65 -1.09
CA HIS A 67 15.99 -4.04 0.16
C HIS A 67 15.81 -5.54 0.42
N ASP A 68 16.47 -6.03 1.47
CA ASP A 68 16.39 -7.44 1.83
C ASP A 68 15.37 -7.66 2.94
N GLY A 69 14.27 -6.91 2.88
CA GLY A 69 13.23 -7.04 3.89
C GLY A 69 13.38 -6.03 5.00
N SER A 70 14.46 -6.15 5.77
CA SER A 70 14.71 -5.24 6.87
C SER A 70 15.51 -4.02 6.42
N VAL A 71 15.07 -2.84 6.82
CA VAL A 71 15.74 -1.60 6.45
C VAL A 71 16.35 -0.91 7.66
N PHE A 72 17.68 -0.82 7.69
CA PHE A 72 18.38 -0.19 8.80
C PHE A 72 18.10 -0.92 10.11
N GLY A 73 17.87 -2.22 10.02
CA GLY A 73 17.58 -3.01 11.21
C GLY A 73 16.10 -3.25 11.40
N VAL A 74 15.29 -2.32 10.93
CA VAL A 74 13.83 -2.43 11.05
C VAL A 74 13.27 -3.42 10.04
N ARG A 75 12.56 -4.44 10.53
CA ARG A 75 11.98 -5.45 9.66
C ARG A 75 10.49 -5.20 9.45
N TYR A 76 10.05 -5.28 8.20
CA TYR A 76 8.64 -5.06 7.87
C TYR A 76 7.97 -6.36 7.47
N PHE A 77 8.73 -7.27 6.87
CA PHE A 77 8.20 -8.55 6.43
C PHE A 77 9.33 -9.46 5.93
N THR A 78 9.08 -10.77 5.97
CA THR A 78 10.06 -11.75 5.53
C THR A 78 9.97 -11.97 4.03
N CYS A 79 10.98 -11.53 3.29
CA CYS A 79 11.01 -11.68 1.84
C CYS A 79 12.37 -12.16 1.37
N ALA A 80 12.42 -12.65 0.13
CA ALA A 80 13.66 -13.15 -0.44
C ALA A 80 14.69 -12.02 -0.57
N PRO A 81 15.97 -12.37 -0.80
CA PRO A 81 17.05 -11.39 -0.94
C PRO A 81 16.82 -10.44 -2.11
N ARG A 82 16.64 -9.17 -1.78
CA ARG A 82 16.40 -8.14 -2.80
C ARG A 82 15.08 -8.41 -3.53
N HIS A 83 13.99 -8.44 -2.78
CA HIS A 83 12.67 -8.68 -3.35
C HIS A 83 11.66 -7.63 -2.87
N GLY A 84 11.64 -7.42 -1.55
CA GLY A 84 10.72 -6.45 -0.98
C GLY A 84 10.96 -5.05 -1.51
N VAL A 85 9.87 -4.32 -1.76
CA VAL A 85 9.95 -2.96 -2.27
C VAL A 85 8.88 -2.07 -1.65
N PHE A 86 9.30 -0.91 -1.15
CA PHE A 86 8.37 0.03 -0.54
C PHE A 86 8.06 1.19 -1.48
N ALA A 87 6.82 1.28 -1.92
CA ALA A 87 6.41 2.35 -2.83
C ALA A 87 5.08 2.96 -2.38
N PRO A 88 4.90 4.28 -2.59
CA PRO A 88 3.67 4.98 -2.20
C PRO A 88 2.43 4.38 -2.87
N ALA A 89 1.35 4.31 -2.10
CA ALA A 89 0.09 3.75 -2.61
C ALA A 89 -0.25 4.37 -3.96
N SER A 90 -0.19 5.69 -4.02
CA SER A 90 -0.47 6.42 -5.26
C SER A 90 0.47 5.92 -6.35
N ARG A 91 1.61 5.38 -5.94
CA ARG A 91 2.59 4.86 -6.88
C ARG A 91 2.29 3.39 -7.19
N ILE A 92 1.44 2.77 -6.37
CA ILE A 92 1.08 1.37 -6.56
C ILE A 92 -0.35 1.24 -7.07
N GLN A 93 -0.56 0.32 -8.00
CA GLN A 93 -1.89 0.09 -8.57
C GLN A 93 -2.49 -1.21 -8.05
N ARG A 94 -3.77 -1.43 -8.36
CA ARG A 94 -4.47 -2.63 -7.93
C ARG A 94 -4.78 -3.54 -9.12
N ILE A 95 -4.91 -4.84 -8.85
CA ILE A 95 -5.20 -5.81 -9.90
C ILE A 95 -6.48 -6.58 -9.58
N GLY A 96 -6.45 -7.35 -8.51
CA GLY A 96 -7.61 -8.14 -8.11
C GLY A 96 -7.30 -9.61 -8.00
N SER A 97 -8.16 -10.35 -7.30
CA SER A 97 -7.98 -11.78 -7.13
C SER A 97 -8.29 -12.53 -8.41
N GLY A 98 -7.27 -13.18 -8.97
CA GLY A 98 -7.44 -13.93 -10.20
C GLY A 98 -7.13 -13.11 -11.44
N PRO A 99 -5.85 -13.02 -11.83
CA PRO A 99 -5.43 -12.25 -13.01
C PRO A 99 -5.89 -12.89 -14.31
N SER A 100 -6.06 -14.21 -14.29
CA SER A 100 -6.49 -14.94 -15.48
C SER A 100 -7.58 -15.95 -15.11
N SER A 101 -7.34 -16.73 -14.07
CA SER A 101 -8.29 -17.74 -13.62
C SER A 101 -8.91 -17.34 -12.27
N GLY A 102 -10.23 -17.34 -12.22
CA GLY A 102 -10.92 -16.99 -10.98
C GLY A 102 -12.38 -17.38 -10.99
N GLY A 1 -14.58 26.16 3.64
CA GLY A 1 -16.05 26.31 3.43
C GLY A 1 -16.86 25.75 4.59
N SER A 2 -17.68 24.75 4.30
CA SER A 2 -18.51 24.14 5.32
C SER A 2 -18.84 22.69 4.97
N SER A 3 -18.45 21.77 5.84
CA SER A 3 -18.70 20.34 5.62
C SER A 3 -18.01 19.88 4.33
N GLY A 4 -16.93 19.12 4.49
CA GLY A 4 -16.20 18.61 3.35
C GLY A 4 -14.87 19.31 3.15
N SER A 5 -14.91 20.56 2.76
CA SER A 5 -13.69 21.34 2.54
C SER A 5 -13.04 21.71 3.87
N SER A 6 -11.71 21.84 3.86
CA SER A 6 -10.96 22.19 5.06
C SER A 6 -11.10 23.68 5.36
N GLY A 7 -10.81 24.51 4.37
CA GLY A 7 -10.91 25.94 4.55
C GLY A 7 -9.82 26.48 5.46
N LYS A 8 -8.97 27.36 4.93
CA LYS A 8 -7.90 27.94 5.72
C LYS A 8 -6.94 26.87 6.23
N SER A 9 -6.75 25.82 5.43
CA SER A 9 -5.87 24.72 5.81
C SER A 9 -5.75 23.72 4.67
N PRO A 10 -4.75 23.90 3.78
CA PRO A 10 -4.54 23.00 2.64
C PRO A 10 -4.49 21.53 3.06
N SER A 11 -5.41 20.74 2.54
CA SER A 11 -5.46 19.32 2.86
C SER A 11 -6.12 18.53 1.74
N SER A 12 -5.41 17.55 1.20
CA SER A 12 -5.93 16.73 0.12
C SER A 12 -6.71 15.54 0.67
N PRO A 13 -7.76 15.09 -0.05
CA PRO A 13 -8.57 13.96 0.37
C PRO A 13 -7.86 12.63 0.19
N SER A 14 -6.75 12.46 0.89
CA SER A 14 -5.97 11.23 0.80
C SER A 14 -4.87 11.21 1.87
N LEU A 15 -5.27 11.02 3.12
CA LEU A 15 -4.33 10.97 4.23
C LEU A 15 -4.96 10.30 5.45
N GLY A 16 -6.19 10.69 5.76
CA GLY A 16 -6.88 10.11 6.90
C GLY A 16 -8.38 10.02 6.69
N SER A 17 -8.79 9.69 5.47
CA SER A 17 -10.20 9.56 5.14
C SER A 17 -10.92 10.90 5.34
N LEU A 18 -12.23 10.89 5.14
CA LEU A 18 -13.04 12.10 5.30
C LEU A 18 -14.32 11.79 6.04
N GLN A 19 -15.01 10.73 5.62
CA GLN A 19 -16.27 10.33 6.25
C GLN A 19 -16.43 8.81 6.22
N GLN A 20 -16.51 8.26 5.01
CA GLN A 20 -16.66 6.81 4.85
C GLN A 20 -15.59 6.26 3.90
N ARG A 21 -15.45 6.88 2.75
CA ARG A 21 -14.45 6.44 1.77
C ARG A 21 -13.05 6.81 2.22
N GLU A 22 -12.19 5.80 2.35
CA GLU A 22 -10.82 6.00 2.78
C GLU A 22 -9.92 6.30 1.58
N GLY A 23 -8.70 6.76 1.85
CA GLY A 23 -7.77 7.07 0.79
C GLY A 23 -6.72 6.00 0.61
N ALA A 24 -7.08 4.75 0.90
CA ALA A 24 -6.16 3.63 0.77
C ALA A 24 -6.31 2.96 -0.59
N LYS A 25 -5.25 2.99 -1.38
CA LYS A 25 -5.25 2.39 -2.70
C LYS A 25 -5.29 0.87 -2.60
N ALA A 26 -4.52 0.32 -1.67
CA ALA A 26 -4.46 -1.12 -1.47
C ALA A 26 -4.31 -1.47 0.00
N GLU A 27 -4.28 -2.76 0.30
CA GLU A 27 -4.14 -3.23 1.68
C GLU A 27 -3.32 -4.51 1.74
N VAL A 28 -3.15 -5.05 2.94
CA VAL A 28 -2.41 -6.29 3.13
C VAL A 28 -3.22 -7.50 2.69
N GLY A 29 -2.73 -8.20 1.67
CA GLY A 29 -3.42 -9.37 1.18
C GLY A 29 -4.21 -9.09 -0.08
N ASP A 30 -3.65 -8.25 -0.94
CA ASP A 30 -4.31 -7.89 -2.20
C ASP A 30 -3.29 -7.67 -3.31
N GLN A 31 -3.70 -7.93 -4.55
CA GLN A 31 -2.82 -7.76 -5.70
C GLN A 31 -2.57 -6.29 -5.98
N VAL A 32 -1.29 -5.92 -6.05
CA VAL A 32 -0.91 -4.53 -6.32
C VAL A 32 0.07 -4.45 -7.48
N LEU A 33 0.39 -3.23 -7.89
CA LEU A 33 1.31 -3.01 -9.00
C LEU A 33 2.20 -1.79 -8.73
N VAL A 34 3.44 -2.04 -8.33
CA VAL A 34 4.38 -0.96 -8.05
C VAL A 34 4.84 -0.29 -9.33
N ALA A 35 4.74 1.04 -9.36
CA ALA A 35 5.16 1.81 -10.53
C ALA A 35 4.42 1.36 -11.79
N GLY A 36 3.24 0.78 -11.60
CA GLY A 36 2.45 0.32 -12.72
C GLY A 36 3.21 -0.67 -13.59
N GLN A 37 4.10 -1.44 -12.97
CA GLN A 37 4.89 -2.43 -13.70
C GLN A 37 5.16 -3.65 -12.82
N LYS A 38 6.01 -3.48 -11.82
CA LYS A 38 6.35 -4.57 -10.90
C LYS A 38 5.12 -5.08 -10.17
N GLN A 39 4.62 -6.24 -10.58
CA GLN A 39 3.44 -6.83 -9.94
C GLN A 39 3.83 -7.64 -8.72
N GLY A 40 3.12 -7.41 -7.61
CA GLY A 40 3.40 -8.12 -6.39
C GLY A 40 2.22 -8.13 -5.43
N ILE A 41 2.45 -8.59 -4.22
CA ILE A 41 1.41 -8.66 -3.21
C ILE A 41 1.85 -8.00 -1.90
N VAL A 42 1.01 -7.11 -1.38
CA VAL A 42 1.31 -6.42 -0.14
C VAL A 42 1.53 -7.40 1.01
N ARG A 43 2.68 -7.30 1.67
CA ARG A 43 3.00 -8.18 2.79
C ARG A 43 2.93 -7.43 4.11
N PHE A 44 3.26 -6.13 4.07
CA PHE A 44 3.25 -5.31 5.27
C PHE A 44 2.89 -3.86 4.92
N TYR A 45 1.73 -3.42 5.39
CA TYR A 45 1.28 -2.05 5.13
C TYR A 45 1.26 -1.23 6.41
N GLY A 46 1.62 0.04 6.30
CA GLY A 46 1.65 0.92 7.46
C GLY A 46 2.71 1.99 7.36
N LYS A 47 2.95 2.68 8.46
CA LYS A 47 3.96 3.75 8.49
C LYS A 47 5.33 3.19 8.81
N THR A 48 6.35 3.73 8.16
CA THR A 48 7.73 3.29 8.37
C THR A 48 8.49 4.27 9.27
N ASP A 49 9.76 3.99 9.49
CA ASP A 49 10.59 4.85 10.32
C ASP A 49 11.68 5.54 9.50
N PHE A 50 11.51 5.55 8.18
CA PHE A 50 12.48 6.18 7.29
C PHE A 50 11.84 7.34 6.54
N ALA A 51 10.58 7.18 6.17
CA ALA A 51 9.85 8.23 5.44
C ALA A 51 8.41 8.34 5.94
N PRO A 52 7.85 9.56 5.93
CA PRO A 52 6.48 9.80 6.39
C PRO A 52 5.44 9.27 5.40
N GLY A 53 4.18 9.28 5.82
CA GLY A 53 3.11 8.80 4.96
C GLY A 53 2.85 7.31 5.15
N TYR A 54 2.31 6.67 4.11
CA TYR A 54 2.01 5.25 4.17
C TYR A 54 2.69 4.50 3.02
N TRP A 55 3.47 3.49 3.36
CA TRP A 55 4.18 2.69 2.37
C TRP A 55 3.68 1.25 2.36
N TYR A 56 3.95 0.53 1.28
CA TYR A 56 3.53 -0.85 1.15
C TYR A 56 4.74 -1.79 1.03
N GLY A 57 4.85 -2.71 1.97
CA GLY A 57 5.97 -3.65 1.95
C GLY A 57 5.70 -4.85 1.07
N ILE A 58 5.53 -4.60 -0.23
CA ILE A 58 5.28 -5.67 -1.19
C ILE A 58 6.50 -6.55 -1.38
N GLU A 59 6.26 -7.84 -1.63
CA GLU A 59 7.35 -8.79 -1.82
C GLU A 59 7.30 -9.38 -3.23
N LEU A 60 8.27 -9.00 -4.05
CA LEU A 60 8.34 -9.48 -5.43
C LEU A 60 8.56 -11.00 -5.46
N ASP A 61 8.50 -11.57 -6.65
CA ASP A 61 8.68 -13.02 -6.81
C ASP A 61 10.11 -13.32 -7.26
N GLN A 62 10.70 -12.43 -8.03
CA GLN A 62 12.06 -12.60 -8.52
C GLN A 62 12.97 -11.49 -8.02
N PRO A 63 14.28 -11.79 -7.86
CA PRO A 63 15.26 -10.80 -7.37
C PRO A 63 15.26 -9.53 -8.21
N THR A 64 14.59 -8.50 -7.70
CA THR A 64 14.51 -7.22 -8.41
C THR A 64 13.76 -6.19 -7.57
N GLY A 65 13.98 -6.21 -6.26
CA GLY A 65 13.31 -5.27 -5.37
C GLY A 65 14.16 -4.05 -5.08
N LYS A 66 14.37 -3.77 -3.80
CA LYS A 66 15.17 -2.63 -3.39
C LYS A 66 15.97 -2.95 -2.13
N HIS A 67 15.31 -3.53 -1.14
CA HIS A 67 15.97 -3.90 0.11
C HIS A 67 15.82 -5.39 0.39
N ASP A 68 16.42 -5.84 1.48
CA ASP A 68 16.35 -7.25 1.86
C ASP A 68 15.31 -7.47 2.96
N GLY A 69 14.22 -6.71 2.89
CA GLY A 69 13.17 -6.84 3.88
C GLY A 69 13.22 -5.74 4.92
N SER A 70 14.24 -5.80 5.79
CA SER A 70 14.40 -4.80 6.84
C SER A 70 15.07 -3.55 6.30
N VAL A 71 14.73 -2.41 6.89
CA VAL A 71 15.30 -1.13 6.48
C VAL A 71 15.88 -0.37 7.66
N PHE A 72 17.14 0.02 7.55
CA PHE A 72 17.82 0.75 8.61
C PHE A 72 17.85 -0.06 9.90
N GLY A 73 17.84 -1.39 9.76
CA GLY A 73 17.86 -2.25 10.93
C GLY A 73 16.47 -2.70 11.35
N VAL A 74 15.48 -1.87 11.09
CA VAL A 74 14.10 -2.19 11.44
C VAL A 74 13.48 -3.12 10.41
N ARG A 75 12.99 -4.28 10.88
CA ARG A 75 12.37 -5.25 9.99
C ARG A 75 10.87 -4.99 9.86
N TYR A 76 10.33 -5.27 8.69
CA TYR A 76 8.91 -5.07 8.43
C TYR A 76 8.22 -6.37 8.07
N PHE A 77 8.83 -7.12 7.15
CA PHE A 77 8.29 -8.41 6.72
C PHE A 77 9.39 -9.34 6.24
N THR A 78 9.03 -10.59 5.99
CA THR A 78 10.00 -11.59 5.52
C THR A 78 9.94 -11.73 4.01
N CYS A 79 11.08 -11.50 3.35
CA CYS A 79 11.15 -11.62 1.90
C CYS A 79 12.50 -12.19 1.47
N ALA A 80 12.66 -12.39 0.17
CA ALA A 80 13.90 -12.94 -0.37
C ALA A 80 14.88 -11.83 -0.73
N PRO A 81 16.15 -12.18 -1.03
CA PRO A 81 17.18 -11.21 -1.38
C PRO A 81 16.73 -10.29 -2.52
N ARG A 82 16.57 -9.00 -2.21
CA ARG A 82 16.15 -8.03 -3.20
C ARG A 82 14.77 -8.37 -3.76
N HIS A 83 13.81 -8.55 -2.86
CA HIS A 83 12.45 -8.89 -3.26
C HIS A 83 11.46 -7.84 -2.76
N GLY A 84 11.65 -7.41 -1.52
CA GLY A 84 10.76 -6.41 -0.94
C GLY A 84 10.83 -5.08 -1.67
N VAL A 85 9.76 -4.30 -1.59
CA VAL A 85 9.71 -3.00 -2.25
C VAL A 85 8.69 -2.08 -1.56
N PHE A 86 9.14 -0.89 -1.20
CA PHE A 86 8.27 0.08 -0.54
C PHE A 86 8.03 1.28 -1.45
N ALA A 87 6.85 1.32 -2.07
CA ALA A 87 6.50 2.42 -2.97
C ALA A 87 5.20 3.09 -2.52
N PRO A 88 5.09 4.42 -2.72
CA PRO A 88 3.90 5.18 -2.33
C PRO A 88 2.64 4.65 -3.00
N ALA A 89 1.53 4.65 -2.25
CA ALA A 89 0.25 4.17 -2.79
C ALA A 89 -0.02 4.78 -4.15
N SER A 90 0.08 6.10 -4.21
CA SER A 90 -0.13 6.82 -5.47
C SER A 90 0.81 6.27 -6.53
N ARG A 91 1.91 5.68 -6.10
CA ARG A 91 2.90 5.11 -7.01
C ARG A 91 2.55 3.64 -7.29
N ILE A 92 1.67 3.07 -6.46
CA ILE A 92 1.27 1.68 -6.64
C ILE A 92 -0.18 1.58 -7.11
N GLN A 93 -0.50 0.46 -7.75
CA GLN A 93 -1.86 0.24 -8.26
C GLN A 93 -2.43 -1.06 -7.71
N ARG A 94 -3.67 -1.37 -8.11
CA ARG A 94 -4.33 -2.59 -7.66
C ARG A 94 -4.82 -3.41 -8.83
N ILE A 95 -4.72 -4.73 -8.71
CA ILE A 95 -5.15 -5.63 -9.78
C ILE A 95 -6.16 -6.65 -9.25
N GLY A 96 -6.84 -6.31 -8.17
CA GLY A 96 -7.81 -7.20 -7.59
C GLY A 96 -9.23 -6.88 -8.03
N SER A 97 -10.14 -7.84 -7.87
CA SER A 97 -11.53 -7.66 -8.26
C SER A 97 -12.33 -7.01 -7.13
N GLY A 98 -12.26 -5.68 -7.07
CA GLY A 98 -12.98 -4.96 -6.02
C GLY A 98 -14.18 -4.20 -6.57
N PRO A 99 -13.96 -3.02 -7.16
CA PRO A 99 -15.03 -2.20 -7.73
C PRO A 99 -15.93 -2.98 -8.69
N SER A 100 -17.11 -3.36 -8.21
CA SER A 100 -18.05 -4.11 -9.03
C SER A 100 -19.44 -4.10 -8.42
N SER A 101 -19.50 -4.30 -7.10
CA SER A 101 -20.77 -4.31 -6.39
C SER A 101 -21.69 -5.41 -6.91
N GLY A 102 -21.09 -6.54 -7.28
CA GLY A 102 -21.87 -7.66 -7.80
C GLY A 102 -21.14 -8.40 -8.90
N GLY A 1 -11.91 32.77 -3.00
CA GLY A 1 -12.99 33.36 -2.16
C GLY A 1 -12.84 33.02 -0.69
N SER A 2 -13.88 32.40 -0.13
CA SER A 2 -13.86 32.03 1.28
C SER A 2 -13.52 30.55 1.44
N SER A 3 -12.65 30.05 0.58
CA SER A 3 -12.24 28.65 0.62
C SER A 3 -10.72 28.52 0.48
N GLY A 4 -10.00 29.49 1.03
CA GLY A 4 -8.55 29.46 0.95
C GLY A 4 -8.03 29.80 -0.43
N SER A 5 -6.73 30.08 -0.52
CA SER A 5 -6.11 30.42 -1.80
C SER A 5 -4.73 29.80 -1.91
N SER A 6 -3.80 30.27 -1.09
CA SER A 6 -2.44 29.77 -1.09
C SER A 6 -2.18 28.86 0.11
N GLY A 7 -1.80 27.61 -0.16
CA GLY A 7 -1.54 26.67 0.90
C GLY A 7 -1.74 25.23 0.46
N LYS A 8 -0.64 24.54 0.15
CA LYS A 8 -0.70 23.16 -0.30
C LYS A 8 0.67 22.50 -0.17
N SER A 9 0.70 21.35 0.51
CA SER A 9 1.94 20.61 0.70
C SER A 9 1.66 19.14 1.01
N PRO A 10 1.39 18.34 -0.03
CA PRO A 10 1.10 16.90 0.13
C PRO A 10 2.21 16.17 0.86
N SER A 11 3.41 16.75 0.85
CA SER A 11 4.56 16.15 1.52
C SER A 11 4.26 15.82 2.98
N SER A 12 3.36 16.60 3.57
CA SER A 12 2.98 16.40 4.98
C SER A 12 1.54 15.92 5.08
N PRO A 13 1.28 14.66 4.72
CA PRO A 13 -0.08 14.08 4.77
C PRO A 13 -0.52 13.81 6.20
N SER A 14 0.41 13.35 7.04
CA SER A 14 0.11 13.06 8.43
C SER A 14 1.31 13.36 9.33
N LEU A 15 1.07 13.39 10.63
CA LEU A 15 2.13 13.67 11.59
C LEU A 15 1.83 13.01 12.94
N GLY A 16 0.69 13.35 13.52
CA GLY A 16 0.31 12.78 14.80
C GLY A 16 -1.11 12.24 14.79
N SER A 17 -2.09 13.13 14.89
CA SER A 17 -3.48 12.73 14.89
C SER A 17 -4.39 13.91 14.54
N LEU A 18 -4.77 14.00 13.27
CA LEU A 18 -5.63 15.09 12.80
C LEU A 18 -6.44 14.64 11.60
N GLN A 19 -7.63 14.10 11.84
CA GLN A 19 -8.50 13.63 10.77
C GLN A 19 -8.88 14.78 9.85
N GLN A 20 -8.31 14.78 8.64
CA GLN A 20 -8.59 15.83 7.67
C GLN A 20 -8.61 15.26 6.26
N ARG A 21 -7.54 14.54 5.89
CA ARG A 21 -7.44 13.94 4.57
C ARG A 21 -6.63 12.64 4.62
N GLU A 22 -7.22 11.57 4.10
CA GLU A 22 -6.56 10.27 4.10
C GLU A 22 -6.88 9.51 2.81
N GLY A 23 -5.97 8.63 2.41
CA GLY A 23 -6.18 7.85 1.20
C GLY A 23 -5.51 6.49 1.27
N ALA A 24 -6.13 5.49 0.65
CA ALA A 24 -5.59 4.14 0.64
C ALA A 24 -5.96 3.41 -0.65
N LYS A 25 -4.94 2.89 -1.33
CA LYS A 25 -5.16 2.17 -2.59
C LYS A 25 -5.53 0.71 -2.31
N ALA A 26 -4.58 -0.04 -1.78
CA ALA A 26 -4.80 -1.45 -1.46
C ALA A 26 -4.56 -1.73 0.01
N GLU A 27 -4.61 -3.01 0.37
CA GLU A 27 -4.38 -3.42 1.75
C GLU A 27 -3.43 -4.60 1.84
N VAL A 28 -3.19 -5.08 3.05
CA VAL A 28 -2.28 -6.21 3.26
C VAL A 28 -2.89 -7.50 2.74
N GLY A 29 -2.19 -8.15 1.81
CA GLY A 29 -2.69 -9.40 1.26
C GLY A 29 -3.57 -9.18 0.04
N ASP A 30 -3.06 -8.44 -0.94
CA ASP A 30 -3.81 -8.17 -2.16
C ASP A 30 -2.87 -7.84 -3.31
N GLN A 31 -3.21 -8.32 -4.50
CA GLN A 31 -2.40 -8.08 -5.69
C GLN A 31 -2.26 -6.60 -5.96
N VAL A 32 -1.04 -6.17 -6.26
CA VAL A 32 -0.76 -4.76 -6.55
C VAL A 32 0.26 -4.63 -7.67
N LEU A 33 0.58 -3.38 -8.02
CA LEU A 33 1.54 -3.10 -9.09
C LEU A 33 2.39 -1.89 -8.74
N VAL A 34 3.65 -2.13 -8.41
CA VAL A 34 4.57 -1.05 -8.06
C VAL A 34 5.08 -0.33 -9.31
N ALA A 35 4.90 0.98 -9.34
CA ALA A 35 5.33 1.79 -10.48
C ALA A 35 4.68 1.32 -11.77
N GLY A 36 3.51 0.70 -11.65
CA GLY A 36 2.81 0.20 -12.83
C GLY A 36 3.64 -0.75 -13.65
N GLN A 37 4.56 -1.45 -12.99
CA GLN A 37 5.43 -2.42 -13.66
C GLN A 37 5.63 -3.67 -12.81
N LYS A 38 6.37 -3.52 -11.71
CA LYS A 38 6.63 -4.65 -10.82
C LYS A 38 5.37 -5.05 -10.07
N GLN A 39 4.82 -6.20 -10.44
CA GLN A 39 3.60 -6.70 -9.80
C GLN A 39 3.93 -7.54 -8.57
N GLY A 40 3.18 -7.34 -7.49
CA GLY A 40 3.43 -8.07 -6.27
C GLY A 40 2.23 -8.07 -5.33
N ILE A 41 2.46 -8.42 -4.08
CA ILE A 41 1.39 -8.44 -3.09
C ILE A 41 1.82 -7.76 -1.79
N VAL A 42 0.98 -6.88 -1.29
CA VAL A 42 1.27 -6.16 -0.05
C VAL A 42 1.45 -7.13 1.12
N ARG A 43 2.60 -7.02 1.79
CA ARG A 43 2.89 -7.88 2.93
C ARG A 43 2.87 -7.09 4.23
N PHE A 44 3.26 -5.83 4.16
CA PHE A 44 3.28 -4.96 5.34
C PHE A 44 2.87 -3.54 4.97
N TYR A 45 1.70 -3.13 5.46
CA TYR A 45 1.20 -1.79 5.19
C TYR A 45 1.26 -0.92 6.43
N GLY A 46 1.95 0.21 6.33
CA GLY A 46 2.08 1.11 7.45
C GLY A 46 3.18 2.14 7.26
N LYS A 47 3.37 3.00 8.25
CA LYS A 47 4.40 4.04 8.18
C LYS A 47 5.79 3.42 8.26
N THR A 48 6.76 4.11 7.68
CA THR A 48 8.15 3.64 7.67
C THR A 48 9.03 4.53 8.54
N ASP A 49 10.30 4.16 8.66
CA ASP A 49 11.25 4.92 9.47
C ASP A 49 12.17 5.74 8.58
N PHE A 50 12.47 5.21 7.39
CA PHE A 50 13.35 5.90 6.45
C PHE A 50 12.63 7.07 5.78
N ALA A 51 11.35 6.87 5.46
CA ALA A 51 10.55 7.90 4.82
C ALA A 51 9.21 8.07 5.51
N PRO A 52 8.67 9.31 5.54
CA PRO A 52 7.39 9.60 6.17
C PRO A 52 6.21 9.07 5.38
N GLY A 53 5.00 9.42 5.81
CA GLY A 53 3.80 8.97 5.12
C GLY A 53 3.59 7.48 5.25
N TYR A 54 2.71 6.93 4.42
CA TYR A 54 2.41 5.51 4.45
C TYR A 54 3.00 4.80 3.24
N TRP A 55 3.51 3.59 3.46
CA TRP A 55 4.11 2.81 2.38
C TRP A 55 3.60 1.38 2.39
N TYR A 56 3.86 0.65 1.31
CA TYR A 56 3.42 -0.74 1.20
C TYR A 56 4.61 -1.67 1.00
N GLY A 57 4.82 -2.57 1.95
CA GLY A 57 5.92 -3.51 1.87
C GLY A 57 5.60 -4.70 0.97
N ILE A 58 5.47 -4.44 -0.32
CA ILE A 58 5.16 -5.50 -1.28
C ILE A 58 6.37 -6.38 -1.52
N GLU A 59 6.14 -7.69 -1.59
CA GLU A 59 7.21 -8.66 -1.81
C GLU A 59 7.20 -9.16 -3.25
N LEU A 60 8.24 -8.83 -4.01
CA LEU A 60 8.34 -9.25 -5.39
C LEU A 60 8.58 -10.75 -5.49
N ASP A 61 8.69 -11.25 -6.72
CA ASP A 61 8.91 -12.68 -6.94
C ASP A 61 10.32 -12.94 -7.47
N GLN A 62 10.84 -12.00 -8.25
CA GLN A 62 12.19 -12.12 -8.80
C GLN A 62 13.15 -11.15 -8.13
N PRO A 63 14.43 -11.54 -7.98
CA PRO A 63 15.44 -10.70 -7.34
C PRO A 63 15.62 -9.37 -8.07
N THR A 64 14.88 -8.36 -7.63
CA THR A 64 14.95 -7.03 -8.25
C THR A 64 14.14 -6.02 -7.45
N GLY A 65 14.19 -6.14 -6.13
CA GLY A 65 13.46 -5.23 -5.27
C GLY A 65 14.30 -4.04 -4.82
N LYS A 66 14.31 -3.79 -3.52
CA LYS A 66 15.08 -2.68 -2.97
C LYS A 66 15.84 -3.11 -1.72
N HIS A 67 15.12 -3.73 -0.79
CA HIS A 67 15.72 -4.19 0.46
C HIS A 67 15.39 -5.67 0.70
N ASP A 68 15.91 -6.21 1.80
CA ASP A 68 15.66 -7.60 2.15
C ASP A 68 14.60 -7.72 3.23
N GLY A 69 13.60 -6.85 3.17
CA GLY A 69 12.53 -6.87 4.14
C GLY A 69 12.76 -5.89 5.28
N SER A 70 14.01 -5.75 5.70
CA SER A 70 14.35 -4.83 6.78
C SER A 70 14.99 -3.56 6.23
N VAL A 71 15.02 -2.52 7.06
CA VAL A 71 15.59 -1.24 6.66
C VAL A 71 16.22 -0.52 7.85
N PHE A 72 17.53 -0.31 7.78
CA PHE A 72 18.25 0.37 8.86
C PHE A 72 18.11 -0.41 10.17
N GLY A 73 18.09 -1.73 10.07
CA GLY A 73 17.97 -2.55 11.26
C GLY A 73 16.53 -2.67 11.74
N VAL A 74 15.59 -2.56 10.81
CA VAL A 74 14.17 -2.66 11.15
C VAL A 74 13.44 -3.57 10.18
N ARG A 75 13.11 -4.77 10.64
CA ARG A 75 12.42 -5.74 9.81
C ARG A 75 10.93 -5.41 9.71
N TYR A 76 10.40 -5.41 8.50
CA TYR A 76 8.99 -5.11 8.27
C TYR A 76 8.22 -6.37 7.91
N PHE A 77 8.78 -7.17 7.01
CA PHE A 77 8.15 -8.41 6.59
C PHE A 77 9.18 -9.40 6.05
N THR A 78 8.83 -10.68 6.08
CA THR A 78 9.73 -11.73 5.59
C THR A 78 9.67 -11.82 4.07
N CYS A 79 10.78 -11.50 3.42
CA CYS A 79 10.86 -11.56 1.97
C CYS A 79 12.26 -11.94 1.51
N ALA A 80 12.34 -12.56 0.33
CA ALA A 80 13.62 -12.99 -0.23
C ALA A 80 14.57 -11.80 -0.40
N PRO A 81 15.86 -12.06 -0.64
CA PRO A 81 16.86 -11.01 -0.83
C PRO A 81 16.53 -10.11 -2.01
N ARG A 82 16.37 -8.82 -1.74
CA ARG A 82 16.06 -7.85 -2.80
C ARG A 82 14.71 -8.16 -3.42
N HIS A 83 13.70 -8.34 -2.58
CA HIS A 83 12.34 -8.63 -3.06
C HIS A 83 11.35 -7.61 -2.55
N GLY A 84 11.39 -7.34 -1.24
CA GLY A 84 10.49 -6.38 -0.65
C GLY A 84 10.75 -4.97 -1.14
N VAL A 85 9.73 -4.35 -1.73
CA VAL A 85 9.85 -2.99 -2.24
C VAL A 85 8.76 -2.09 -1.69
N PHE A 86 9.16 -0.92 -1.20
CA PHE A 86 8.22 0.04 -0.64
C PHE A 86 7.94 1.19 -1.62
N ALA A 87 6.68 1.31 -2.04
CA ALA A 87 6.29 2.36 -2.97
C ALA A 87 5.00 3.04 -2.52
N PRO A 88 4.89 4.36 -2.73
CA PRO A 88 3.70 5.13 -2.35
C PRO A 88 2.43 4.58 -2.98
N ALA A 89 1.33 4.59 -2.22
CA ALA A 89 0.05 4.11 -2.72
C ALA A 89 -0.25 4.70 -4.09
N SER A 90 -0.13 6.02 -4.19
CA SER A 90 -0.36 6.71 -5.45
C SER A 90 0.56 6.13 -6.52
N ARG A 91 1.66 5.55 -6.09
CA ARG A 91 2.62 4.95 -7.01
C ARG A 91 2.28 3.47 -7.24
N ILE A 92 1.40 2.92 -6.39
CA ILE A 92 1.00 1.52 -6.50
C ILE A 92 -0.42 1.40 -7.03
N GLN A 93 -0.68 0.33 -7.78
CA GLN A 93 -2.01 0.11 -8.35
C GLN A 93 -2.61 -1.19 -7.82
N ARG A 94 -3.89 -1.38 -8.09
CA ARG A 94 -4.59 -2.58 -7.64
C ARG A 94 -4.97 -3.48 -8.82
N ILE A 95 -5.07 -4.77 -8.56
CA ILE A 95 -5.41 -5.74 -9.59
C ILE A 95 -6.51 -6.68 -9.13
N GLY A 96 -6.36 -7.20 -7.91
CA GLY A 96 -7.34 -8.11 -7.36
C GLY A 96 -8.72 -7.49 -7.28
N SER A 97 -9.69 -8.27 -6.80
CA SER A 97 -11.06 -7.79 -6.66
C SER A 97 -11.67 -8.25 -5.33
N GLY A 98 -12.38 -7.35 -4.67
CA GLY A 98 -13.00 -7.68 -3.40
C GLY A 98 -13.58 -6.47 -2.70
N PRO A 99 -14.58 -6.67 -1.82
CA PRO A 99 -15.22 -5.56 -1.09
C PRO A 99 -14.21 -4.67 -0.39
N SER A 100 -13.86 -3.56 -1.03
CA SER A 100 -12.90 -2.62 -0.48
C SER A 100 -13.53 -1.25 -0.26
N SER A 101 -14.83 -1.24 0.02
CA SER A 101 -15.56 0.00 0.24
C SER A 101 -15.88 0.19 1.73
N GLY A 102 -16.72 -0.68 2.26
CA GLY A 102 -17.09 -0.60 3.66
C GLY A 102 -16.01 -1.11 4.58
N GLY A 1 -5.55 -40.29 3.56
CA GLY A 1 -5.52 -40.98 4.89
C GLY A 1 -6.69 -40.62 5.78
N SER A 2 -7.51 -41.60 6.13
CA SER A 2 -8.67 -41.37 6.97
C SER A 2 -9.64 -40.39 6.31
N SER A 3 -10.90 -40.42 6.75
CA SER A 3 -11.91 -39.53 6.21
C SER A 3 -12.14 -38.33 7.11
N GLY A 4 -12.08 -37.14 6.52
CA GLY A 4 -12.27 -35.93 7.29
C GLY A 4 -11.84 -34.69 6.54
N SER A 5 -12.16 -34.63 5.25
CA SER A 5 -11.80 -33.49 4.42
C SER A 5 -12.76 -33.37 3.24
N SER A 6 -12.95 -34.47 2.52
CA SER A 6 -13.85 -34.48 1.37
C SER A 6 -15.30 -34.26 1.79
N GLY A 7 -15.65 -32.99 2.03
CA GLY A 7 -17.00 -32.68 2.44
C GLY A 7 -17.04 -31.79 3.67
N LYS A 8 -18.14 -31.05 3.83
CA LYS A 8 -18.29 -30.17 4.98
C LYS A 8 -17.20 -29.11 5.00
N SER A 9 -17.56 -27.87 4.67
CA SER A 9 -16.61 -26.78 4.65
C SER A 9 -17.07 -25.62 5.54
N PRO A 10 -16.81 -25.71 6.86
CA PRO A 10 -17.20 -24.68 7.81
C PRO A 10 -16.73 -23.28 7.39
N SER A 11 -17.55 -22.59 6.61
CA SER A 11 -17.22 -21.25 6.14
C SER A 11 -18.48 -20.44 5.87
N SER A 12 -18.81 -19.55 6.80
CA SER A 12 -19.99 -18.70 6.66
C SER A 12 -19.72 -17.53 5.72
N PRO A 13 -20.67 -17.20 4.82
CA PRO A 13 -20.51 -16.10 3.88
C PRO A 13 -20.68 -14.74 4.55
N SER A 14 -20.50 -13.67 3.77
CA SER A 14 -20.62 -12.31 4.28
C SER A 14 -22.09 -11.96 4.49
N LEU A 15 -22.34 -10.77 5.03
CA LEU A 15 -23.69 -10.30 5.28
C LEU A 15 -23.92 -8.93 4.65
N GLY A 16 -23.24 -8.68 3.54
CA GLY A 16 -23.39 -7.41 2.85
C GLY A 16 -22.38 -6.37 3.34
N SER A 17 -21.19 -6.83 3.66
CA SER A 17 -20.14 -5.93 4.14
C SER A 17 -19.73 -4.94 3.05
N LEU A 18 -19.82 -3.65 3.37
CA LEU A 18 -19.47 -2.61 2.43
C LEU A 18 -18.28 -1.79 2.93
N GLN A 19 -18.28 -1.47 4.22
CA GLN A 19 -17.21 -0.71 4.82
C GLN A 19 -17.07 0.67 4.16
N GLN A 20 -16.37 1.58 4.82
CA GLN A 20 -16.17 2.92 4.29
C GLN A 20 -15.04 3.64 5.03
N ARG A 21 -13.85 3.60 4.45
CA ARG A 21 -12.69 4.25 5.05
C ARG A 21 -12.16 5.37 4.16
N GLU A 22 -12.16 5.12 2.86
CA GLU A 22 -11.67 6.11 1.89
C GLU A 22 -10.24 6.51 2.20
N GLY A 23 -9.46 5.57 2.72
CA GLY A 23 -8.08 5.84 3.05
C GLY A 23 -7.11 5.15 2.12
N ALA A 24 -6.66 3.96 2.50
CA ALA A 24 -5.73 3.19 1.68
C ALA A 24 -6.45 2.47 0.55
N LYS A 25 -5.80 2.37 -0.60
CA LYS A 25 -6.38 1.69 -1.76
C LYS A 25 -6.35 0.17 -1.57
N ALA A 26 -5.15 -0.38 -1.51
CA ALA A 26 -4.99 -1.83 -1.32
C ALA A 26 -4.97 -2.20 0.15
N GLU A 27 -4.80 -3.48 0.43
CA GLU A 27 -4.77 -3.97 1.80
C GLU A 27 -3.74 -5.09 1.97
N VAL A 28 -3.45 -5.44 3.21
CA VAL A 28 -2.48 -6.49 3.51
C VAL A 28 -3.00 -7.86 3.07
N GLY A 29 -2.79 -8.18 1.79
CA GLY A 29 -3.25 -9.46 1.29
C GLY A 29 -4.00 -9.31 -0.04
N ASP A 30 -3.45 -8.50 -0.93
CA ASP A 30 -4.07 -8.27 -2.24
C ASP A 30 -3.01 -7.96 -3.29
N GLN A 31 -3.33 -8.29 -4.54
CA GLN A 31 -2.40 -8.04 -5.65
C GLN A 31 -2.26 -6.55 -5.90
N VAL A 32 -1.04 -6.13 -6.23
CA VAL A 32 -0.76 -4.72 -6.51
C VAL A 32 0.26 -4.57 -7.63
N LEU A 33 0.51 -3.34 -8.04
CA LEU A 33 1.46 -3.06 -9.11
C LEU A 33 2.27 -1.79 -8.79
N VAL A 34 3.52 -1.98 -8.40
CA VAL A 34 4.40 -0.85 -8.07
C VAL A 34 4.85 -0.12 -9.33
N ALA A 35 4.58 1.17 -9.38
CA ALA A 35 4.96 1.99 -10.53
C ALA A 35 4.37 1.44 -11.83
N GLY A 36 3.25 0.71 -11.70
CA GLY A 36 2.61 0.13 -12.87
C GLY A 36 3.54 -0.76 -13.67
N GLN A 37 4.39 -1.50 -12.97
CA GLN A 37 5.34 -2.41 -13.62
C GLN A 37 5.62 -3.62 -12.75
N LYS A 38 6.33 -3.40 -11.64
CA LYS A 38 6.67 -4.48 -10.72
C LYS A 38 5.42 -5.01 -10.02
N GLN A 39 4.97 -6.19 -10.43
CA GLN A 39 3.79 -6.80 -9.85
C GLN A 39 4.14 -7.53 -8.54
N GLY A 40 3.35 -7.28 -7.50
CA GLY A 40 3.60 -7.91 -6.22
C GLY A 40 2.35 -7.96 -5.35
N ILE A 41 2.52 -8.43 -4.12
CA ILE A 41 1.41 -8.52 -3.17
C ILE A 41 1.74 -7.83 -1.86
N VAL A 42 0.79 -7.04 -1.35
CA VAL A 42 0.99 -6.33 -0.09
C VAL A 42 1.18 -7.30 1.06
N ARG A 43 2.33 -7.18 1.73
CA ARG A 43 2.64 -8.05 2.86
C ARG A 43 2.61 -7.26 4.17
N PHE A 44 2.98 -5.99 4.10
CA PHE A 44 2.99 -5.13 5.28
C PHE A 44 2.65 -3.69 4.91
N TYR A 45 1.54 -3.20 5.42
CA TYR A 45 1.10 -1.84 5.15
C TYR A 45 1.14 -0.99 6.41
N GLY A 46 2.03 0.00 6.42
CA GLY A 46 2.16 0.87 7.58
C GLY A 46 3.16 1.99 7.35
N LYS A 47 3.63 2.59 8.43
CA LYS A 47 4.59 3.68 8.35
C LYS A 47 6.01 3.15 8.33
N THR A 48 6.97 4.02 8.03
CA THR A 48 8.37 3.64 7.98
C THR A 48 9.26 4.72 8.58
N ASP A 49 10.55 4.45 8.68
CA ASP A 49 11.50 5.39 9.23
C ASP A 49 12.41 5.95 8.14
N PHE A 50 12.69 5.13 7.13
CA PHE A 50 13.55 5.54 6.02
C PHE A 50 12.90 6.67 5.22
N ALA A 51 11.58 6.61 5.08
CA ALA A 51 10.84 7.61 4.34
C ALA A 51 9.52 7.94 5.03
N PRO A 52 9.05 9.20 4.90
CA PRO A 52 7.80 9.64 5.52
C PRO A 52 6.58 9.07 4.80
N GLY A 53 5.40 9.35 5.34
CA GLY A 53 4.17 8.86 4.74
C GLY A 53 4.04 7.35 4.83
N TYR A 54 2.90 6.82 4.39
CA TYR A 54 2.65 5.39 4.44
C TYR A 54 3.26 4.70 3.22
N TRP A 55 3.67 3.45 3.41
CA TRP A 55 4.27 2.67 2.33
C TRP A 55 3.69 1.26 2.29
N TYR A 56 3.91 0.58 1.17
CA TYR A 56 3.41 -0.79 1.00
C TYR A 56 4.56 -1.79 0.93
N GLY A 57 4.67 -2.63 1.95
CA GLY A 57 5.72 -3.62 1.98
C GLY A 57 5.45 -4.81 1.07
N ILE A 58 5.41 -4.55 -0.23
CA ILE A 58 5.15 -5.59 -1.22
C ILE A 58 6.36 -6.51 -1.39
N GLU A 59 6.10 -7.76 -1.76
CA GLU A 59 7.18 -8.73 -1.96
C GLU A 59 7.16 -9.28 -3.39
N LEU A 60 8.27 -9.09 -4.10
CA LEU A 60 8.37 -9.56 -5.48
C LEU A 60 8.68 -11.06 -5.51
N ASP A 61 8.80 -11.60 -6.72
CA ASP A 61 9.11 -13.01 -6.89
C ASP A 61 10.53 -13.22 -7.39
N GLN A 62 11.04 -12.24 -8.13
CA GLN A 62 12.39 -12.31 -8.67
C GLN A 62 13.33 -11.34 -7.94
N PRO A 63 14.60 -11.74 -7.73
CA PRO A 63 15.57 -10.88 -7.04
C PRO A 63 15.82 -9.58 -7.79
N THR A 64 15.03 -8.56 -7.45
CA THR A 64 15.17 -7.25 -8.08
C THR A 64 14.31 -6.21 -7.37
N GLY A 65 14.23 -6.33 -6.04
CA GLY A 65 13.44 -5.39 -5.27
C GLY A 65 14.23 -4.17 -4.87
N LYS A 66 14.78 -4.19 -3.66
CA LYS A 66 15.57 -3.07 -3.16
C LYS A 66 16.24 -3.42 -1.83
N HIS A 67 15.46 -3.99 -0.92
CA HIS A 67 15.97 -4.38 0.39
C HIS A 67 15.48 -5.78 0.77
N ASP A 68 16.08 -6.35 1.81
CA ASP A 68 15.71 -7.67 2.28
C ASP A 68 14.71 -7.59 3.42
N GLY A 69 13.73 -6.70 3.29
CA GLY A 69 12.72 -6.53 4.32
C GLY A 69 13.14 -5.54 5.39
N SER A 70 14.32 -5.77 5.96
CA SER A 70 14.84 -4.89 7.01
C SER A 70 15.44 -3.63 6.41
N VAL A 71 15.27 -2.51 7.11
CA VAL A 71 15.80 -1.23 6.64
C VAL A 71 16.40 -0.44 7.79
N PHE A 72 17.72 -0.27 7.76
CA PHE A 72 18.42 0.47 8.81
C PHE A 72 18.23 -0.19 10.16
N GLY A 73 18.08 -1.51 10.16
CA GLY A 73 17.90 -2.25 11.40
C GLY A 73 16.45 -2.30 11.83
N VAL A 74 15.55 -2.28 10.85
CA VAL A 74 14.12 -2.32 11.14
C VAL A 74 13.40 -3.26 10.17
N ARG A 75 12.93 -4.39 10.70
CA ARG A 75 12.22 -5.38 9.89
C ARG A 75 10.76 -4.99 9.71
N TYR A 76 10.22 -5.26 8.52
CA TYR A 76 8.84 -4.94 8.21
C TYR A 76 8.05 -6.19 7.86
N PHE A 77 8.64 -7.05 7.04
CA PHE A 77 8.00 -8.30 6.63
C PHE A 77 9.04 -9.33 6.18
N THR A 78 8.66 -10.60 6.24
CA THR A 78 9.55 -11.68 5.84
C THR A 78 9.48 -11.91 4.33
N CYS A 79 10.41 -11.30 3.61
CA CYS A 79 10.46 -11.44 2.15
C CYS A 79 11.80 -11.98 1.70
N ALA A 80 11.84 -12.55 0.49
CA ALA A 80 13.06 -13.11 -0.05
C ALA A 80 14.16 -12.05 -0.15
N PRO A 81 15.42 -12.47 -0.38
CA PRO A 81 16.54 -11.54 -0.50
C PRO A 81 16.42 -10.62 -1.72
N ARG A 82 16.34 -9.32 -1.47
CA ARG A 82 16.22 -8.35 -2.54
C ARG A 82 14.94 -8.57 -3.33
N HIS A 83 13.83 -8.74 -2.61
CA HIS A 83 12.53 -8.96 -3.24
C HIS A 83 11.54 -7.87 -2.83
N GLY A 84 11.53 -7.54 -1.54
CA GLY A 84 10.63 -6.51 -1.04
C GLY A 84 10.87 -5.17 -1.69
N VAL A 85 9.82 -4.36 -1.77
CA VAL A 85 9.91 -3.04 -2.37
C VAL A 85 8.89 -2.08 -1.77
N PHE A 86 9.35 -0.91 -1.35
CA PHE A 86 8.48 0.09 -0.75
C PHE A 86 8.16 1.20 -1.75
N ALA A 87 6.88 1.40 -2.04
CA ALA A 87 6.45 2.43 -2.97
C ALA A 87 5.16 3.09 -2.51
N PRO A 88 5.00 4.40 -2.77
CA PRO A 88 3.80 5.14 -2.38
C PRO A 88 2.52 4.54 -2.98
N ALA A 89 1.47 4.45 -2.16
CA ALA A 89 0.20 3.90 -2.61
C ALA A 89 -0.21 4.53 -3.94
N SER A 90 -0.19 5.86 -3.97
CA SER A 90 -0.54 6.60 -5.17
C SER A 90 0.36 6.14 -6.33
N ARG A 91 1.53 5.61 -5.98
CA ARG A 91 2.47 5.12 -6.97
C ARG A 91 2.17 3.65 -7.30
N ILE A 92 1.38 3.00 -6.44
CA ILE A 92 1.03 1.60 -6.65
C ILE A 92 -0.43 1.46 -7.07
N GLN A 93 -0.72 0.42 -7.85
CA GLN A 93 -2.07 0.17 -8.33
C GLN A 93 -2.66 -1.08 -7.67
N ARG A 94 -3.96 -1.29 -7.86
CA ARG A 94 -4.63 -2.45 -7.29
C ARG A 94 -5.27 -3.29 -8.38
N ILE A 95 -4.85 -4.55 -8.47
CA ILE A 95 -5.38 -5.47 -9.48
C ILE A 95 -6.57 -6.24 -8.93
N GLY A 96 -6.38 -6.87 -7.76
CA GLY A 96 -7.45 -7.64 -7.16
C GLY A 96 -7.93 -8.77 -8.04
N SER A 97 -7.02 -9.70 -8.34
CA SER A 97 -7.37 -10.84 -9.18
C SER A 97 -7.92 -11.99 -8.34
N GLY A 98 -9.22 -12.23 -8.47
CA GLY A 98 -9.86 -13.30 -7.73
C GLY A 98 -10.10 -12.93 -6.28
N PRO A 99 -10.97 -11.92 -6.02
CA PRO A 99 -11.28 -11.48 -4.66
C PRO A 99 -11.75 -12.63 -3.77
N SER A 100 -11.35 -12.59 -2.51
CA SER A 100 -11.73 -13.63 -1.55
C SER A 100 -11.25 -15.00 -2.01
N SER A 101 -10.08 -15.02 -2.66
CA SER A 101 -9.51 -16.26 -3.14
C SER A 101 -7.98 -16.19 -3.17
N GLY A 102 -7.34 -17.12 -2.46
CA GLY A 102 -5.89 -17.14 -2.41
C GLY A 102 -5.36 -17.92 -1.22
N GLY A 1 1.33 -4.55 30.91
CA GLY A 1 2.60 -4.33 31.66
C GLY A 1 2.65 -5.10 32.96
N SER A 2 2.41 -6.40 32.89
CA SER A 2 2.42 -7.25 34.07
C SER A 2 2.94 -8.65 33.73
N SER A 3 2.36 -9.25 32.70
CA SER A 3 2.76 -10.58 32.27
C SER A 3 3.77 -10.51 31.12
N GLY A 4 3.64 -9.48 30.29
CA GLY A 4 4.54 -9.31 29.17
C GLY A 4 4.21 -10.23 28.01
N SER A 5 2.91 -10.44 27.78
CA SER A 5 2.46 -11.31 26.70
C SER A 5 2.05 -10.49 25.48
N SER A 6 2.70 -9.35 25.29
CA SER A 6 2.40 -8.48 24.17
C SER A 6 3.51 -8.54 23.12
N GLY A 7 3.17 -8.19 21.88
CA GLY A 7 4.15 -8.22 20.80
C GLY A 7 3.63 -8.92 19.57
N LYS A 8 3.20 -10.17 19.72
CA LYS A 8 2.68 -10.95 18.62
C LYS A 8 1.21 -11.26 18.82
N SER A 9 0.45 -11.27 17.72
CA SER A 9 -0.98 -11.56 17.78
C SER A 9 -1.57 -11.67 16.37
N PRO A 10 -1.48 -12.87 15.77
CA PRO A 10 -2.01 -13.11 14.43
C PRO A 10 -3.54 -13.07 14.38
N SER A 11 -4.08 -12.08 13.69
CA SER A 11 -5.53 -11.93 13.59
C SER A 11 -5.94 -11.73 12.13
N SER A 12 -7.18 -12.10 11.81
CA SER A 12 -7.69 -11.96 10.46
C SER A 12 -8.67 -10.79 10.36
N PRO A 13 -8.92 -10.29 9.14
CA PRO A 13 -9.83 -9.16 8.92
C PRO A 13 -11.29 -9.54 9.17
N SER A 14 -11.69 -10.70 8.65
CA SER A 14 -13.06 -11.18 8.83
C SER A 14 -13.20 -11.93 10.15
N LEU A 15 -13.91 -11.33 11.09
CA LEU A 15 -14.13 -11.94 12.40
C LEU A 15 -15.44 -11.47 13.01
N GLY A 16 -15.56 -10.16 13.22
CA GLY A 16 -16.77 -9.60 13.80
C GLY A 16 -17.24 -8.36 13.08
N SER A 17 -16.30 -7.46 12.78
CA SER A 17 -16.63 -6.22 12.09
C SER A 17 -15.40 -5.65 11.38
N LEU A 18 -15.63 -4.69 10.49
CA LEU A 18 -14.54 -4.07 9.75
C LEU A 18 -14.87 -2.61 9.42
N GLN A 19 -14.75 -1.74 10.44
CA GLN A 19 -15.03 -0.33 10.25
C GLN A 19 -13.75 0.50 10.30
N GLN A 20 -12.69 -0.04 9.69
CA GLN A 20 -11.41 0.66 9.66
C GLN A 20 -11.37 1.69 8.52
N ARG A 21 -11.74 2.91 8.85
CA ARG A 21 -11.74 3.99 7.86
C ARG A 21 -10.45 4.80 7.93
N GLU A 22 -10.00 5.29 6.78
CA GLU A 22 -8.78 6.09 6.72
C GLU A 22 -8.52 6.59 5.30
N GLY A 23 -8.79 5.73 4.32
CA GLY A 23 -8.59 6.11 2.93
C GLY A 23 -7.27 5.61 2.38
N ALA A 24 -7.30 4.44 1.75
CA ALA A 24 -6.09 3.86 1.17
C ALA A 24 -6.40 3.15 -0.14
N LYS A 25 -5.37 2.96 -0.96
CA LYS A 25 -5.53 2.30 -2.24
C LYS A 25 -5.59 0.78 -2.07
N ALA A 26 -4.48 0.19 -1.63
CA ALA A 26 -4.41 -1.26 -1.43
C ALA A 26 -4.44 -1.59 0.06
N GLU A 27 -4.49 -2.89 0.36
CA GLU A 27 -4.53 -3.35 1.74
C GLU A 27 -3.68 -4.60 1.92
N VAL A 28 -3.53 -5.06 3.15
CA VAL A 28 -2.75 -6.25 3.47
C VAL A 28 -3.49 -7.51 3.06
N GLY A 29 -3.06 -8.12 1.97
CA GLY A 29 -3.69 -9.34 1.50
C GLY A 29 -4.38 -9.16 0.15
N ASP A 30 -3.77 -8.34 -0.71
CA ASP A 30 -4.34 -8.08 -2.03
C ASP A 30 -3.23 -7.80 -3.04
N GLN A 31 -3.48 -8.13 -4.31
CA GLN A 31 -2.51 -7.92 -5.36
C GLN A 31 -2.34 -6.43 -5.65
N VAL A 32 -1.16 -6.05 -6.12
CA VAL A 32 -0.87 -4.66 -6.44
C VAL A 32 0.20 -4.55 -7.51
N LEU A 33 0.53 -3.32 -7.89
CA LEU A 33 1.54 -3.08 -8.91
C LEU A 33 2.36 -1.84 -8.58
N VAL A 34 3.67 -2.04 -8.39
CA VAL A 34 4.56 -0.93 -8.06
C VAL A 34 5.05 -0.23 -9.31
N ALA A 35 4.94 1.09 -9.33
CA ALA A 35 5.37 1.89 -10.47
C ALA A 35 4.74 1.40 -11.77
N GLY A 36 3.58 0.77 -11.65
CA GLY A 36 2.89 0.26 -12.83
C GLY A 36 3.73 -0.71 -13.62
N GLN A 37 4.56 -1.48 -12.92
CA GLN A 37 5.42 -2.46 -13.57
C GLN A 37 5.62 -3.68 -12.69
N LYS A 38 6.37 -3.51 -11.61
CA LYS A 38 6.64 -4.61 -10.69
C LYS A 38 5.36 -5.05 -9.96
N GLN A 39 4.88 -6.24 -10.30
CA GLN A 39 3.67 -6.77 -9.69
C GLN A 39 4.00 -7.59 -8.45
N GLY A 40 3.21 -7.42 -7.39
CA GLY A 40 3.43 -8.16 -6.17
C GLY A 40 2.23 -8.11 -5.24
N ILE A 41 2.40 -8.64 -4.03
CA ILE A 41 1.33 -8.67 -3.05
C ILE A 41 1.75 -7.97 -1.76
N VAL A 42 0.88 -7.09 -1.27
CA VAL A 42 1.16 -6.35 -0.04
C VAL A 42 1.37 -7.29 1.13
N ARG A 43 2.51 -7.17 1.79
CA ARG A 43 2.83 -8.02 2.94
C ARG A 43 2.80 -7.21 4.24
N PHE A 44 3.14 -5.93 4.14
CA PHE A 44 3.15 -5.05 5.31
C PHE A 44 2.78 -3.63 4.92
N TYR A 45 1.62 -3.18 5.38
CA TYR A 45 1.14 -1.83 5.08
C TYR A 45 1.10 -0.98 6.34
N GLY A 46 1.46 0.30 6.20
CA GLY A 46 1.46 1.20 7.35
C GLY A 46 2.58 2.21 7.28
N LYS A 47 2.72 3.00 8.35
CA LYS A 47 3.76 4.02 8.41
C LYS A 47 5.12 3.38 8.65
N THR A 48 6.18 4.13 8.37
CA THR A 48 7.54 3.65 8.55
C THR A 48 8.30 4.51 9.54
N ASP A 49 9.57 4.20 9.75
CA ASP A 49 10.42 4.94 10.67
C ASP A 49 11.52 5.70 9.94
N PHE A 50 11.37 5.84 8.63
CA PHE A 50 12.37 6.55 7.82
C PHE A 50 11.72 7.67 7.02
N ALA A 51 10.55 7.40 6.47
CA ALA A 51 9.83 8.39 5.68
C ALA A 51 8.39 8.53 6.15
N PRO A 52 7.80 9.73 6.02
CA PRO A 52 6.41 9.99 6.43
C PRO A 52 5.40 9.29 5.53
N GLY A 53 4.12 9.44 5.86
CA GLY A 53 3.07 8.82 5.07
C GLY A 53 3.01 7.32 5.27
N TYR A 54 2.22 6.64 4.43
CA TYR A 54 2.08 5.20 4.52
C TYR A 54 2.72 4.51 3.32
N TRP A 55 3.48 3.45 3.57
CA TRP A 55 4.15 2.71 2.51
C TRP A 55 3.70 1.25 2.50
N TYR A 56 3.85 0.60 1.36
CA TYR A 56 3.46 -0.80 1.21
C TYR A 56 4.69 -1.69 1.06
N GLY A 57 4.80 -2.68 1.95
CA GLY A 57 5.92 -3.60 1.90
C GLY A 57 5.65 -4.80 1.02
N ILE A 58 5.46 -4.55 -0.27
CA ILE A 58 5.20 -5.63 -1.22
C ILE A 58 6.44 -6.47 -1.46
N GLU A 59 6.25 -7.76 -1.66
CA GLU A 59 7.36 -8.68 -1.91
C GLU A 59 7.36 -9.16 -3.35
N LEU A 60 8.53 -9.21 -3.96
CA LEU A 60 8.67 -9.65 -5.35
C LEU A 60 8.99 -11.14 -5.41
N ASP A 61 8.91 -11.71 -6.62
CA ASP A 61 9.19 -13.12 -6.82
C ASP A 61 10.63 -13.33 -7.27
N GLN A 62 11.16 -12.36 -8.00
CA GLN A 62 12.53 -12.44 -8.49
C GLN A 62 13.42 -11.42 -7.79
N PRO A 63 14.74 -11.70 -7.70
CA PRO A 63 15.70 -10.79 -7.06
C PRO A 63 15.94 -9.53 -7.87
N THR A 64 15.01 -8.58 -7.77
CA THR A 64 15.13 -7.32 -8.49
C THR A 64 14.32 -6.22 -7.79
N GLY A 65 14.23 -6.31 -6.46
CA GLY A 65 13.49 -5.32 -5.71
C GLY A 65 14.32 -4.09 -5.40
N LYS A 66 14.58 -3.87 -4.12
CA LYS A 66 15.37 -2.72 -3.69
C LYS A 66 16.10 -3.01 -2.39
N HIS A 67 15.38 -3.56 -1.42
CA HIS A 67 15.97 -3.90 -0.11
C HIS A 67 15.74 -5.37 0.22
N ASP A 68 16.30 -5.81 1.34
CA ASP A 68 16.17 -7.20 1.77
C ASP A 68 15.07 -7.33 2.81
N GLY A 69 13.99 -6.57 2.63
CA GLY A 69 12.88 -6.61 3.56
C GLY A 69 13.02 -5.61 4.68
N SER A 70 14.18 -5.61 5.34
CA SER A 70 14.43 -4.68 6.43
C SER A 70 15.01 -3.37 5.92
N VAL A 71 14.61 -2.26 6.55
CA VAL A 71 15.09 -0.94 6.16
C VAL A 71 15.66 -0.19 7.35
N PHE A 72 16.96 0.07 7.31
CA PHE A 72 17.63 0.79 8.39
C PHE A 72 17.50 0.03 9.70
N GLY A 73 17.45 -1.29 9.62
CA GLY A 73 17.32 -2.12 10.81
C GLY A 73 15.88 -2.30 11.24
N VAL A 74 14.96 -2.25 10.28
CA VAL A 74 13.55 -2.41 10.57
C VAL A 74 12.91 -3.45 9.64
N ARG A 75 12.73 -4.66 10.15
CA ARG A 75 12.14 -5.73 9.37
C ARG A 75 10.62 -5.61 9.34
N TYR A 76 10.07 -5.31 8.17
CA TYR A 76 8.63 -5.17 8.01
C TYR A 76 7.99 -6.51 7.69
N PHE A 77 8.64 -7.30 6.86
CA PHE A 77 8.13 -8.61 6.47
C PHE A 77 9.26 -9.54 6.07
N THR A 78 9.04 -10.84 6.22
CA THR A 78 10.04 -11.84 5.87
C THR A 78 9.99 -12.16 4.37
N CYS A 79 11.04 -11.75 3.66
CA CYS A 79 11.11 -11.98 2.22
C CYS A 79 12.53 -12.31 1.79
N ALA A 80 12.70 -12.73 0.54
CA ALA A 80 14.01 -13.07 0.01
C ALA A 80 14.86 -11.82 -0.19
N PRO A 81 16.17 -11.99 -0.42
CA PRO A 81 17.08 -10.86 -0.62
C PRO A 81 16.77 -10.08 -1.89
N ARG A 82 16.60 -8.77 -1.74
CA ARG A 82 16.29 -7.90 -2.87
C ARG A 82 14.95 -8.29 -3.50
N HIS A 83 13.98 -8.62 -2.66
CA HIS A 83 12.65 -9.02 -3.12
C HIS A 83 11.60 -8.01 -2.67
N GLY A 84 11.77 -7.49 -1.46
CA GLY A 84 10.82 -6.52 -0.93
C GLY A 84 11.02 -5.13 -1.52
N VAL A 85 9.95 -4.35 -1.57
CA VAL A 85 10.02 -3.00 -2.11
C VAL A 85 8.93 -2.12 -1.51
N PHE A 86 9.31 -0.91 -1.12
CA PHE A 86 8.37 0.04 -0.52
C PHE A 86 8.10 1.21 -1.46
N ALA A 87 6.86 1.35 -1.90
CA ALA A 87 6.47 2.43 -2.80
C ALA A 87 5.17 3.07 -2.36
N PRO A 88 5.03 4.39 -2.55
CA PRO A 88 3.82 5.13 -2.15
C PRO A 88 2.57 4.59 -2.86
N ALA A 89 1.43 4.62 -2.16
CA ALA A 89 0.18 4.14 -2.71
C ALA A 89 -0.05 4.75 -4.10
N SER A 90 0.08 6.07 -4.18
CA SER A 90 -0.08 6.78 -5.43
C SER A 90 0.88 6.21 -6.47
N ARG A 91 1.97 5.61 -5.99
CA ARG A 91 2.96 5.01 -6.87
C ARG A 91 2.61 3.54 -7.15
N ILE A 92 1.69 3.00 -6.35
CA ILE A 92 1.27 1.61 -6.52
C ILE A 92 -0.16 1.52 -7.05
N GLN A 93 -0.47 0.44 -7.74
CA GLN A 93 -1.80 0.24 -8.31
C GLN A 93 -2.48 -0.98 -7.67
N ARG A 94 -3.71 -1.25 -8.10
CA ARG A 94 -4.46 -2.38 -7.57
C ARG A 94 -4.87 -3.33 -8.69
N ILE A 95 -4.86 -4.63 -8.40
CA ILE A 95 -5.24 -5.64 -9.38
C ILE A 95 -6.54 -6.34 -8.98
N GLY A 96 -6.73 -6.53 -7.68
CA GLY A 96 -7.92 -7.19 -7.19
C GLY A 96 -7.62 -8.21 -6.10
N SER A 97 -8.65 -8.95 -5.69
CA SER A 97 -8.50 -9.96 -4.65
C SER A 97 -8.17 -11.32 -5.26
N GLY A 98 -9.05 -11.79 -6.14
CA GLY A 98 -8.83 -13.08 -6.78
C GLY A 98 -10.02 -14.01 -6.61
N PRO A 99 -10.17 -15.00 -7.52
CA PRO A 99 -11.28 -15.95 -7.46
C PRO A 99 -11.15 -16.91 -6.28
N SER A 100 -9.92 -17.17 -5.87
CA SER A 100 -9.66 -18.06 -4.75
C SER A 100 -10.06 -17.42 -3.42
N SER A 101 -10.40 -18.26 -2.45
CA SER A 101 -10.80 -17.77 -1.12
C SER A 101 -10.23 -18.65 -0.03
N GLY A 102 -10.69 -19.90 0.04
CA GLY A 102 -10.22 -20.81 1.05
C GLY A 102 -11.02 -22.10 1.08
N GLY A 1 -40.04 30.40 -10.04
CA GLY A 1 -39.48 29.03 -9.91
C GLY A 1 -38.48 28.70 -11.00
N SER A 2 -37.25 29.20 -10.83
CA SER A 2 -36.19 28.96 -11.81
C SER A 2 -34.84 29.40 -11.25
N SER A 3 -34.72 30.68 -10.91
CA SER A 3 -33.47 31.21 -10.38
C SER A 3 -32.28 30.82 -11.24
N GLY A 4 -31.91 31.71 -12.15
CA GLY A 4 -30.79 31.45 -13.04
C GLY A 4 -31.21 30.78 -14.32
N SER A 5 -30.32 29.97 -14.87
CA SER A 5 -30.61 29.26 -16.12
C SER A 5 -29.89 27.92 -16.16
N SER A 6 -29.85 27.23 -15.01
CA SER A 6 -29.19 25.94 -14.91
C SER A 6 -27.72 26.05 -15.25
N GLY A 7 -26.94 25.04 -14.86
CA GLY A 7 -25.52 25.05 -15.12
C GLY A 7 -24.71 25.48 -13.92
N LYS A 8 -25.30 26.33 -13.08
CA LYS A 8 -24.63 26.82 -11.88
C LYS A 8 -24.30 25.67 -10.93
N SER A 9 -23.02 25.48 -10.65
CA SER A 9 -22.58 24.43 -9.76
C SER A 9 -21.21 24.76 -9.15
N PRO A 10 -20.83 24.04 -8.08
CA PRO A 10 -19.54 24.26 -7.41
C PRO A 10 -18.36 24.26 -8.38
N SER A 11 -17.66 25.38 -8.46
CA SER A 11 -16.51 25.50 -9.35
C SER A 11 -15.27 25.95 -8.59
N SER A 12 -14.13 25.33 -8.90
CA SER A 12 -12.87 25.66 -8.24
C SER A 12 -11.71 24.89 -8.86
N PRO A 13 -10.57 25.54 -9.06
CA PRO A 13 -9.39 24.91 -9.65
C PRO A 13 -8.99 23.62 -8.92
N SER A 14 -7.90 23.01 -9.37
CA SER A 14 -7.42 21.78 -8.76
C SER A 14 -6.59 22.08 -7.52
N LEU A 15 -7.26 22.39 -6.42
CA LEU A 15 -6.58 22.70 -5.16
C LEU A 15 -7.52 22.49 -3.98
N GLY A 16 -7.47 21.30 -3.39
CA GLY A 16 -8.32 21.01 -2.25
C GLY A 16 -9.79 21.13 -2.58
N SER A 17 -10.39 20.03 -3.04
CA SER A 17 -11.80 20.01 -3.39
C SER A 17 -12.66 19.60 -2.19
N LEU A 18 -13.97 19.76 -2.32
CA LEU A 18 -14.90 19.40 -1.25
C LEU A 18 -15.00 17.89 -1.10
N GLN A 19 -14.99 17.18 -2.22
CA GLN A 19 -15.07 15.72 -2.21
C GLN A 19 -13.87 15.10 -2.91
N GLN A 20 -12.82 14.83 -2.15
CA GLN A 20 -11.61 14.23 -2.70
C GLN A 20 -11.54 12.74 -2.36
N ARG A 21 -10.80 11.99 -3.17
CA ARG A 21 -10.65 10.56 -2.97
C ARG A 21 -9.20 10.13 -3.14
N GLU A 22 -8.43 10.20 -2.06
CA GLU A 22 -7.02 9.81 -2.09
C GLU A 22 -6.51 9.47 -0.70
N GLY A 23 -5.92 8.29 -0.56
CA GLY A 23 -5.41 7.86 0.73
C GLY A 23 -4.95 6.42 0.71
N ALA A 24 -5.77 5.55 0.15
CA ALA A 24 -5.44 4.12 0.07
C ALA A 24 -5.87 3.54 -1.27
N LYS A 25 -5.31 2.37 -1.60
CA LYS A 25 -5.63 1.71 -2.85
C LYS A 25 -5.69 0.19 -2.67
N ALA A 26 -4.70 -0.36 -2.00
CA ALA A 26 -4.64 -1.80 -1.74
C ALA A 26 -4.56 -2.09 -0.25
N GLU A 27 -4.71 -3.37 0.10
CA GLU A 27 -4.65 -3.78 1.50
C GLU A 27 -3.59 -4.86 1.70
N VAL A 28 -3.45 -5.31 2.94
CA VAL A 28 -2.47 -6.35 3.27
C VAL A 28 -2.95 -7.72 2.81
N GLY A 29 -2.36 -8.21 1.73
CA GLY A 29 -2.74 -9.50 1.20
C GLY A 29 -3.52 -9.41 -0.09
N ASP A 30 -3.18 -8.42 -0.91
CA ASP A 30 -3.86 -8.21 -2.19
C ASP A 30 -2.86 -7.87 -3.28
N GLN A 31 -3.13 -8.33 -4.49
CA GLN A 31 -2.26 -8.08 -5.64
C GLN A 31 -2.11 -6.58 -5.89
N VAL A 32 -0.93 -6.16 -6.31
CA VAL A 32 -0.67 -4.75 -6.58
C VAL A 32 0.38 -4.59 -7.68
N LEU A 33 0.61 -3.35 -8.11
CA LEU A 33 1.58 -3.07 -9.15
C LEU A 33 2.40 -1.83 -8.81
N VAL A 34 3.66 -2.02 -8.43
CA VAL A 34 4.54 -0.92 -8.08
C VAL A 34 5.05 -0.20 -9.32
N ALA A 35 4.84 1.11 -9.37
CA ALA A 35 5.28 1.91 -10.50
C ALA A 35 4.66 1.42 -11.80
N GLY A 36 3.49 0.79 -11.70
CA GLY A 36 2.82 0.28 -12.88
C GLY A 36 3.69 -0.67 -13.69
N GLN A 37 4.57 -1.40 -13.00
CA GLN A 37 5.45 -2.33 -13.66
C GLN A 37 5.70 -3.56 -12.79
N LYS A 38 6.45 -3.36 -11.71
CA LYS A 38 6.76 -4.45 -10.79
C LYS A 38 5.52 -4.92 -10.06
N GLN A 39 4.98 -6.06 -10.47
CA GLN A 39 3.79 -6.62 -9.86
C GLN A 39 4.13 -7.40 -8.58
N GLY A 40 3.23 -7.40 -7.62
CA GLY A 40 3.46 -8.10 -6.37
C GLY A 40 2.26 -8.05 -5.45
N ILE A 41 2.48 -8.39 -4.18
CA ILE A 41 1.41 -8.38 -3.19
C ILE A 41 1.85 -7.70 -1.91
N VAL A 42 0.96 -6.91 -1.32
CA VAL A 42 1.26 -6.19 -0.08
C VAL A 42 1.34 -7.16 1.09
N ARG A 43 2.45 -7.10 1.83
CA ARG A 43 2.66 -7.97 2.98
C ARG A 43 2.61 -7.18 4.28
N PHE A 44 3.06 -5.93 4.22
CA PHE A 44 3.06 -5.06 5.40
C PHE A 44 2.69 -3.63 5.02
N TYR A 45 1.49 -3.22 5.42
CA TYR A 45 1.00 -1.88 5.12
C TYR A 45 0.95 -1.03 6.38
N GLY A 46 1.49 0.18 6.30
CA GLY A 46 1.49 1.07 7.46
C GLY A 46 2.55 2.15 7.36
N LYS A 47 3.23 2.41 8.46
CA LYS A 47 4.28 3.42 8.49
C LYS A 47 5.66 2.77 8.50
N THR A 48 6.65 3.51 8.01
CA THR A 48 8.02 3.02 7.95
C THR A 48 8.94 3.88 8.81
N ASP A 49 10.23 3.53 8.82
CA ASP A 49 11.22 4.27 9.60
C ASP A 49 12.18 5.02 8.68
N PHE A 50 12.36 4.50 7.46
CA PHE A 50 13.27 5.13 6.50
C PHE A 50 12.67 6.43 5.96
N ALA A 51 11.34 6.46 5.81
CA ALA A 51 10.66 7.64 5.30
C ALA A 51 9.26 7.77 5.90
N PRO A 52 8.79 9.01 6.08
CA PRO A 52 7.46 9.27 6.65
C PRO A 52 6.34 9.01 5.66
N GLY A 53 5.12 8.92 6.15
CA GLY A 53 3.97 8.67 5.29
C GLY A 53 3.54 7.22 5.31
N TYR A 54 2.66 6.85 4.38
CA TYR A 54 2.16 5.49 4.29
C TYR A 54 2.84 4.74 3.15
N TRP A 55 3.42 3.58 3.47
CA TRP A 55 4.11 2.76 2.48
C TRP A 55 3.58 1.34 2.49
N TYR A 56 3.76 0.64 1.38
CA TYR A 56 3.29 -0.74 1.27
C TYR A 56 4.47 -1.70 1.13
N GLY A 57 4.56 -2.67 2.05
CA GLY A 57 5.64 -3.63 2.01
C GLY A 57 5.35 -4.78 1.07
N ILE A 58 5.32 -4.49 -0.23
CA ILE A 58 5.05 -5.52 -1.23
C ILE A 58 6.25 -6.44 -1.42
N GLU A 59 5.98 -7.73 -1.55
CA GLU A 59 7.04 -8.71 -1.72
C GLU A 59 6.96 -9.36 -3.10
N LEU A 60 7.95 -9.08 -3.94
CA LEU A 60 7.98 -9.64 -5.30
C LEU A 60 8.34 -11.12 -5.27
N ASP A 61 8.26 -11.76 -6.42
CA ASP A 61 8.58 -13.18 -6.53
C ASP A 61 9.96 -13.38 -7.12
N GLN A 62 10.37 -12.47 -8.00
CA GLN A 62 11.68 -12.55 -8.64
C GLN A 62 12.62 -11.50 -8.07
N PRO A 63 13.94 -11.73 -8.20
CA PRO A 63 14.96 -10.80 -7.69
C PRO A 63 14.94 -9.47 -8.42
N THR A 64 14.04 -8.58 -8.01
CA THR A 64 13.91 -7.26 -8.62
C THR A 64 13.28 -6.27 -7.66
N GLY A 65 13.58 -6.42 -6.37
CA GLY A 65 13.03 -5.53 -5.37
C GLY A 65 14.00 -4.42 -4.99
N LYS A 66 14.18 -4.22 -3.68
CA LYS A 66 15.08 -3.19 -3.19
C LYS A 66 15.79 -3.64 -1.92
N HIS A 67 14.99 -3.97 -0.90
CA HIS A 67 15.55 -4.43 0.38
C HIS A 67 15.25 -5.91 0.60
N ASP A 68 15.95 -6.51 1.56
CA ASP A 68 15.77 -7.92 1.86
C ASP A 68 14.85 -8.10 3.07
N GLY A 69 13.84 -7.23 3.16
CA GLY A 69 12.90 -7.31 4.27
C GLY A 69 13.25 -6.36 5.40
N SER A 70 14.54 -6.12 5.58
CA SER A 70 15.01 -5.21 6.64
C SER A 70 15.67 -3.97 6.04
N VAL A 71 15.43 -2.82 6.66
CA VAL A 71 16.00 -1.56 6.19
C VAL A 71 16.67 -0.80 7.33
N PHE A 72 18.00 -0.71 7.28
CA PHE A 72 18.74 -0.01 8.31
C PHE A 72 18.54 -0.65 9.68
N GLY A 73 18.32 -1.96 9.68
CA GLY A 73 18.12 -2.68 10.93
C GLY A 73 16.65 -2.92 11.21
N VAL A 74 15.79 -2.05 10.70
CA VAL A 74 14.35 -2.17 10.91
C VAL A 74 13.76 -3.27 10.04
N ARG A 75 12.90 -4.09 10.63
CA ARG A 75 12.27 -5.18 9.92
C ARG A 75 10.79 -4.89 9.66
N TYR A 76 10.30 -5.32 8.50
CA TYR A 76 8.90 -5.10 8.14
C TYR A 76 8.20 -6.42 7.84
N PHE A 77 8.88 -7.30 7.09
CA PHE A 77 8.33 -8.59 6.73
C PHE A 77 9.43 -9.54 6.26
N THR A 78 9.03 -10.78 5.95
CA THR A 78 9.99 -11.77 5.48
C THR A 78 9.94 -11.91 3.96
N CYS A 79 11.02 -11.52 3.30
CA CYS A 79 11.09 -11.59 1.85
C CYS A 79 12.49 -11.98 1.39
N ALA A 80 12.58 -12.61 0.22
CA ALA A 80 13.85 -13.04 -0.33
C ALA A 80 14.72 -11.84 -0.70
N PRO A 81 16.01 -12.07 -0.99
CA PRO A 81 16.94 -11.00 -1.36
C PRO A 81 16.47 -10.21 -2.57
N ARG A 82 16.31 -8.90 -2.40
CA ARG A 82 15.87 -8.04 -3.48
C ARG A 82 14.46 -8.41 -3.94
N HIS A 83 13.53 -8.50 -2.99
CA HIS A 83 12.16 -8.85 -3.30
C HIS A 83 11.19 -7.80 -2.77
N GLY A 84 11.35 -7.45 -1.49
CA GLY A 84 10.49 -6.46 -0.89
C GLY A 84 10.68 -5.08 -1.48
N VAL A 85 9.59 -4.34 -1.63
CA VAL A 85 9.65 -2.99 -2.19
C VAL A 85 8.59 -2.08 -1.56
N PHE A 86 9.02 -0.92 -1.10
CA PHE A 86 8.11 0.03 -0.47
C PHE A 86 7.88 1.24 -1.38
N ALA A 87 6.64 1.40 -1.84
CA ALA A 87 6.29 2.51 -2.71
C ALA A 87 4.96 3.13 -2.30
N PRO A 88 4.81 4.46 -2.48
CA PRO A 88 3.59 5.18 -2.12
C PRO A 88 2.36 4.61 -2.84
N ALA A 89 1.23 4.58 -2.12
CA ALA A 89 -0.02 4.07 -2.69
C ALA A 89 -0.26 4.68 -4.06
N SER A 90 -0.17 6.01 -4.13
CA SER A 90 -0.36 6.71 -5.39
C SER A 90 0.62 6.18 -6.43
N ARG A 91 1.72 5.61 -5.96
CA ARG A 91 2.72 5.03 -6.84
C ARG A 91 2.41 3.57 -7.14
N ILE A 92 1.51 2.98 -6.34
CA ILE A 92 1.13 1.59 -6.51
C ILE A 92 -0.28 1.48 -7.09
N GLN A 93 -0.58 0.34 -7.70
CA GLN A 93 -1.88 0.11 -8.30
C GLN A 93 -2.46 -1.22 -7.86
N ARG A 94 -3.69 -1.51 -8.28
CA ARG A 94 -4.36 -2.75 -7.93
C ARG A 94 -4.67 -3.59 -9.17
N ILE A 95 -4.76 -4.89 -8.99
CA ILE A 95 -5.04 -5.80 -10.10
C ILE A 95 -6.35 -6.57 -9.86
N GLY A 96 -6.55 -7.00 -8.62
CA GLY A 96 -7.75 -7.74 -8.29
C GLY A 96 -9.01 -6.90 -8.43
N SER A 97 -9.66 -7.00 -9.59
CA SER A 97 -10.87 -6.24 -9.85
C SER A 97 -12.10 -6.99 -9.35
N GLY A 98 -13.25 -6.31 -9.34
CA GLY A 98 -14.47 -6.93 -8.87
C GLY A 98 -15.63 -5.96 -8.84
N PRO A 99 -16.84 -6.43 -8.47
CA PRO A 99 -18.03 -5.59 -8.41
C PRO A 99 -17.80 -4.33 -7.58
N SER A 100 -18.18 -3.18 -8.13
CA SER A 100 -18.02 -1.91 -7.44
C SER A 100 -19.31 -1.50 -6.74
N SER A 101 -19.19 -1.04 -5.49
CA SER A 101 -20.34 -0.62 -4.71
C SER A 101 -20.11 0.77 -4.11
N GLY A 102 -21.13 1.62 -4.17
CA GLY A 102 -21.03 2.95 -3.62
C GLY A 102 -20.99 4.02 -4.70
N GLY A 1 -14.94 29.76 13.27
CA GLY A 1 -14.31 29.74 11.93
C GLY A 1 -13.72 31.09 11.55
N SER A 2 -12.41 31.23 11.73
CA SER A 2 -11.73 32.48 11.40
C SER A 2 -10.76 32.28 10.23
N SER A 3 -9.78 31.41 10.42
CA SER A 3 -8.80 31.13 9.38
C SER A 3 -8.87 29.66 8.94
N GLY A 4 -9.06 28.77 9.91
CA GLY A 4 -9.14 27.35 9.60
C GLY A 4 -8.51 26.49 10.68
N SER A 5 -9.24 25.45 11.10
CA SER A 5 -8.75 24.55 12.13
C SER A 5 -8.16 23.28 11.50
N SER A 6 -7.59 23.42 10.32
CA SER A 6 -6.98 22.30 9.61
C SER A 6 -5.52 22.56 9.31
N GLY A 7 -4.87 21.62 8.64
CA GLY A 7 -3.47 21.76 8.30
C GLY A 7 -3.28 22.31 6.90
N LYS A 8 -2.27 23.16 6.73
CA LYS A 8 -1.96 23.75 5.43
C LYS A 8 -1.08 22.83 4.59
N SER A 9 -1.11 23.02 3.28
CA SER A 9 -0.31 22.20 2.37
C SER A 9 -0.50 22.67 0.93
N PRO A 10 -1.74 22.59 0.40
CA PRO A 10 -2.03 23.01 -0.97
C PRO A 10 -1.97 24.52 -1.15
N SER A 11 -1.02 24.98 -1.95
CA SER A 11 -0.85 26.41 -2.20
C SER A 11 -0.80 26.70 -3.69
N SER A 12 0.20 26.14 -4.37
CA SER A 12 0.36 26.34 -5.81
C SER A 12 1.16 25.20 -6.42
N PRO A 13 0.50 24.32 -7.19
CA PRO A 13 1.17 23.18 -7.84
C PRO A 13 2.13 23.62 -8.94
N SER A 14 3.35 23.95 -8.55
CA SER A 14 4.37 24.38 -9.50
C SER A 14 5.49 23.36 -9.61
N LEU A 15 6.25 23.21 -8.52
CA LEU A 15 7.36 22.26 -8.48
C LEU A 15 7.37 21.48 -7.18
N GLY A 16 7.12 20.18 -7.27
CA GLY A 16 7.11 19.34 -6.08
C GLY A 16 6.08 19.79 -5.06
N SER A 17 5.01 20.42 -5.55
CA SER A 17 3.95 20.90 -4.67
C SER A 17 2.85 19.86 -4.52
N LEU A 18 2.43 19.28 -5.63
CA LEU A 18 1.39 18.26 -5.63
C LEU A 18 1.68 17.17 -6.66
N GLN A 19 1.02 16.02 -6.49
CA GLN A 19 1.21 14.90 -7.40
C GLN A 19 0.04 13.92 -7.32
N GLN A 20 -1.14 14.45 -7.01
CA GLN A 20 -2.33 13.62 -6.89
C GLN A 20 -2.16 12.55 -5.82
N ARG A 21 -2.68 12.83 -4.63
CA ARG A 21 -2.58 11.89 -3.52
C ARG A 21 -3.45 12.34 -2.34
N GLU A 22 -4.15 11.39 -1.74
CA GLU A 22 -5.02 11.70 -0.61
C GLU A 22 -4.62 10.88 0.62
N GLY A 23 -4.65 9.56 0.48
CA GLY A 23 -4.30 8.69 1.59
C GLY A 23 -3.94 7.29 1.14
N ALA A 24 -4.53 6.29 1.79
CA ALA A 24 -4.27 4.90 1.44
C ALA A 24 -4.84 4.56 0.07
N LYS A 25 -4.67 3.31 -0.33
CA LYS A 25 -5.17 2.85 -1.62
C LYS A 25 -5.47 1.35 -1.60
N ALA A 26 -4.54 0.58 -1.07
CA ALA A 26 -4.70 -0.87 -0.99
C ALA A 26 -4.56 -1.34 0.45
N GLU A 27 -4.58 -2.66 0.64
CA GLU A 27 -4.46 -3.26 1.97
C GLU A 27 -3.61 -4.52 1.93
N VAL A 28 -3.33 -5.07 3.10
CA VAL A 28 -2.53 -6.28 3.21
C VAL A 28 -3.33 -7.51 2.81
N GLY A 29 -2.89 -8.19 1.75
CA GLY A 29 -3.58 -9.38 1.29
C GLY A 29 -4.30 -9.16 -0.03
N ASP A 30 -3.77 -8.24 -0.84
CA ASP A 30 -4.36 -7.94 -2.13
C ASP A 30 -3.28 -7.65 -3.17
N GLN A 31 -3.51 -8.10 -4.40
CA GLN A 31 -2.56 -7.89 -5.48
C GLN A 31 -2.36 -6.41 -5.75
N VAL A 32 -1.17 -6.04 -6.22
CA VAL A 32 -0.85 -4.66 -6.52
C VAL A 32 0.24 -4.55 -7.58
N LEU A 33 0.47 -3.34 -8.07
CA LEU A 33 1.49 -3.11 -9.08
C LEU A 33 2.33 -1.88 -8.74
N VAL A 34 3.57 -2.11 -8.31
CA VAL A 34 4.47 -1.02 -7.95
C VAL A 34 5.01 -0.33 -9.19
N ALA A 35 4.81 0.99 -9.25
CA ALA A 35 5.28 1.79 -10.38
C ALA A 35 4.69 1.28 -11.69
N GLY A 36 3.52 0.64 -11.60
CA GLY A 36 2.87 0.12 -12.80
C GLY A 36 3.76 -0.83 -13.58
N GLN A 37 4.70 -1.47 -12.88
CA GLN A 37 5.62 -2.41 -13.52
C GLN A 37 5.80 -3.65 -12.66
N LYS A 38 6.46 -3.48 -11.52
CA LYS A 38 6.71 -4.60 -10.61
C LYS A 38 5.41 -5.07 -9.96
N GLN A 39 4.98 -6.27 -10.33
CA GLN A 39 3.75 -6.84 -9.78
C GLN A 39 4.04 -7.63 -8.50
N GLY A 40 3.21 -7.43 -7.49
CA GLY A 40 3.40 -8.13 -6.23
C GLY A 40 2.18 -8.04 -5.33
N ILE A 41 2.34 -8.44 -4.08
CA ILE A 41 1.25 -8.41 -3.12
C ILE A 41 1.67 -7.70 -1.83
N VAL A 42 0.74 -6.96 -1.24
CA VAL A 42 1.01 -6.23 0.00
C VAL A 42 1.21 -7.20 1.16
N ARG A 43 2.43 -7.26 1.67
CA ARG A 43 2.75 -8.15 2.79
C ARG A 43 2.71 -7.39 4.11
N PHE A 44 3.21 -6.16 4.11
CA PHE A 44 3.23 -5.34 5.31
C PHE A 44 2.81 -3.90 4.99
N TYR A 45 1.71 -3.47 5.61
CA TYR A 45 1.20 -2.12 5.38
C TYR A 45 1.10 -1.36 6.70
N GLY A 46 1.51 -0.10 6.68
CA GLY A 46 1.46 0.72 7.89
C GLY A 46 2.43 1.89 7.84
N LYS A 47 2.83 2.36 9.01
CA LYS A 47 3.76 3.48 9.10
C LYS A 47 5.20 3.00 8.97
N THR A 48 6.07 3.86 8.43
CA THR A 48 7.47 3.52 8.25
C THR A 48 8.36 4.42 9.12
N ASP A 49 9.67 4.17 9.08
CA ASP A 49 10.62 4.95 9.85
C ASP A 49 11.55 5.74 8.94
N PHE A 50 11.92 5.14 7.82
CA PHE A 50 12.81 5.79 6.87
C PHE A 50 12.16 7.03 6.27
N ALA A 51 10.83 6.99 6.13
CA ALA A 51 10.09 8.11 5.58
C ALA A 51 8.69 8.18 6.16
N PRO A 52 8.10 9.38 6.22
CA PRO A 52 6.75 9.58 6.75
C PRO A 52 5.67 9.03 5.83
N GLY A 53 4.44 8.95 6.34
CA GLY A 53 3.34 8.44 5.55
C GLY A 53 3.17 6.94 5.69
N TYR A 54 2.49 6.34 4.73
CA TYR A 54 2.25 4.90 4.75
C TYR A 54 2.77 4.24 3.48
N TRP A 55 3.62 3.22 3.64
CA TRP A 55 4.20 2.52 2.50
C TRP A 55 3.67 1.09 2.45
N TYR A 56 3.96 0.40 1.34
CA TYR A 56 3.52 -0.97 1.16
C TYR A 56 4.70 -1.91 1.00
N GLY A 57 4.86 -2.85 1.93
CA GLY A 57 5.96 -3.79 1.87
C GLY A 57 5.67 -4.96 0.94
N ILE A 58 5.46 -4.65 -0.34
CA ILE A 58 5.17 -5.68 -1.33
C ILE A 58 6.39 -6.54 -1.60
N GLU A 59 6.18 -7.85 -1.71
CA GLU A 59 7.27 -8.78 -1.97
C GLU A 59 7.22 -9.29 -3.40
N LEU A 60 8.37 -9.29 -4.07
CA LEU A 60 8.45 -9.76 -5.45
C LEU A 60 8.99 -11.18 -5.52
N ASP A 61 8.96 -11.76 -6.71
CA ASP A 61 9.44 -13.12 -6.91
C ASP A 61 10.87 -13.11 -7.46
N GLN A 62 11.20 -12.08 -8.23
CA GLN A 62 12.53 -11.96 -8.80
C GLN A 62 13.40 -11.03 -7.97
N PRO A 63 14.74 -11.20 -8.05
CA PRO A 63 15.69 -10.38 -7.30
C PRO A 63 15.84 -8.98 -7.89
N THR A 64 14.74 -8.24 -7.93
CA THR A 64 14.74 -6.88 -8.46
C THR A 64 14.02 -5.92 -7.53
N GLY A 65 14.12 -6.18 -6.23
CA GLY A 65 13.47 -5.33 -5.25
C GLY A 65 14.32 -4.13 -4.86
N LYS A 66 14.52 -3.95 -3.57
CA LYS A 66 15.32 -2.83 -3.07
C LYS A 66 16.00 -3.20 -1.75
N HIS A 67 15.23 -3.73 -0.82
CA HIS A 67 15.76 -4.13 0.48
C HIS A 67 15.58 -5.62 0.71
N ASP A 68 16.20 -6.13 1.78
CA ASP A 68 16.10 -7.55 2.11
C ASP A 68 15.04 -7.79 3.17
N GLY A 69 13.92 -7.07 3.06
CA GLY A 69 12.85 -7.22 4.01
C GLY A 69 12.84 -6.13 5.06
N SER A 70 14.04 -5.70 5.47
CA SER A 70 14.17 -4.65 6.48
C SER A 70 14.83 -3.41 5.88
N VAL A 71 14.70 -2.28 6.58
CA VAL A 71 15.28 -1.03 6.13
C VAL A 71 15.93 -0.27 7.28
N PHE A 72 17.24 -0.09 7.21
CA PHE A 72 17.98 0.62 8.25
C PHE A 72 17.84 -0.09 9.60
N GLY A 73 17.69 -1.41 9.55
CA GLY A 73 17.55 -2.19 10.76
C GLY A 73 16.10 -2.54 11.07
N VAL A 74 15.19 -1.67 10.65
CA VAL A 74 13.77 -1.90 10.88
C VAL A 74 13.21 -2.92 9.90
N ARG A 75 12.77 -4.06 10.44
CA ARG A 75 12.21 -5.13 9.62
C ARG A 75 10.70 -5.04 9.57
N TYR A 76 10.15 -5.02 8.36
CA TYR A 76 8.71 -4.93 8.18
C TYR A 76 8.12 -6.31 7.86
N PHE A 77 8.71 -6.98 6.88
CA PHE A 77 8.24 -8.30 6.49
C PHE A 77 9.40 -9.20 6.09
N THR A 78 9.12 -10.47 5.84
CA THR A 78 10.14 -11.43 5.44
C THR A 78 10.07 -11.72 3.95
N CYS A 79 11.17 -11.47 3.24
CA CYS A 79 11.23 -11.71 1.80
C CYS A 79 12.62 -12.18 1.38
N ALA A 80 12.75 -12.57 0.12
CA ALA A 80 14.02 -13.05 -0.40
C ALA A 80 14.95 -11.88 -0.72
N PRO A 81 16.24 -12.16 -0.96
CA PRO A 81 17.24 -11.14 -1.27
C PRO A 81 16.81 -10.27 -2.45
N ARG A 82 16.61 -8.98 -2.19
CA ARG A 82 16.20 -8.05 -3.23
C ARG A 82 14.84 -8.43 -3.81
N HIS A 83 13.85 -8.60 -2.93
CA HIS A 83 12.51 -8.97 -3.36
C HIS A 83 11.48 -7.95 -2.87
N GLY A 84 11.62 -7.55 -1.62
CA GLY A 84 10.69 -6.58 -1.05
C GLY A 84 10.89 -5.19 -1.61
N VAL A 85 9.81 -4.41 -1.67
CA VAL A 85 9.88 -3.05 -2.19
C VAL A 85 8.85 -2.15 -1.50
N PHE A 86 9.27 -0.93 -1.20
CA PHE A 86 8.38 0.03 -0.54
C PHE A 86 8.12 1.23 -1.46
N ALA A 87 6.89 1.32 -1.96
CA ALA A 87 6.51 2.41 -2.85
C ALA A 87 5.19 3.05 -2.40
N PRO A 88 5.07 4.39 -2.51
CA PRO A 88 3.85 5.11 -2.12
C PRO A 88 2.61 4.57 -2.83
N ALA A 89 1.49 4.56 -2.11
CA ALA A 89 0.23 4.07 -2.67
C ALA A 89 -0.02 4.69 -4.02
N SER A 90 0.09 6.02 -4.09
CA SER A 90 -0.09 6.75 -5.33
C SER A 90 0.86 6.20 -6.39
N ARG A 91 1.96 5.60 -5.93
CA ARG A 91 2.95 5.03 -6.82
C ARG A 91 2.59 3.57 -7.14
N ILE A 92 1.70 2.99 -6.33
CA ILE A 92 1.28 1.62 -6.54
C ILE A 92 -0.12 1.56 -7.15
N GLN A 93 -0.41 0.48 -7.86
CA GLN A 93 -1.70 0.29 -8.50
C GLN A 93 -2.39 -0.97 -7.99
N ARG A 94 -3.72 -0.89 -7.83
CA ARG A 94 -4.49 -2.02 -7.34
C ARG A 94 -4.97 -2.89 -8.50
N ILE A 95 -4.50 -4.14 -8.54
CA ILE A 95 -4.87 -5.07 -9.59
C ILE A 95 -6.29 -5.59 -9.38
N GLY A 96 -6.55 -6.13 -8.20
CA GLY A 96 -7.87 -6.66 -7.90
C GLY A 96 -8.82 -5.59 -7.41
N SER A 97 -9.45 -4.88 -8.35
CA SER A 97 -10.39 -3.82 -8.01
C SER A 97 -11.79 -4.16 -8.51
N GLY A 98 -12.77 -4.06 -7.60
CA GLY A 98 -14.14 -4.36 -7.98
C GLY A 98 -15.06 -4.47 -6.77
N PRO A 99 -15.27 -3.35 -6.05
CA PRO A 99 -16.13 -3.34 -4.86
C PRO A 99 -17.61 -3.51 -5.22
N SER A 100 -18.06 -2.77 -6.23
CA SER A 100 -19.45 -2.84 -6.67
C SER A 100 -19.67 -4.05 -7.58
N SER A 101 -20.94 -4.29 -7.92
CA SER A 101 -21.29 -5.41 -8.78
C SER A 101 -21.12 -5.04 -10.25
N GLY A 102 -21.44 -3.80 -10.58
CA GLY A 102 -21.33 -3.34 -11.95
C GLY A 102 -22.51 -3.78 -12.81
N GLY A 1 -36.04 22.98 -5.39
CA GLY A 1 -36.30 22.75 -3.94
C GLY A 1 -37.77 22.92 -3.59
N SER A 2 -38.65 22.39 -4.43
CA SER A 2 -40.07 22.48 -4.19
C SER A 2 -40.55 21.37 -3.26
N SER A 3 -41.87 21.26 -3.11
CA SER A 3 -42.46 20.23 -2.24
C SER A 3 -43.94 20.04 -2.55
N GLY A 4 -44.49 18.93 -2.08
CA GLY A 4 -45.89 18.63 -2.33
C GLY A 4 -46.72 18.66 -1.06
N SER A 5 -46.27 19.41 -0.07
CA SER A 5 -46.98 19.51 1.21
C SER A 5 -46.29 20.51 2.14
N SER A 6 -45.08 20.18 2.55
CA SER A 6 -44.31 21.05 3.45
C SER A 6 -42.92 20.49 3.69
N GLY A 7 -42.13 21.21 4.49
CA GLY A 7 -40.78 20.76 4.79
C GLY A 7 -39.80 21.08 3.68
N LYS A 8 -38.53 21.25 4.05
CA LYS A 8 -37.49 21.57 3.07
C LYS A 8 -36.27 20.69 3.27
N SER A 9 -35.21 20.98 2.52
CA SER A 9 -33.98 20.20 2.62
C SER A 9 -32.78 21.12 2.90
N PRO A 10 -32.48 21.38 4.18
CA PRO A 10 -31.36 22.24 4.58
C PRO A 10 -30.06 21.83 3.90
N SER A 11 -29.21 22.82 3.61
CA SER A 11 -27.94 22.57 2.96
C SER A 11 -26.95 23.70 3.23
N SER A 12 -25.66 23.40 3.10
CA SER A 12 -24.63 24.40 3.33
C SER A 12 -23.36 24.07 2.52
N PRO A 13 -23.42 24.23 1.20
CA PRO A 13 -22.27 23.95 0.33
C PRO A 13 -21.16 24.98 0.47
N SER A 14 -20.13 24.87 -0.38
CA SER A 14 -19.01 25.79 -0.34
C SER A 14 -18.32 25.76 1.02
N LEU A 15 -18.24 24.56 1.60
CA LEU A 15 -17.60 24.39 2.90
C LEU A 15 -16.24 23.71 2.75
N GLY A 16 -16.16 22.73 1.84
CA GLY A 16 -14.92 22.02 1.62
C GLY A 16 -14.63 21.80 0.15
N SER A 17 -15.38 22.49 -0.72
CA SER A 17 -15.19 22.36 -2.16
C SER A 17 -15.32 20.91 -2.60
N LEU A 18 -16.20 20.17 -1.93
CA LEU A 18 -16.42 18.76 -2.26
C LEU A 18 -15.15 17.96 -2.07
N GLN A 19 -14.95 17.44 -0.86
CA GLN A 19 -13.77 16.63 -0.55
C GLN A 19 -13.89 16.00 0.84
N GLN A 20 -14.15 14.70 0.86
CA GLN A 20 -14.29 13.98 2.12
C GLN A 20 -13.84 12.53 1.97
N ARG A 21 -13.53 11.89 3.09
CA ARG A 21 -13.10 10.49 3.09
C ARG A 21 -11.81 10.33 2.27
N GLU A 22 -11.08 9.26 2.56
CA GLU A 22 -9.83 8.98 1.86
C GLU A 22 -9.63 7.49 1.66
N GLY A 23 -9.38 6.78 2.76
CA GLY A 23 -9.18 5.35 2.69
C GLY A 23 -7.84 4.99 2.07
N ALA A 24 -7.36 3.77 2.36
CA ALA A 24 -6.08 3.31 1.83
C ALA A 24 -6.25 2.77 0.41
N LYS A 25 -5.16 2.76 -0.34
CA LYS A 25 -5.18 2.27 -1.71
C LYS A 25 -5.45 0.78 -1.76
N ALA A 26 -4.55 -0.01 -1.17
CA ALA A 26 -4.68 -1.45 -1.15
C ALA A 26 -4.63 -1.99 0.28
N GLU A 27 -4.84 -3.29 0.43
CA GLU A 27 -4.80 -3.92 1.75
C GLU A 27 -3.80 -5.07 1.76
N VAL A 28 -3.49 -5.57 2.96
CA VAL A 28 -2.56 -6.67 3.12
C VAL A 28 -3.17 -7.99 2.66
N GLY A 29 -2.66 -8.53 1.56
CA GLY A 29 -3.17 -9.78 1.05
C GLY A 29 -3.88 -9.60 -0.29
N ASP A 30 -3.49 -8.60 -1.05
CA ASP A 30 -4.09 -8.33 -2.35
C ASP A 30 -3.02 -8.01 -3.39
N GLN A 31 -3.27 -8.43 -4.63
CA GLN A 31 -2.32 -8.17 -5.72
C GLN A 31 -2.26 -6.69 -6.06
N VAL A 32 -1.05 -6.18 -6.25
CA VAL A 32 -0.86 -4.77 -6.58
C VAL A 32 0.18 -4.61 -7.68
N LEU A 33 0.43 -3.35 -8.07
CA LEU A 33 1.40 -3.06 -9.12
C LEU A 33 2.25 -1.85 -8.75
N VAL A 34 3.54 -2.09 -8.54
CA VAL A 34 4.46 -1.01 -8.18
C VAL A 34 4.95 -0.27 -9.41
N ALA A 35 4.74 1.04 -9.44
CA ALA A 35 5.16 1.86 -10.56
C ALA A 35 4.50 1.40 -11.86
N GLY A 36 3.34 0.78 -11.75
CA GLY A 36 2.63 0.29 -12.92
C GLY A 36 3.48 -0.64 -13.76
N GLN A 37 4.41 -1.34 -13.12
CA GLN A 37 5.29 -2.27 -13.81
C GLN A 37 5.46 -3.56 -13.02
N LYS A 38 6.17 -3.47 -11.90
CA LYS A 38 6.42 -4.63 -11.05
C LYS A 38 5.13 -5.05 -10.33
N GLN A 39 4.75 -6.31 -10.51
CA GLN A 39 3.55 -6.84 -9.88
C GLN A 39 3.89 -7.62 -8.62
N GLY A 40 3.21 -7.29 -7.52
CA GLY A 40 3.45 -7.97 -6.26
C GLY A 40 2.23 -8.00 -5.37
N ILE A 41 2.40 -8.48 -4.14
CA ILE A 41 1.30 -8.56 -3.19
C ILE A 41 1.66 -7.86 -1.89
N VAL A 42 0.69 -7.11 -1.34
CA VAL A 42 0.91 -6.39 -0.10
C VAL A 42 1.09 -7.34 1.08
N ARG A 43 2.28 -7.36 1.65
CA ARG A 43 2.58 -8.22 2.78
C ARG A 43 2.56 -7.44 4.09
N PHE A 44 2.93 -6.17 4.03
CA PHE A 44 2.96 -5.32 5.20
C PHE A 44 2.60 -3.88 4.85
N TYR A 45 1.48 -3.40 5.40
CA TYR A 45 1.03 -2.04 5.13
C TYR A 45 1.08 -1.20 6.41
N GLY A 46 1.90 -0.14 6.38
CA GLY A 46 2.03 0.73 7.53
C GLY A 46 3.13 1.76 7.36
N LYS A 47 3.18 2.72 8.27
CA LYS A 47 4.18 3.78 8.21
C LYS A 47 5.59 3.20 8.41
N THR A 48 6.57 3.83 7.77
CA THR A 48 7.95 3.39 7.86
C THR A 48 8.75 4.29 8.81
N ASP A 49 10.04 4.02 8.93
CA ASP A 49 10.91 4.80 9.80
C ASP A 49 11.87 5.65 8.98
N PHE A 50 12.25 5.16 7.81
CA PHE A 50 13.17 5.87 6.93
C PHE A 50 12.44 6.96 6.14
N ALA A 51 11.16 6.71 5.84
CA ALA A 51 10.35 7.66 5.09
C ALA A 51 8.97 7.82 5.73
N PRO A 52 8.46 9.06 5.76
CA PRO A 52 7.14 9.35 6.35
C PRO A 52 6.00 8.95 5.42
N GLY A 53 4.78 8.92 5.97
CA GLY A 53 3.63 8.55 5.18
C GLY A 53 3.32 7.07 5.25
N TYR A 54 2.44 6.61 4.37
CA TYR A 54 2.05 5.20 4.34
C TYR A 54 2.73 4.48 3.19
N TRP A 55 3.45 3.41 3.51
CA TRP A 55 4.16 2.63 2.50
C TRP A 55 3.62 1.20 2.43
N TYR A 56 3.88 0.52 1.33
CA TYR A 56 3.43 -0.85 1.15
C TYR A 56 4.60 -1.80 0.97
N GLY A 57 4.76 -2.73 1.92
CA GLY A 57 5.85 -3.68 1.85
C GLY A 57 5.53 -4.86 0.95
N ILE A 58 5.46 -4.59 -0.35
CA ILE A 58 5.17 -5.64 -1.33
C ILE A 58 6.37 -6.54 -1.56
N GLU A 59 6.12 -7.84 -1.71
CA GLU A 59 7.19 -8.80 -1.94
C GLU A 59 7.20 -9.27 -3.38
N LEU A 60 8.31 -9.02 -4.07
CA LEU A 60 8.45 -9.42 -5.47
C LEU A 60 8.74 -10.91 -5.58
N ASP A 61 8.73 -11.42 -6.81
CA ASP A 61 9.00 -12.83 -7.06
C ASP A 61 10.44 -13.03 -7.56
N GLN A 62 10.97 -12.02 -8.24
CA GLN A 62 12.32 -12.08 -8.77
C GLN A 62 13.27 -11.21 -7.96
N PRO A 63 14.57 -11.52 -7.98
CA PRO A 63 15.58 -10.75 -7.24
C PRO A 63 15.81 -9.37 -7.84
N THR A 64 14.81 -8.49 -7.69
CA THR A 64 14.90 -7.14 -8.21
C THR A 64 14.14 -6.16 -7.33
N GLY A 65 14.30 -6.30 -6.02
CA GLY A 65 13.62 -5.42 -5.08
C GLY A 65 14.48 -4.26 -4.65
N LYS A 66 14.61 -4.07 -3.34
CA LYS A 66 15.41 -2.98 -2.79
C LYS A 66 16.04 -3.38 -1.46
N HIS A 67 15.21 -3.91 -0.56
CA HIS A 67 15.67 -4.33 0.76
C HIS A 67 15.34 -5.80 1.00
N ASP A 68 15.93 -6.36 2.05
CA ASP A 68 15.69 -7.76 2.39
C ASP A 68 14.66 -7.88 3.50
N GLY A 69 13.71 -6.94 3.54
CA GLY A 69 12.68 -6.97 4.55
C GLY A 69 12.96 -5.99 5.68
N SER A 70 14.24 -5.73 5.93
CA SER A 70 14.64 -4.82 6.99
C SER A 70 15.48 -3.67 6.44
N VAL A 71 15.24 -2.46 6.95
CA VAL A 71 15.97 -1.28 6.50
C VAL A 71 16.62 -0.57 7.68
N PHE A 72 17.95 -0.52 7.67
CA PHE A 72 18.69 0.14 8.74
C PHE A 72 18.42 -0.53 10.09
N GLY A 73 18.16 -1.83 10.05
CA GLY A 73 17.89 -2.56 11.27
C GLY A 73 16.40 -2.76 11.52
N VAL A 74 15.60 -1.82 11.02
CA VAL A 74 14.16 -1.89 11.18
C VAL A 74 13.53 -2.91 10.23
N ARG A 75 12.84 -3.89 10.80
CA ARG A 75 12.20 -4.93 9.99
C ARG A 75 10.74 -4.57 9.72
N TYR A 76 10.26 -4.97 8.55
CA TYR A 76 8.87 -4.71 8.16
C TYR A 76 8.13 -5.99 7.85
N PHE A 77 8.78 -6.88 7.09
CA PHE A 77 8.18 -8.16 6.73
C PHE A 77 9.26 -9.13 6.25
N THR A 78 8.88 -10.41 6.18
CA THR A 78 9.81 -11.45 5.73
C THR A 78 9.75 -11.64 4.23
N CYS A 79 10.74 -11.10 3.53
CA CYS A 79 10.80 -11.21 2.07
C CYS A 79 12.15 -11.76 1.62
N ALA A 80 12.16 -12.39 0.46
CA ALA A 80 13.38 -12.96 -0.09
C ALA A 80 14.42 -11.88 -0.35
N PRO A 81 15.70 -12.28 -0.54
CA PRO A 81 16.79 -11.34 -0.80
C PRO A 81 16.50 -10.42 -1.98
N ARG A 82 16.38 -9.11 -1.70
CA ARG A 82 16.10 -8.14 -2.74
C ARG A 82 14.75 -8.41 -3.40
N HIS A 83 13.71 -8.51 -2.59
CA HIS A 83 12.36 -8.77 -3.08
C HIS A 83 11.39 -7.71 -2.59
N GLY A 84 11.48 -7.38 -1.30
CA GLY A 84 10.60 -6.37 -0.73
C GLY A 84 10.86 -4.99 -1.30
N VAL A 85 9.80 -4.32 -1.72
CA VAL A 85 9.92 -2.98 -2.29
C VAL A 85 8.85 -2.04 -1.72
N PHE A 86 9.30 -0.96 -1.09
CA PHE A 86 8.38 0.01 -0.51
C PHE A 86 8.14 1.17 -1.46
N ALA A 87 6.91 1.27 -1.96
CA ALA A 87 6.55 2.34 -2.88
C ALA A 87 5.26 3.04 -2.44
N PRO A 88 5.18 4.37 -2.64
CA PRO A 88 4.00 5.15 -2.25
C PRO A 88 2.72 4.61 -2.88
N ALA A 89 1.63 4.62 -2.10
CA ALA A 89 0.34 4.13 -2.58
C ALA A 89 0.03 4.73 -3.94
N SER A 90 0.13 6.06 -4.02
CA SER A 90 -0.12 6.76 -5.27
C SER A 90 0.79 6.21 -6.36
N ARG A 91 1.90 5.63 -5.95
CA ARG A 91 2.85 5.03 -6.88
C ARG A 91 2.48 3.58 -7.17
N ILE A 92 1.61 3.01 -6.33
CA ILE A 92 1.18 1.63 -6.49
C ILE A 92 -0.27 1.57 -6.96
N GLN A 93 -0.60 0.51 -7.70
CA GLN A 93 -1.96 0.33 -8.21
C GLN A 93 -2.56 -0.97 -7.70
N ARG A 94 -3.89 -1.07 -7.76
CA ARG A 94 -4.58 -2.26 -7.31
C ARG A 94 -4.97 -3.15 -8.49
N ILE A 95 -4.58 -4.42 -8.42
CA ILE A 95 -4.90 -5.36 -9.49
C ILE A 95 -6.36 -5.79 -9.43
N GLY A 96 -6.74 -6.42 -8.32
CA GLY A 96 -8.12 -6.87 -8.17
C GLY A 96 -9.06 -5.74 -7.81
N SER A 97 -9.30 -4.85 -8.76
CA SER A 97 -10.19 -3.71 -8.54
C SER A 97 -10.42 -2.94 -9.84
N GLY A 98 -11.05 -1.77 -9.71
CA GLY A 98 -11.32 -0.95 -10.88
C GLY A 98 -12.77 -0.54 -10.97
N PRO A 99 -13.16 0.54 -10.28
CA PRO A 99 -14.54 1.04 -10.30
C PRO A 99 -14.92 1.64 -11.65
N SER A 100 -15.28 0.78 -12.59
CA SER A 100 -15.67 1.22 -13.92
C SER A 100 -17.17 1.44 -14.01
N SER A 101 -17.58 2.69 -14.26
CA SER A 101 -18.99 3.03 -14.36
C SER A 101 -19.63 2.33 -15.56
N GLY A 102 -19.02 2.50 -16.72
CA GLY A 102 -19.55 1.88 -17.93
C GLY A 102 -20.77 2.59 -18.46
N GLY A 1 -26.20 32.40 -1.37
CA GLY A 1 -25.95 31.25 -0.44
C GLY A 1 -24.58 30.64 -0.65
N SER A 2 -23.91 30.33 0.45
CA SER A 2 -22.57 29.73 0.39
C SER A 2 -22.23 29.03 1.70
N SER A 3 -21.84 27.76 1.60
CA SER A 3 -21.48 26.98 2.78
C SER A 3 -20.17 27.47 3.39
N GLY A 4 -20.26 28.49 4.24
CA GLY A 4 -19.07 29.03 4.87
C GLY A 4 -19.14 28.99 6.39
N SER A 5 -18.09 29.47 7.04
CA SER A 5 -18.04 29.49 8.50
C SER A 5 -17.51 30.82 9.01
N SER A 6 -18.18 31.38 10.02
CA SER A 6 -17.78 32.66 10.59
C SER A 6 -16.90 32.43 11.82
N GLY A 7 -17.37 31.60 12.74
CA GLY A 7 -16.60 31.33 13.95
C GLY A 7 -16.60 29.86 14.31
N LYS A 8 -15.43 29.35 14.68
CA LYS A 8 -15.28 27.95 15.05
C LYS A 8 -16.17 27.60 16.24
N SER A 9 -16.06 26.37 16.71
CA SER A 9 -16.85 25.91 17.86
C SER A 9 -16.39 24.54 18.33
N PRO A 10 -16.51 23.50 17.48
CA PRO A 10 -16.11 22.14 17.82
C PRO A 10 -14.58 22.01 17.92
N SER A 11 -14.09 21.74 19.13
CA SER A 11 -12.67 21.59 19.36
C SER A 11 -12.33 20.15 19.77
N SER A 12 -11.22 19.64 19.25
CA SER A 12 -10.79 18.28 19.57
C SER A 12 -9.39 18.28 20.17
N PRO A 13 -9.26 18.06 21.49
CA PRO A 13 -7.96 18.04 22.17
C PRO A 13 -6.95 17.16 21.46
N SER A 14 -7.26 15.87 21.37
CA SER A 14 -6.36 14.92 20.71
C SER A 14 -4.97 14.94 21.35
N LEU A 15 -4.01 14.29 20.68
CA LEU A 15 -2.65 14.24 21.19
C LEU A 15 -1.66 13.96 20.06
N GLY A 16 -1.31 15.01 19.32
CA GLY A 16 -0.37 14.85 18.22
C GLY A 16 -1.05 14.38 16.95
N SER A 17 -1.14 13.07 16.78
CA SER A 17 -1.76 12.49 15.59
C SER A 17 -2.31 11.09 15.90
N LEU A 18 -3.63 11.00 16.04
CA LEU A 18 -4.26 9.72 16.32
C LEU A 18 -5.47 9.50 15.42
N GLN A 19 -6.44 10.41 15.48
CA GLN A 19 -7.64 10.31 14.67
C GLN A 19 -7.39 10.82 13.26
N GLN A 20 -6.93 9.93 12.39
CA GLN A 20 -6.63 10.29 11.00
C GLN A 20 -7.24 9.28 10.03
N ARG A 21 -8.15 9.74 9.18
CA ARG A 21 -8.79 8.88 8.20
C ARG A 21 -8.39 9.25 6.79
N GLU A 22 -8.05 8.25 5.98
CA GLU A 22 -7.64 8.48 4.60
C GLU A 22 -7.91 7.24 3.75
N GLY A 23 -8.21 7.46 2.47
CA GLY A 23 -8.48 6.36 1.57
C GLY A 23 -7.23 5.55 1.25
N ALA A 24 -7.36 4.23 1.29
CA ALA A 24 -6.24 3.34 1.01
C ALA A 24 -6.45 2.62 -0.31
N LYS A 25 -5.35 2.40 -1.05
CA LYS A 25 -5.42 1.72 -2.33
C LYS A 25 -5.63 0.22 -2.14
N ALA A 26 -4.66 -0.43 -1.51
CA ALA A 26 -4.76 -1.87 -1.26
C ALA A 26 -4.42 -2.20 0.19
N GLU A 27 -4.39 -3.49 0.50
CA GLU A 27 -4.09 -3.94 1.86
C GLU A 27 -3.18 -5.17 1.83
N VAL A 28 -2.70 -5.56 3.01
CA VAL A 28 -1.81 -6.71 3.12
C VAL A 28 -2.55 -8.00 2.77
N GLY A 29 -2.20 -8.58 1.62
CA GLY A 29 -2.84 -9.81 1.19
C GLY A 29 -3.68 -9.61 -0.06
N ASP A 30 -3.28 -8.67 -0.89
CA ASP A 30 -4.01 -8.38 -2.13
C ASP A 30 -3.05 -8.16 -3.29
N GLN A 31 -3.57 -8.22 -4.51
CA GLN A 31 -2.75 -8.02 -5.70
C GLN A 31 -2.56 -6.54 -6.00
N VAL A 32 -1.32 -6.15 -6.25
CA VAL A 32 -1.00 -4.75 -6.55
C VAL A 32 0.03 -4.65 -7.65
N LEU A 33 0.39 -3.41 -8.01
CA LEU A 33 1.38 -3.18 -9.06
C LEU A 33 2.25 -1.97 -8.73
N VAL A 34 3.45 -2.23 -8.25
CA VAL A 34 4.38 -1.16 -7.89
C VAL A 34 4.89 -0.44 -9.13
N ALA A 35 4.71 0.88 -9.17
CA ALA A 35 5.15 1.69 -10.29
C ALA A 35 4.51 1.22 -11.59
N GLY A 36 3.34 0.60 -11.49
CA GLY A 36 2.64 0.12 -12.66
C GLY A 36 3.50 -0.81 -13.51
N GLN A 37 4.45 -1.49 -12.87
CA GLN A 37 5.33 -2.40 -13.57
C GLN A 37 5.55 -3.68 -12.76
N LYS A 38 6.18 -3.54 -11.60
CA LYS A 38 6.45 -4.68 -10.73
C LYS A 38 5.16 -5.17 -10.07
N GLN A 39 4.73 -6.36 -10.44
CA GLN A 39 3.52 -6.95 -9.88
C GLN A 39 3.83 -7.80 -8.66
N GLY A 40 3.31 -7.40 -7.50
CA GLY A 40 3.55 -8.14 -6.28
C GLY A 40 2.36 -8.12 -5.35
N ILE A 41 2.58 -8.52 -4.10
CA ILE A 41 1.51 -8.55 -3.10
C ILE A 41 1.95 -7.87 -1.82
N VAL A 42 1.08 -7.00 -1.30
CA VAL A 42 1.37 -6.28 -0.06
C VAL A 42 1.58 -7.25 1.11
N ARG A 43 2.76 -7.18 1.72
CA ARG A 43 3.08 -8.05 2.85
C ARG A 43 3.00 -7.29 4.16
N PHE A 44 3.31 -6.00 4.11
CA PHE A 44 3.28 -5.17 5.30
C PHE A 44 2.90 -3.73 4.95
N TYR A 45 1.75 -3.28 5.45
CA TYR A 45 1.27 -1.93 5.19
C TYR A 45 1.24 -1.11 6.48
N GLY A 46 1.93 0.02 6.47
CA GLY A 46 1.96 0.88 7.64
C GLY A 46 2.97 2.00 7.51
N LYS A 47 3.53 2.42 8.65
CA LYS A 47 4.52 3.49 8.66
C LYS A 47 5.94 2.92 8.74
N THR A 48 6.92 3.77 8.44
CA THR A 48 8.32 3.35 8.47
C THR A 48 9.16 4.33 9.29
N ASP A 49 10.46 4.10 9.32
CA ASP A 49 11.37 4.96 10.07
C ASP A 49 12.31 5.72 9.12
N PHE A 50 12.67 5.09 8.01
CA PHE A 50 13.55 5.70 7.03
C PHE A 50 12.87 6.87 6.34
N ALA A 51 11.56 6.80 6.22
CA ALA A 51 10.79 7.87 5.57
C ALA A 51 9.39 7.98 6.18
N PRO A 52 8.85 9.21 6.25
CA PRO A 52 7.52 9.46 6.82
C PRO A 52 6.40 9.03 5.87
N GLY A 53 5.17 9.25 6.29
CA GLY A 53 4.03 8.87 5.46
C GLY A 53 3.76 7.38 5.49
N TYR A 54 2.90 6.92 4.58
CA TYR A 54 2.55 5.51 4.50
C TYR A 54 3.31 4.82 3.36
N TRP A 55 3.59 3.54 3.53
CA TRP A 55 4.30 2.77 2.53
C TRP A 55 3.82 1.33 2.49
N TYR A 56 4.00 0.67 1.35
CA TYR A 56 3.58 -0.72 1.19
C TYR A 56 4.79 -1.65 1.11
N GLY A 57 4.82 -2.65 1.97
CA GLY A 57 5.92 -3.59 1.98
C GLY A 57 5.66 -4.78 1.08
N ILE A 58 5.48 -4.52 -0.21
CA ILE A 58 5.22 -5.58 -1.19
C ILE A 58 6.49 -6.37 -1.48
N GLU A 59 6.35 -7.68 -1.56
CA GLU A 59 7.48 -8.56 -1.83
C GLU A 59 7.45 -9.05 -3.28
N LEU A 60 8.60 -8.98 -3.95
CA LEU A 60 8.71 -9.42 -5.33
C LEU A 60 9.04 -10.91 -5.41
N ASP A 61 9.05 -11.44 -6.63
CA ASP A 61 9.36 -12.84 -6.84
C ASP A 61 10.80 -13.03 -7.30
N GLN A 62 11.32 -12.04 -8.01
CA GLN A 62 12.69 -12.09 -8.51
C GLN A 62 13.60 -11.15 -7.72
N PRO A 63 14.91 -11.45 -7.66
CA PRO A 63 15.87 -10.63 -6.93
C PRO A 63 16.23 -9.36 -7.68
N THR A 64 15.24 -8.48 -7.86
CA THR A 64 15.45 -7.23 -8.56
C THR A 64 14.56 -6.13 -7.99
N GLY A 65 14.40 -6.14 -6.67
CA GLY A 65 13.57 -5.13 -6.02
C GLY A 65 14.34 -3.87 -5.69
N LYS A 66 14.55 -3.62 -4.40
CA LYS A 66 15.27 -2.43 -3.96
C LYS A 66 16.04 -2.71 -2.67
N HIS A 67 15.37 -3.33 -1.72
CA HIS A 67 16.01 -3.66 -0.43
C HIS A 67 15.53 -5.02 0.06
N ASP A 68 15.98 -5.39 1.26
CA ASP A 68 15.59 -6.67 1.86
C ASP A 68 14.31 -6.53 2.67
N GLY A 69 13.99 -7.56 3.45
CA GLY A 69 12.79 -7.53 4.27
C GLY A 69 12.84 -6.44 5.32
N SER A 70 14.04 -6.08 5.75
CA SER A 70 14.22 -5.04 6.76
C SER A 70 14.97 -3.85 6.19
N VAL A 71 14.65 -2.66 6.68
CA VAL A 71 15.31 -1.44 6.23
C VAL A 71 15.86 -0.64 7.40
N PHE A 72 17.18 -0.43 7.41
CA PHE A 72 17.82 0.32 8.47
C PHE A 72 17.62 -0.36 9.82
N GLY A 73 17.50 -1.69 9.79
CA GLY A 73 17.30 -2.44 11.02
C GLY A 73 15.84 -2.72 11.30
N VAL A 74 14.96 -2.00 10.62
CA VAL A 74 13.53 -2.18 10.81
C VAL A 74 12.98 -3.28 9.88
N ARG A 75 12.54 -4.38 10.48
CA ARG A 75 11.99 -5.50 9.72
C ARG A 75 10.47 -5.41 9.63
N TYR A 76 9.97 -5.21 8.42
CA TYR A 76 8.53 -5.10 8.20
C TYR A 76 7.94 -6.44 7.76
N PHE A 77 8.71 -7.20 6.99
CA PHE A 77 8.26 -8.50 6.50
C PHE A 77 9.45 -9.33 6.02
N THR A 78 9.24 -10.65 5.95
CA THR A 78 10.28 -11.56 5.50
C THR A 78 10.25 -11.72 3.98
N CYS A 79 11.43 -11.78 3.37
CA CYS A 79 11.54 -11.93 1.93
C CYS A 79 12.95 -12.35 1.53
N ALA A 80 13.19 -12.43 0.22
CA ALA A 80 14.49 -12.82 -0.29
C ALA A 80 15.34 -11.60 -0.65
N PRO A 81 16.65 -11.79 -0.86
CA PRO A 81 17.56 -10.70 -1.21
C PRO A 81 17.07 -9.89 -2.41
N ARG A 82 16.86 -8.60 -2.21
CA ARG A 82 16.39 -7.72 -3.28
C ARG A 82 15.00 -8.15 -3.77
N HIS A 83 14.03 -8.12 -2.86
CA HIS A 83 12.66 -8.51 -3.20
C HIS A 83 11.66 -7.46 -2.73
N GLY A 84 11.76 -7.09 -1.47
CA GLY A 84 10.86 -6.09 -0.91
C GLY A 84 11.02 -4.74 -1.57
N VAL A 85 9.90 -4.03 -1.73
CA VAL A 85 9.92 -2.71 -2.36
C VAL A 85 8.87 -1.79 -1.75
N PHE A 86 9.32 -0.71 -1.14
CA PHE A 86 8.41 0.25 -0.51
C PHE A 86 8.11 1.40 -1.45
N ALA A 87 6.90 1.41 -2.00
CA ALA A 87 6.48 2.46 -2.92
C ALA A 87 5.16 3.09 -2.46
N PRO A 88 5.03 4.43 -2.65
CA PRO A 88 3.81 5.15 -2.24
C PRO A 88 2.56 4.61 -2.94
N ALA A 89 1.43 4.65 -2.22
CA ALA A 89 0.17 4.17 -2.77
C ALA A 89 -0.06 4.75 -4.16
N SER A 90 0.07 6.07 -4.25
CA SER A 90 -0.10 6.76 -5.52
C SER A 90 0.87 6.18 -6.55
N ARG A 91 1.95 5.59 -6.06
CA ARG A 91 2.94 4.98 -6.94
C ARG A 91 2.58 3.52 -7.21
N ILE A 92 1.66 2.98 -6.41
CA ILE A 92 1.23 1.60 -6.58
C ILE A 92 -0.20 1.53 -7.12
N GLN A 93 -0.54 0.40 -7.73
CA GLN A 93 -1.87 0.22 -8.29
C GLN A 93 -2.54 -1.03 -7.73
N ARG A 94 -3.85 -1.12 -7.89
CA ARG A 94 -4.61 -2.27 -7.39
C ARG A 94 -5.18 -3.08 -8.55
N ILE A 95 -4.90 -4.39 -8.53
CA ILE A 95 -5.39 -5.28 -9.58
C ILE A 95 -6.64 -6.01 -9.13
N GLY A 96 -6.74 -6.29 -7.84
CA GLY A 96 -7.89 -6.99 -7.31
C GLY A 96 -9.16 -6.16 -7.41
N SER A 97 -10.31 -6.84 -7.41
CA SER A 97 -11.60 -6.17 -7.50
C SER A 97 -12.26 -6.07 -6.12
N GLY A 98 -12.09 -4.93 -5.47
CA GLY A 98 -12.67 -4.74 -4.16
C GLY A 98 -13.31 -3.37 -4.01
N PRO A 99 -13.71 -2.99 -2.77
CA PRO A 99 -14.34 -1.70 -2.52
C PRO A 99 -13.36 -0.54 -2.66
N SER A 100 -13.28 0.02 -3.87
CA SER A 100 -12.38 1.14 -4.15
C SER A 100 -12.73 1.81 -5.48
N SER A 101 -12.59 3.12 -5.52
CA SER A 101 -12.88 3.88 -6.73
C SER A 101 -14.34 3.71 -7.14
N GLY A 102 -14.80 4.56 -8.05
CA GLY A 102 -16.17 4.49 -8.51
C GLY A 102 -16.85 5.85 -8.56
N GLY A 1 -45.63 18.97 19.18
CA GLY A 1 -46.22 18.01 18.20
C GLY A 1 -46.87 16.82 18.89
N SER A 2 -46.24 15.66 18.78
CA SER A 2 -46.76 14.44 19.39
C SER A 2 -45.62 13.49 19.76
N SER A 3 -45.20 13.56 21.03
CA SER A 3 -44.12 12.70 21.51
C SER A 3 -44.09 12.69 23.04
N GLY A 4 -44.23 13.87 23.64
CA GLY A 4 -44.21 13.96 25.09
C GLY A 4 -42.85 14.34 25.63
N SER A 5 -41.80 13.96 24.91
CA SER A 5 -40.43 14.26 25.33
C SER A 5 -39.68 15.00 24.23
N SER A 6 -39.53 14.35 23.08
CA SER A 6 -38.84 14.95 21.95
C SER A 6 -37.40 15.31 22.33
N GLY A 7 -36.49 14.36 22.13
CA GLY A 7 -35.09 14.60 22.45
C GLY A 7 -34.60 13.71 23.59
N LYS A 8 -33.31 13.40 23.57
CA LYS A 8 -32.71 12.55 24.60
C LYS A 8 -31.23 12.30 24.30
N SER A 9 -30.90 12.19 23.02
CA SER A 9 -29.52 11.94 22.60
C SER A 9 -29.05 10.58 23.10
N PRO A 10 -29.79 9.51 22.78
CA PRO A 10 -29.43 8.14 23.19
C PRO A 10 -28.28 7.58 22.38
N SER A 11 -28.28 7.86 21.08
CA SER A 11 -27.23 7.38 20.19
C SER A 11 -27.07 8.32 18.99
N SER A 12 -26.16 7.96 18.09
CA SER A 12 -25.92 8.77 16.89
C SER A 12 -25.77 7.88 15.66
N PRO A 13 -26.89 7.57 14.99
CA PRO A 13 -26.87 6.73 13.79
C PRO A 13 -25.89 7.23 12.74
N SER A 14 -25.75 8.55 12.65
CA SER A 14 -24.85 9.16 11.69
C SER A 14 -23.94 10.19 12.37
N LEU A 15 -22.68 10.20 11.97
CA LEU A 15 -21.70 11.13 12.54
C LEU A 15 -20.58 11.41 11.54
N GLY A 16 -19.96 10.36 11.03
CA GLY A 16 -18.89 10.52 10.07
C GLY A 16 -18.45 9.20 9.47
N SER A 17 -19.41 8.45 8.94
CA SER A 17 -19.11 7.15 8.33
C SER A 17 -18.45 6.21 9.34
N LEU A 18 -18.71 6.44 10.62
CA LEU A 18 -18.15 5.62 11.68
C LEU A 18 -16.61 5.57 11.59
N GLN A 19 -16.03 6.57 10.94
CA GLN A 19 -14.58 6.64 10.79
C GLN A 19 -14.03 5.34 10.22
N GLN A 20 -13.88 5.30 8.90
CA GLN A 20 -13.36 4.11 8.22
C GLN A 20 -12.50 4.50 7.03
N ARG A 21 -13.07 5.29 6.12
CA ARG A 21 -12.36 5.72 4.93
C ARG A 21 -11.22 6.67 5.30
N GLU A 22 -10.04 6.11 5.56
CA GLU A 22 -8.88 6.92 5.92
C GLU A 22 -7.86 6.95 4.79
N GLY A 23 -8.34 6.85 3.56
CA GLY A 23 -7.46 6.87 2.41
C GLY A 23 -6.56 5.64 2.35
N ALA A 24 -7.04 4.60 1.67
CA ALA A 24 -6.28 3.36 1.55
C ALA A 24 -6.57 2.67 0.21
N LYS A 25 -5.58 2.66 -0.66
CA LYS A 25 -5.73 2.04 -1.97
C LYS A 25 -5.83 0.52 -1.84
N ALA A 26 -4.73 -0.12 -1.44
CA ALA A 26 -4.69 -1.56 -1.27
C ALA A 26 -4.61 -1.94 0.20
N GLU A 27 -4.68 -3.24 0.48
CA GLU A 27 -4.60 -3.73 1.85
C GLU A 27 -3.64 -4.91 1.96
N VAL A 28 -3.50 -5.44 3.17
CA VAL A 28 -2.61 -6.57 3.41
C VAL A 28 -3.22 -7.87 2.89
N GLY A 29 -2.90 -8.22 1.65
CA GLY A 29 -3.42 -9.44 1.06
C GLY A 29 -4.20 -9.18 -0.21
N ASP A 30 -3.64 -8.34 -1.07
CA ASP A 30 -4.29 -8.01 -2.34
C ASP A 30 -3.25 -7.81 -3.45
N GLN A 31 -3.70 -7.95 -4.69
CA GLN A 31 -2.81 -7.79 -5.84
C GLN A 31 -2.54 -6.31 -6.12
N VAL A 32 -1.27 -5.95 -6.19
CA VAL A 32 -0.89 -4.57 -6.45
C VAL A 32 0.14 -4.49 -7.58
N LEU A 33 0.50 -3.27 -7.96
CA LEU A 33 1.46 -3.05 -9.02
C LEU A 33 2.32 -1.82 -8.75
N VAL A 34 3.55 -2.06 -8.28
CA VAL A 34 4.47 -0.97 -7.97
C VAL A 34 4.93 -0.26 -9.24
N ALA A 35 4.70 1.05 -9.30
CA ALA A 35 5.11 1.84 -10.46
C ALA A 35 4.46 1.31 -11.74
N GLY A 36 3.31 0.65 -11.59
CA GLY A 36 2.62 0.11 -12.75
C GLY A 36 3.49 -0.83 -13.56
N GLN A 37 4.39 -1.55 -12.89
CA GLN A 37 5.28 -2.48 -13.56
C GLN A 37 5.51 -3.73 -12.71
N LYS A 38 6.30 -3.57 -11.65
CA LYS A 38 6.60 -4.68 -10.76
C LYS A 38 5.33 -5.17 -10.05
N GLN A 39 4.87 -6.36 -10.42
CA GLN A 39 3.67 -6.93 -9.83
C GLN A 39 4.02 -7.68 -8.54
N GLY A 40 3.28 -7.37 -7.47
CA GLY A 40 3.52 -8.03 -6.19
C GLY A 40 2.30 -8.00 -5.29
N ILE A 41 2.44 -8.54 -4.09
CA ILE A 41 1.35 -8.58 -3.13
C ILE A 41 1.73 -7.89 -1.83
N VAL A 42 0.80 -7.13 -1.27
CA VAL A 42 1.05 -6.42 -0.02
C VAL A 42 1.30 -7.39 1.12
N ARG A 43 2.47 -7.28 1.76
CA ARG A 43 2.83 -8.15 2.86
C ARG A 43 2.79 -7.40 4.18
N PHE A 44 3.13 -6.12 4.14
CA PHE A 44 3.13 -5.28 5.34
C PHE A 44 2.72 -3.86 5.01
N TYR A 45 1.60 -3.43 5.56
CA TYR A 45 1.09 -2.07 5.32
C TYR A 45 1.19 -1.22 6.59
N GLY A 46 1.81 -0.06 6.47
CA GLY A 46 1.96 0.82 7.60
C GLY A 46 2.96 1.93 7.35
N LYS A 47 3.45 2.56 8.42
CA LYS A 47 4.42 3.64 8.31
C LYS A 47 5.84 3.11 8.50
N THR A 48 6.80 3.87 7.99
CA THR A 48 8.21 3.49 8.10
C THR A 48 9.01 4.56 8.84
N ASP A 49 10.24 4.23 9.22
CA ASP A 49 11.10 5.16 9.94
C ASP A 49 11.97 5.96 8.96
N PHE A 50 12.28 5.34 7.82
CA PHE A 50 13.11 5.99 6.81
C PHE A 50 12.31 7.05 6.05
N ALA A 51 11.01 6.82 5.89
CA ALA A 51 10.14 7.75 5.19
C ALA A 51 8.77 7.84 5.85
N PRO A 52 8.17 9.05 5.88
CA PRO A 52 6.86 9.25 6.49
C PRO A 52 5.72 8.77 5.60
N GLY A 53 4.50 9.14 5.96
CA GLY A 53 3.34 8.73 5.17
C GLY A 53 3.03 7.25 5.31
N TYR A 54 2.38 6.69 4.30
CA TYR A 54 2.02 5.28 4.30
C TYR A 54 2.67 4.55 3.13
N TRP A 55 3.42 3.49 3.44
CA TRP A 55 4.08 2.70 2.41
C TRP A 55 3.57 1.27 2.39
N TYR A 56 3.93 0.53 1.35
CA TYR A 56 3.49 -0.86 1.21
C TYR A 56 4.69 -1.79 1.05
N GLY A 57 4.82 -2.73 1.98
CA GLY A 57 5.93 -3.67 1.92
C GLY A 57 5.64 -4.85 1.02
N ILE A 58 5.43 -4.58 -0.27
CA ILE A 58 5.14 -5.63 -1.24
C ILE A 58 6.36 -6.51 -1.46
N GLU A 59 6.12 -7.81 -1.64
CA GLU A 59 7.18 -8.76 -1.87
C GLU A 59 7.18 -9.27 -3.30
N LEU A 60 8.18 -8.87 -4.07
CA LEU A 60 8.29 -9.27 -5.47
C LEU A 60 8.60 -10.76 -5.58
N ASP A 61 8.65 -11.26 -6.81
CA ASP A 61 8.93 -12.67 -7.05
C ASP A 61 10.39 -12.87 -7.48
N GLN A 62 10.92 -11.88 -8.18
CA GLN A 62 12.31 -11.94 -8.65
C GLN A 62 13.22 -11.09 -7.78
N PRO A 63 14.54 -11.32 -7.86
CA PRO A 63 15.53 -10.57 -7.08
C PRO A 63 15.82 -9.20 -7.67
N THR A 64 14.78 -8.38 -7.81
CA THR A 64 14.94 -7.04 -8.37
C THR A 64 14.20 -6.00 -7.52
N GLY A 65 14.14 -6.26 -6.22
CA GLY A 65 13.46 -5.35 -5.32
C GLY A 65 14.34 -4.17 -4.92
N LYS A 66 14.63 -4.06 -3.63
CA LYS A 66 15.47 -2.99 -3.12
C LYS A 66 16.15 -3.38 -1.81
N HIS A 67 15.36 -3.94 -0.89
CA HIS A 67 15.89 -4.38 0.40
C HIS A 67 15.52 -5.82 0.67
N ASP A 68 16.12 -6.40 1.71
CA ASP A 68 15.85 -7.78 2.09
C ASP A 68 14.82 -7.85 3.22
N GLY A 69 13.86 -6.94 3.19
CA GLY A 69 12.83 -6.92 4.21
C GLY A 69 13.14 -5.93 5.32
N SER A 70 14.42 -5.87 5.71
CA SER A 70 14.84 -4.97 6.77
C SER A 70 15.49 -3.72 6.19
N VAL A 71 15.02 -2.56 6.61
CA VAL A 71 15.56 -1.29 6.13
C VAL A 71 16.22 -0.51 7.26
N PHE A 72 17.54 -0.39 7.21
CA PHE A 72 18.29 0.33 8.23
C PHE A 72 18.10 -0.32 9.59
N GLY A 73 17.91 -1.64 9.60
CA GLY A 73 17.73 -2.35 10.85
C GLY A 73 16.27 -2.63 11.15
N VAL A 74 15.40 -1.75 10.67
CA VAL A 74 13.96 -1.91 10.90
C VAL A 74 13.36 -2.91 9.92
N ARG A 75 12.74 -3.96 10.47
CA ARG A 75 12.12 -4.99 9.65
C ARG A 75 10.60 -4.88 9.69
N TYR A 76 9.97 -5.13 8.55
CA TYR A 76 8.52 -5.06 8.45
C TYR A 76 7.92 -6.43 8.14
N PHE A 77 8.51 -7.12 7.17
CA PHE A 77 8.04 -8.45 6.78
C PHE A 77 9.19 -9.32 6.33
N THR A 78 8.89 -10.58 6.00
CA THR A 78 9.91 -11.52 5.56
C THR A 78 9.82 -11.73 4.04
N CYS A 79 10.94 -11.51 3.36
CA CYS A 79 10.98 -11.67 1.91
C CYS A 79 12.35 -12.19 1.48
N ALA A 80 12.44 -12.63 0.22
CA ALA A 80 13.69 -13.15 -0.32
C ALA A 80 14.67 -12.02 -0.63
N PRO A 81 15.95 -12.36 -0.86
CA PRO A 81 16.99 -11.37 -1.18
C PRO A 81 16.58 -10.46 -2.34
N ARG A 82 16.45 -9.17 -2.05
CA ARG A 82 16.07 -8.20 -3.06
C ARG A 82 14.69 -8.51 -3.64
N HIS A 83 13.69 -8.59 -2.77
CA HIS A 83 12.33 -8.89 -3.18
C HIS A 83 11.36 -7.83 -2.67
N GLY A 84 11.47 -7.50 -1.39
CA GLY A 84 10.60 -6.51 -0.80
C GLY A 84 10.76 -5.14 -1.44
N VAL A 85 9.65 -4.45 -1.64
CA VAL A 85 9.67 -3.12 -2.26
C VAL A 85 8.67 -2.18 -1.59
N PHE A 86 9.15 -1.02 -1.17
CA PHE A 86 8.29 -0.04 -0.51
C PHE A 86 8.07 1.18 -1.41
N ALA A 87 6.83 1.35 -1.87
CA ALA A 87 6.50 2.47 -2.74
C ALA A 87 5.19 3.14 -2.30
N PRO A 88 5.06 4.45 -2.53
CA PRO A 88 3.86 5.20 -2.15
C PRO A 88 2.60 4.64 -2.79
N ALA A 89 1.50 4.61 -2.03
CA ALA A 89 0.23 4.09 -2.53
C ALA A 89 -0.07 4.70 -3.90
N SER A 90 -0.01 6.02 -3.98
CA SER A 90 -0.27 6.73 -5.22
C SER A 90 0.67 6.20 -6.31
N ARG A 91 1.80 5.64 -5.87
CA ARG A 91 2.77 5.07 -6.80
C ARG A 91 2.46 3.61 -7.08
N ILE A 92 1.61 3.02 -6.23
CA ILE A 92 1.22 1.62 -6.40
C ILE A 92 -0.20 1.49 -6.93
N GLN A 93 -0.45 0.49 -7.76
CA GLN A 93 -1.77 0.26 -8.32
C GLN A 93 -2.35 -1.06 -7.85
N ARG A 94 -3.55 -1.38 -8.30
CA ARG A 94 -4.22 -2.62 -7.92
C ARG A 94 -4.63 -3.42 -9.16
N ILE A 95 -4.38 -4.72 -9.13
CA ILE A 95 -4.73 -5.59 -10.24
C ILE A 95 -5.94 -6.45 -9.91
N GLY A 96 -6.02 -6.90 -8.65
CA GLY A 96 -7.14 -7.71 -8.23
C GLY A 96 -6.91 -9.19 -8.51
N SER A 97 -7.10 -9.59 -9.76
CA SER A 97 -6.92 -10.98 -10.15
C SER A 97 -5.95 -11.08 -11.33
N GLY A 98 -4.94 -11.93 -11.19
CA GLY A 98 -3.96 -12.11 -12.24
C GLY A 98 -3.78 -13.57 -12.63
N PRO A 99 -4.49 -14.04 -13.67
CA PRO A 99 -4.39 -15.43 -14.11
C PRO A 99 -3.02 -15.75 -14.72
N SER A 100 -2.56 -16.99 -14.54
CA SER A 100 -1.28 -17.41 -15.08
C SER A 100 -0.14 -16.64 -14.42
N SER A 101 0.92 -17.34 -14.06
CA SER A 101 2.08 -16.71 -13.42
C SER A 101 1.69 -16.05 -12.12
N GLY A 102 1.97 -16.72 -11.00
CA GLY A 102 1.65 -16.17 -9.70
C GLY A 102 2.79 -16.32 -8.71
N GLY A 1 -23.15 10.10 22.85
CA GLY A 1 -22.32 11.05 22.05
C GLY A 1 -20.83 10.76 22.19
N SER A 2 -20.02 11.45 21.38
CA SER A 2 -18.58 11.27 21.42
C SER A 2 -17.89 12.57 21.83
N SER A 3 -18.56 13.36 22.66
CA SER A 3 -18.01 14.63 23.12
C SER A 3 -17.69 15.55 21.95
N GLY A 4 -18.47 15.43 20.89
CA GLY A 4 -18.25 16.26 19.71
C GLY A 4 -18.56 17.73 19.98
N SER A 5 -17.53 18.57 19.92
CA SER A 5 -17.72 20.00 20.15
C SER A 5 -16.45 20.78 19.78
N SER A 6 -15.75 20.29 18.75
CA SER A 6 -14.53 20.94 18.30
C SER A 6 -14.81 21.84 17.10
N GLY A 7 -15.77 21.45 16.28
CA GLY A 7 -16.12 22.23 15.10
C GLY A 7 -17.54 22.00 14.64
N LYS A 8 -17.99 22.78 13.66
CA LYS A 8 -19.34 22.65 13.14
C LYS A 8 -19.52 21.31 12.41
N SER A 9 -20.03 20.32 13.13
CA SER A 9 -20.24 19.00 12.58
C SER A 9 -21.58 18.94 11.83
N PRO A 10 -21.54 18.86 10.48
CA PRO A 10 -22.75 18.79 9.65
C PRO A 10 -23.51 17.49 9.84
N SER A 11 -22.80 16.44 10.27
CA SER A 11 -23.40 15.13 10.48
C SER A 11 -24.53 15.22 11.50
N SER A 12 -24.23 15.80 12.66
CA SER A 12 -25.22 15.95 13.71
C SER A 12 -25.74 14.58 14.17
N PRO A 13 -25.07 13.96 15.16
CA PRO A 13 -25.47 12.65 15.69
C PRO A 13 -26.79 12.72 16.45
N SER A 14 -27.49 11.59 16.49
CA SER A 14 -28.78 11.51 17.20
C SER A 14 -28.79 10.34 18.16
N LEU A 15 -28.34 9.18 17.69
CA LEU A 15 -28.32 7.97 18.51
C LEU A 15 -27.28 6.98 17.99
N GLY A 16 -27.30 6.77 16.67
CA GLY A 16 -26.36 5.84 16.07
C GLY A 16 -25.66 6.43 14.86
N SER A 17 -24.81 7.42 15.10
CA SER A 17 -24.08 8.08 14.02
C SER A 17 -22.76 7.36 13.75
N LEU A 18 -22.48 7.09 12.47
CA LEU A 18 -21.25 6.41 12.08
C LEU A 18 -20.87 6.75 10.65
N GLN A 19 -19.58 6.65 10.35
CA GLN A 19 -19.09 6.95 9.01
C GLN A 19 -17.94 6.03 8.63
N GLN A 20 -16.81 6.16 9.33
CA GLN A 20 -15.64 5.34 9.07
C GLN A 20 -15.13 5.55 7.64
N ARG A 21 -13.93 6.11 7.53
CA ARG A 21 -13.32 6.36 6.23
C ARG A 21 -11.89 6.86 6.39
N GLU A 22 -11.00 6.35 5.54
CA GLU A 22 -9.60 6.73 5.59
C GLU A 22 -9.04 6.93 4.19
N GLY A 23 -9.20 5.91 3.34
CA GLY A 23 -8.71 5.99 1.98
C GLY A 23 -7.41 5.22 1.78
N ALA A 24 -7.51 4.06 1.12
CA ALA A 24 -6.34 3.23 0.87
C ALA A 24 -6.44 2.54 -0.47
N LYS A 25 -5.35 2.56 -1.23
CA LYS A 25 -5.32 1.93 -2.55
C LYS A 25 -5.35 0.41 -2.43
N ALA A 26 -4.72 -0.11 -1.38
CA ALA A 26 -4.68 -1.55 -1.14
C ALA A 26 -4.47 -1.86 0.33
N GLU A 27 -4.56 -3.14 0.68
CA GLU A 27 -4.38 -3.58 2.05
C GLU A 27 -3.45 -4.78 2.13
N VAL A 28 -3.24 -5.28 3.35
CA VAL A 28 -2.37 -6.44 3.56
C VAL A 28 -3.05 -7.71 3.09
N GLY A 29 -2.69 -8.16 1.88
CA GLY A 29 -3.26 -9.37 1.33
C GLY A 29 -4.05 -9.11 0.05
N ASP A 30 -3.52 -8.24 -0.80
CA ASP A 30 -4.18 -7.90 -2.05
C ASP A 30 -3.15 -7.61 -3.13
N GLN A 31 -3.40 -8.12 -4.34
CA GLN A 31 -2.50 -7.92 -5.46
C GLN A 31 -2.35 -6.44 -5.78
N VAL A 32 -1.12 -6.01 -6.04
CA VAL A 32 -0.84 -4.62 -6.35
C VAL A 32 0.21 -4.50 -7.45
N LEU A 33 0.42 -3.27 -7.93
CA LEU A 33 1.39 -3.03 -8.98
C LEU A 33 2.21 -1.78 -8.68
N VAL A 34 3.50 -1.97 -8.39
CA VAL A 34 4.39 -0.85 -8.08
C VAL A 34 4.85 -0.15 -9.35
N ALA A 35 4.63 1.17 -9.40
CA ALA A 35 5.03 1.97 -10.56
C ALA A 35 4.40 1.43 -11.84
N GLY A 36 3.26 0.76 -11.71
CA GLY A 36 2.57 0.21 -12.86
C GLY A 36 3.45 -0.74 -13.66
N GLN A 37 4.35 -1.44 -12.97
CA GLN A 37 5.24 -2.38 -13.62
C GLN A 37 5.48 -3.61 -12.76
N LYS A 38 6.27 -3.44 -11.71
CA LYS A 38 6.58 -4.54 -10.78
C LYS A 38 5.32 -5.02 -10.08
N GLN A 39 4.90 -6.25 -10.40
CA GLN A 39 3.71 -6.83 -9.79
C GLN A 39 4.07 -7.54 -8.49
N GLY A 40 3.19 -7.38 -7.49
CA GLY A 40 3.44 -8.01 -6.20
C GLY A 40 2.26 -7.86 -5.25
N ILE A 41 2.32 -8.56 -4.12
CA ILE A 41 1.24 -8.49 -3.13
C ILE A 41 1.73 -7.79 -1.86
N VAL A 42 0.83 -7.03 -1.24
CA VAL A 42 1.15 -6.32 -0.02
C VAL A 42 1.35 -7.27 1.15
N ARG A 43 2.52 -7.21 1.78
CA ARG A 43 2.83 -8.08 2.91
C ARG A 43 2.80 -7.29 4.21
N PHE A 44 3.16 -6.02 4.14
CA PHE A 44 3.19 -5.15 5.32
C PHE A 44 2.85 -3.71 4.95
N TYR A 45 1.64 -3.28 5.30
CA TYR A 45 1.19 -1.93 5.01
C TYR A 45 1.06 -1.11 6.29
N GLY A 46 1.76 0.03 6.33
CA GLY A 46 1.71 0.88 7.50
C GLY A 46 2.73 2.01 7.43
N LYS A 47 3.31 2.35 8.58
CA LYS A 47 4.30 3.41 8.65
C LYS A 47 5.71 2.85 8.55
N THR A 48 6.70 3.74 8.50
CA THR A 48 8.10 3.33 8.40
C THR A 48 8.98 4.19 9.29
N ASP A 49 10.28 3.94 9.25
CA ASP A 49 11.24 4.70 10.06
C ASP A 49 12.38 5.23 9.21
N PHE A 50 12.18 5.26 7.89
CA PHE A 50 13.21 5.74 6.97
C PHE A 50 12.64 6.83 6.06
N ALA A 51 11.45 6.60 5.53
CA ALA A 51 10.80 7.55 4.64
C ALA A 51 9.42 7.94 5.16
N PRO A 52 9.01 9.20 4.96
CA PRO A 52 7.70 9.69 5.41
C PRO A 52 6.56 9.16 4.56
N GLY A 53 5.34 9.29 5.08
CA GLY A 53 4.17 8.82 4.36
C GLY A 53 3.93 7.34 4.56
N TYR A 54 2.91 6.80 3.89
CA TYR A 54 2.58 5.39 3.99
C TYR A 54 3.17 4.60 2.84
N TRP A 55 3.82 3.48 3.17
CA TRP A 55 4.43 2.64 2.15
C TRP A 55 3.90 1.21 2.24
N TYR A 56 4.01 0.48 1.13
CA TYR A 56 3.54 -0.90 1.08
C TYR A 56 4.70 -1.88 1.02
N GLY A 57 4.71 -2.84 1.93
CA GLY A 57 5.78 -3.83 1.96
C GLY A 57 5.53 -4.98 1.00
N ILE A 58 5.45 -4.67 -0.28
CA ILE A 58 5.21 -5.68 -1.30
C ILE A 58 6.43 -6.58 -1.48
N GLU A 59 6.19 -7.88 -1.68
CA GLU A 59 7.27 -8.83 -1.88
C GLU A 59 7.30 -9.33 -3.32
N LEU A 60 8.43 -9.15 -3.98
CA LEU A 60 8.59 -9.58 -5.36
C LEU A 60 8.96 -11.06 -5.43
N ASP A 61 8.93 -11.61 -6.64
CA ASP A 61 9.27 -13.02 -6.84
C ASP A 61 10.69 -13.17 -7.36
N GLN A 62 11.18 -12.15 -8.04
CA GLN A 62 12.53 -12.18 -8.59
C GLN A 62 13.45 -11.21 -7.85
N PRO A 63 14.76 -11.49 -7.81
CA PRO A 63 15.73 -10.63 -7.12
C PRO A 63 15.93 -9.30 -7.84
N THR A 64 15.06 -8.34 -7.54
CA THR A 64 15.13 -7.02 -8.15
C THR A 64 14.43 -5.99 -7.28
N GLY A 65 14.53 -6.15 -5.97
CA GLY A 65 13.91 -5.21 -5.05
C GLY A 65 14.83 -4.08 -4.65
N LYS A 66 14.53 -3.45 -3.52
CA LYS A 66 15.35 -2.34 -3.02
C LYS A 66 16.04 -2.72 -1.72
N HIS A 67 15.34 -3.48 -0.88
CA HIS A 67 15.88 -3.90 0.40
C HIS A 67 15.79 -5.41 0.56
N ASP A 68 16.43 -5.94 1.60
CA ASP A 68 16.42 -7.37 1.85
C ASP A 68 15.39 -7.72 2.93
N GLY A 69 14.31 -6.94 2.98
CA GLY A 69 13.26 -7.19 3.96
C GLY A 69 13.29 -6.18 5.09
N SER A 70 14.48 -5.86 5.59
CA SER A 70 14.64 -4.91 6.68
C SER A 70 15.25 -3.60 6.17
N VAL A 71 14.77 -2.49 6.71
CA VAL A 71 15.28 -1.18 6.32
C VAL A 71 15.92 -0.46 7.49
N PHE A 72 17.24 -0.33 7.45
CA PHE A 72 17.99 0.34 8.51
C PHE A 72 17.79 -0.38 9.84
N GLY A 73 17.60 -1.70 9.77
CA GLY A 73 17.41 -2.49 10.97
C GLY A 73 15.95 -2.82 11.23
N VAL A 74 15.07 -1.94 10.79
CA VAL A 74 13.63 -2.14 10.97
C VAL A 74 13.08 -3.13 9.95
N ARG A 75 12.57 -4.25 10.44
CA ARG A 75 12.00 -5.28 9.56
C ARG A 75 10.49 -5.14 9.48
N TYR A 76 9.94 -5.45 8.31
CA TYR A 76 8.49 -5.38 8.09
C TYR A 76 7.93 -6.74 7.71
N PHE A 77 8.64 -7.45 6.84
CA PHE A 77 8.21 -8.77 6.39
C PHE A 77 9.40 -9.62 5.97
N THR A 78 9.21 -10.94 5.96
CA THR A 78 10.28 -11.86 5.58
C THR A 78 10.25 -12.13 4.09
N CYS A 79 11.12 -11.45 3.34
CA CYS A 79 11.19 -11.62 1.90
C CYS A 79 12.56 -12.15 1.49
N ALA A 80 12.70 -12.46 0.21
CA ALA A 80 13.96 -12.98 -0.32
C ALA A 80 14.95 -11.85 -0.58
N PRO A 81 16.23 -12.20 -0.82
CA PRO A 81 17.28 -11.20 -1.10
C PRO A 81 16.88 -10.23 -2.20
N ARG A 82 16.69 -8.96 -1.82
CA ARG A 82 16.30 -7.94 -2.79
C ARG A 82 14.99 -8.29 -3.46
N HIS A 83 13.95 -8.50 -2.67
CA HIS A 83 12.63 -8.84 -3.18
C HIS A 83 11.59 -7.81 -2.75
N GLY A 84 11.67 -7.39 -1.49
CA GLY A 84 10.72 -6.42 -0.96
C GLY A 84 10.95 -5.03 -1.53
N VAL A 85 9.87 -4.31 -1.78
CA VAL A 85 9.95 -2.97 -2.33
C VAL A 85 8.86 -2.08 -1.77
N PHE A 86 9.25 -0.97 -1.16
CA PHE A 86 8.29 -0.03 -0.58
C PHE A 86 8.08 1.17 -1.50
N ALA A 87 6.83 1.38 -1.91
CA ALA A 87 6.49 2.49 -2.78
C ALA A 87 5.18 3.15 -2.37
N PRO A 88 5.06 4.48 -2.55
CA PRO A 88 3.86 5.22 -2.17
C PRO A 88 2.61 4.67 -2.85
N ALA A 89 1.51 4.61 -2.09
CA ALA A 89 0.25 4.11 -2.60
C ALA A 89 -0.07 4.77 -3.94
N SER A 90 0.05 6.09 -3.98
CA SER A 90 -0.19 6.84 -5.20
C SER A 90 0.69 6.30 -6.32
N ARG A 91 1.80 5.68 -5.94
CA ARG A 91 2.73 5.11 -6.91
C ARG A 91 2.39 3.64 -7.17
N ILE A 92 1.55 3.06 -6.31
CA ILE A 92 1.14 1.67 -6.45
C ILE A 92 -0.28 1.56 -6.97
N GLN A 93 -0.58 0.45 -7.63
CA GLN A 93 -1.92 0.22 -8.18
C GLN A 93 -2.51 -1.08 -7.64
N ARG A 94 -3.76 -1.36 -8.02
CA ARG A 94 -4.44 -2.57 -7.58
C ARG A 94 -4.65 -3.53 -8.75
N ILE A 95 -4.89 -4.80 -8.44
CA ILE A 95 -5.10 -5.81 -9.47
C ILE A 95 -6.22 -6.77 -9.06
N GLY A 96 -6.15 -7.26 -7.82
CA GLY A 96 -7.17 -8.17 -7.34
C GLY A 96 -8.53 -7.52 -7.20
N SER A 97 -9.41 -8.14 -6.43
CA SER A 97 -10.75 -7.61 -6.22
C SER A 97 -11.52 -7.52 -7.53
N GLY A 98 -12.46 -8.43 -7.73
CA GLY A 98 -13.24 -8.43 -8.95
C GLY A 98 -14.70 -8.07 -8.71
N PRO A 99 -14.99 -6.80 -8.39
CA PRO A 99 -16.36 -6.34 -8.15
C PRO A 99 -17.20 -6.32 -9.41
N SER A 100 -16.63 -5.81 -10.49
CA SER A 100 -17.34 -5.74 -11.76
C SER A 100 -16.39 -6.03 -12.93
N SER A 101 -16.95 -6.13 -14.13
CA SER A 101 -16.17 -6.41 -15.32
C SER A 101 -15.68 -5.12 -15.97
N GLY A 102 -14.86 -5.24 -17.00
CA GLY A 102 -14.34 -4.07 -17.68
C GLY A 102 -12.88 -3.82 -17.37
#